data_6CES
#
_entry.id   6CES
#
_cell.length_a   1.0
_cell.length_b   1.0
_cell.length_c   1.0
_cell.angle_alpha   90.00
_cell.angle_beta   90.00
_cell.angle_gamma   90.00
#
_symmetry.space_group_name_H-M   'P 1'
#
loop_
_entity.id
_entity.type
_entity.pdbx_description
1 polymer 'GATOR complex protein NPRL2'
2 polymer 'GATOR complex protein NPRL3'
3 polymer 'GATOR complex protein DEPDC5'
4 polymer 'Ras-related GTP-binding protein A'
5 polymer 'Ras-related GTP-binding protein C'
6 non-polymer 'PHOSPHOAMINOPHOSPHONIC ACID-GUANYLATE ESTER'
#
loop_
_entity_poly.entity_id
_entity_poly.type
_entity_poly.pdbx_seq_one_letter_code
_entity_poly.pdbx_strand_id
1 'polypeptide(L)'
;MGSGCRIECIFFSEFHPTLGPKITYQVPEDFISRELFDTVQVYIITKPELQNKLITVTAMEKKLIGCPVCIEHKKYSRNA
LLFNLGFVCDAQAKTCALEPIVKKLAGYLTTLELESSFVSMEESKQKLVPIMTILLEELNASGRCTLPIDESNTIHLKVI
EQRPDPPVAQEYDVPVFTKDKEDFFNSQWDLTTQQILPYIDGFRHIQKISAEADVELNLVRIAIQNLLYYGVVTLVSILQ
YSNVYCPTPKVQDLVDDKSLQEACLSYVTKQGHKRASLRDVFQLYCSLSPGTTVRDLIGRHPQQLQHVDERKLIQFGLMK
NLIRRLQKYPVRVTREEQSHPARLYTGCHSYDEICCKTGMSYHELDERLENDPNIIICWK
;
N
2 'polypeptide(L)'
;MRDNTSPISVILVSSGSRGNKLLFRYPFQRSQEHPASQTSKPRSRYAASNTGDHADEQDGDSRFSDVILATILATKSEMC
GQKFELKIDNVRFVGHPTLLQHALGQISKTDPSPKREAPTMILFNVVFALRANADPSVINCLHNLSRRIATVLQHEERRC
QYLTREAKLILALQDEVSAMADGNEGPQSPFHHILPKCKLARDLKEAYDSLCTSGVVRLHINSWLEVSFCLPHKIHYAAS
SLIPPEAIERSLKAIRPYHALLLLSDEKSLLGELPIDCSPALVRVIKTTSAVKNLQQLAQDADLALLQVFQLAAHLVYWG
KAIIIYPLCENNVYMLSPNASVCLYSPLAEQFSHQFPSHDLPSVLAKFSLPVSLSEFRNPLAPAVQETQLIQMVVWMLQR
RLLIQLHTYVCLMASPSEEEPRPREDDVPFTARVGGRSLSTPNALSFGSPTSSDDMTLTSPSMDNSSAELLPSGDSPLNQ
RMTENLLASLSEHERAAILSVPAAQNPEDLRMFARLLHYFRGRHHLEEIMYNENTRRSQLLMLFDKFRSVLVVTTHEDPV
IAVFQALLP
;
M
3 'polypeptide(L)'
;MRTTKVYKLVIHKKGFGGSDDELVVNPKVFPHIKLGDIVEIAHPNDEYSPLLLQVKSLKEDLQKETISVDQTVTQVFRLR
PYQDVYVNVVDPKDVTLDLVELTFKDQYIGRGDMWRLKKSLVSTCAYITQKVEFAGIRAQAGELWVKNEKVMCGYISEDT
RVVFRSTSAMVYIFIQMSCEMWDFDIYGDLYFEKAVNGFLADLFTKWKEKNCSHEVTVVLFSRTFYDAKSVDEFPEINRA
SIRQDHKGRFYEDFYKVVVQNERREEWTSLLVTIKKLFIQYPVLVRLEQAEGFPQGDNSTSAQGNYLEAINLSFNVFDKH
YINRNFDRTGQMSVVITPGVGVFEVDRLLMILTKQRMIDNGIGVDLVCMGEQPLHAVPLFKLHNRSAPRDSRLGDDYNIP
HWINHSFYTSKSQLFCNSFTPRIKLAGKKPASEKAKNGRDTSLGSPKESENALPIQVDYDAYDAQVFRLPGPSRAQCLTT
CRSVRERESHSRKSASSCDVSSSPSLPSRTLPTEEVRSQASDDSSLGKSANILMIPHPHLHQYEVSSSLGYTSTRDVLEN
MMEPPQRDSSAPGRFHVGSAESMLHVRPGGYTPQRALINPFAPSRMPMKLTSNRRRWMHTFPVGPSGEAIQIHHQTRQNM
AELQGSGQRDPTHSSAELLELAYHEAAGRHSNSRQPGDGMSFLNFSGTEELSVGLLSNSGAGMNPRTQNKDSLEDSVSTS
PDPILTLSAPPVVPGFCCTVGVDWKSLTTPACLPLTTDYFPDRQGLQNDYTEGCYDLLPEADIDRRDEDGVQMTAQQVFE
EFICQRLMQGYQIIVQPKTQKPNPAVPPPLSSSPLYSRGLVSRNRPEEEDQYWLSMGRTFHKVTLKDKMITVTRYLPKYP
YESAQIHYTYSLCPSHSDSEFVSCWVEFSHERLEEYKWNYLDQYICSAGSEDFSLIESLKFWRTRFLLLPACVTATKRIT
EGEAHCDIYGDRPRADEDEWQLLDGFVRFVEGLNRIRRRHRSDRMMRKGTAMKGLQMTGPISTHSLESTAPPVGKKGTSA
LSALLEMEASQKCLGEQQAAVHGGKSSAQSAESSSVAMTPTYMDSPRKDGAFFMEFVRSPRTASSAFYPQVSVDQTATPM
LDGTSLGICTGQSMDRGNSQTFGNSQNIGEQGYSSTNSSDSSSQQLVASSLTSSSTLTEILEAMKHPSTGVQLLSEQKGL
SPYCFISAEVVHWLVNHVEGIQTQAMAIDIMQKMLEEQLITHASGEAWRTFIYGFYFYKIVTDKEPDRVAMQQPATTWHT
AGVDDFASFQRKWFEVAFVAEELVHSEIPAFLLPWLPSRPASYASRHSSFSRSFGGRSQAAALLAATVPEQRTVTLDVDV
NNRTDRLEWCSCYYHGNFSLNAAFEIKLHWMAVTAAVLFEMVQGWHRKATSCGFLLVPVLEGPFALPSYLYGDPLRAQLF
IPLNISCLLKEGSEHLFDSFEPETYWDRMHLFQEAIAHRFGFVQDKYSASAFNFPAENKPQYIHVTGTVFLQLPYSKRKF
SGQQRRRRNSTSSTNQNMFCEERVGYNWAYNTMLTKTWRSSATGDEKFADRLLKDFTDFCINRDNRLVTFWTSCLEKMHA
SAP
;
D
4 'polypeptide(L)'
;MPNTAMKKKVLLMGKSGSGKTSMRSIIFANYIARDTRRLGATIDVEHSHVRFLGNLVLNLWDCGGQDTFMENYFTSQRDN
IFRNVEVLIYVFDVESRELEKDMHYYQSCLEAILQNSPDAKIFCLVHKMDLVQEDQRDLIFKEREEDLRRLSRPLECACF
RTSIWDETLYKAWSSIVYQLIPNVQQLEMNLRNFAQIIEADEVLLFERATFLVISHYQCKEQRDVHRFEKISNIIKQFKL
SCSKLAASFQSMEVRNSNFAAFIDIFTSNTYVMVVMSDPSIPSAATLINIRNARKHFEKLERVDGPKHSLLMR
;
A
5 'polypeptide(L)'
;MSLQYGAEETPLAGSYGAADSFPKDFGYGVEEEEEEAAAAGGGVGAGAGGGCGPGGADSSKPRILLMGLRRSGKNSIQKV
VFHKMSPNETLFLESTNKIYKDDISNSSFVNFQIWDFPGQMDFFDPTFDYEMIFRGTGALIYVIDAQDDYMEALTRLHIT
VSKAYKVNPDMNFEVFIHKVDGLSDDHKIETQRDIHQRANDDLADAGLEKLHLSFYLTSIYDHSIFEAFSKVVQKLIPQL
PTLENLLNIFISNSGIEKAFLFDVVSKIYIATDSSPVDMQSYELCCDMIDVVIDVSCIYGLKEDGSGSAYDKESMAIIKL
NNTTVLYLKEVTKFLALVCILREESFERKGLIDYNFHCFRKAIHEVFEVGVTSHRSCGHQTSASSLKALTHNGTPRNAI
;
C
#
# COMPACT_ATOMS: atom_id res chain seq x y z
N SER A 3 -8.17 -34.26 -33.16
CA SER A 3 -7.17 -35.32 -33.05
C SER A 3 -6.02 -35.08 -34.01
N GLY A 4 -5.23 -34.03 -33.74
CA GLY A 4 -4.06 -33.76 -34.55
C GLY A 4 -2.89 -34.64 -34.21
N CYS A 5 -2.35 -34.48 -33.01
CA CYS A 5 -1.22 -35.32 -32.58
C CYS A 5 -1.71 -36.71 -32.20
N ARG A 6 -0.84 -37.69 -32.41
CA ARG A 6 -1.20 -39.10 -32.22
C ARG A 6 -0.02 -39.83 -31.59
N ILE A 7 -0.07 -40.01 -30.28
CA ILE A 7 0.97 -40.77 -29.59
C ILE A 7 0.72 -42.26 -29.80
N GLU A 8 1.76 -43.06 -29.61
CA GLU A 8 1.53 -44.48 -29.69
C GLU A 8 2.22 -45.34 -28.63
N CYS A 9 3.35 -44.93 -28.05
CA CYS A 9 3.93 -45.80 -27.04
C CYS A 9 4.49 -44.99 -25.88
N ILE A 10 4.36 -45.54 -24.68
CA ILE A 10 4.81 -44.85 -23.46
C ILE A 10 5.69 -45.81 -22.68
N PHE A 11 6.86 -45.34 -22.23
CA PHE A 11 7.74 -46.27 -21.55
C PHE A 11 8.42 -45.61 -20.35
N PHE A 12 8.63 -46.41 -19.33
CA PHE A 12 9.50 -46.12 -18.21
C PHE A 12 10.79 -46.90 -18.41
N SER A 13 11.91 -46.35 -17.95
CA SER A 13 13.11 -47.17 -17.88
C SER A 13 13.92 -46.80 -16.65
N GLU A 14 14.89 -47.66 -16.35
CA GLU A 14 15.66 -47.57 -15.11
C GLU A 14 17.03 -48.18 -15.36
N PHE A 15 18.08 -47.50 -14.91
CA PHE A 15 19.38 -48.16 -14.92
C PHE A 15 19.43 -49.13 -13.76
N HIS A 16 19.43 -50.42 -14.09
CA HIS A 16 19.38 -51.46 -13.09
C HIS A 16 20.72 -51.55 -12.37
N PRO A 17 20.75 -52.13 -11.17
CA PRO A 17 22.03 -52.61 -10.64
C PRO A 17 22.67 -53.62 -11.57
N THR A 18 23.99 -53.78 -11.41
CA THR A 18 24.92 -54.14 -12.49
C THR A 18 24.56 -55.43 -13.23
N LEU A 19 23.85 -56.36 -12.57
CA LEU A 19 23.46 -57.62 -13.21
C LEU A 19 22.45 -57.42 -14.34
N GLY A 20 21.68 -56.33 -14.32
CA GLY A 20 20.89 -55.92 -15.45
C GLY A 20 21.36 -54.56 -15.93
N PRO A 21 21.40 -54.36 -17.25
CA PRO A 21 21.74 -53.02 -17.75
C PRO A 21 20.70 -51.95 -17.43
N LYS A 22 19.53 -52.04 -18.06
CA LYS A 22 18.50 -50.99 -17.97
C LYS A 22 17.16 -51.64 -18.26
N ILE A 23 16.32 -51.75 -17.23
CA ILE A 23 15.00 -52.35 -17.41
C ILE A 23 14.04 -51.33 -17.98
N THR A 24 13.03 -51.81 -18.70
CA THR A 24 12.01 -50.98 -19.31
C THR A 24 10.63 -51.52 -18.96
N TYR A 25 9.69 -50.60 -18.81
CA TYR A 25 8.27 -50.88 -18.68
C TYR A 25 7.57 -50.22 -19.86
N GLN A 26 7.15 -51.04 -20.81
CA GLN A 26 6.56 -50.60 -22.07
C GLN A 26 5.05 -50.68 -22.01
N VAL A 27 4.35 -49.73 -22.63
CA VAL A 27 3.02 -49.95 -23.18
C VAL A 27 3.02 -49.53 -24.64
N PRO A 28 2.43 -50.33 -25.53
CA PRO A 28 2.08 -50.01 -26.92
C PRO A 28 0.85 -49.10 -26.96
N LEU A 36 4.15 -49.30 -32.34
CA LEU A 36 5.58 -49.29 -32.14
C LEU A 36 6.01 -50.17 -30.96
N PHE A 37 7.30 -50.18 -30.69
CA PHE A 37 7.91 -51.13 -29.76
C PHE A 37 9.31 -50.63 -29.45
N ASP A 38 9.71 -50.74 -28.19
CA ASP A 38 11.07 -50.33 -27.79
C ASP A 38 12.04 -51.46 -28.16
N THR A 39 12.39 -51.51 -29.44
CA THR A 39 13.12 -52.64 -29.98
C THR A 39 14.60 -52.55 -29.65
N VAL A 40 15.39 -53.41 -30.29
CA VAL A 40 16.79 -53.59 -29.90
C VAL A 40 17.65 -52.43 -30.38
N GLN A 41 17.68 -52.22 -31.71
CA GLN A 41 18.63 -51.29 -32.32
C GLN A 41 18.31 -49.84 -31.95
N VAL A 42 17.03 -49.52 -31.80
CA VAL A 42 16.61 -48.18 -31.39
C VAL A 42 17.12 -47.87 -30.00
N TYR A 43 16.96 -48.83 -29.08
CA TYR A 43 17.39 -48.58 -27.70
C TYR A 43 18.90 -48.60 -27.59
N ILE A 44 19.58 -49.37 -28.44
CA ILE A 44 21.05 -49.33 -28.47
C ILE A 44 21.54 -47.95 -28.93
N ILE A 45 20.99 -47.44 -30.03
CA ILE A 45 21.50 -46.16 -30.52
C ILE A 45 20.97 -44.96 -29.75
N THR A 46 19.95 -45.14 -28.90
CA THR A 46 19.47 -44.07 -28.05
C THR A 46 19.85 -44.27 -26.58
N LYS A 47 20.64 -45.31 -26.28
CA LYS A 47 21.35 -45.45 -25.00
C LYS A 47 22.10 -44.20 -24.51
N PRO A 48 22.88 -43.44 -25.31
CA PRO A 48 23.64 -42.33 -24.70
C PRO A 48 22.78 -41.17 -24.25
N GLU A 49 21.58 -40.98 -24.80
CA GLU A 49 20.75 -39.91 -24.29
C GLU A 49 20.11 -40.30 -22.97
N LEU A 50 19.82 -41.58 -22.75
CA LEU A 50 19.11 -42.04 -21.56
C LEU A 50 20.03 -42.23 -20.35
N GLN A 51 21.24 -41.65 -20.40
CA GLN A 51 22.06 -41.36 -19.23
C GLN A 51 22.85 -40.11 -19.55
N ASN A 52 22.66 -39.05 -18.77
CA ASN A 52 23.32 -37.77 -19.04
C ASN A 52 23.93 -37.23 -17.75
N LYS A 53 24.98 -36.42 -17.92
CA LYS A 53 25.40 -35.49 -16.88
C LYS A 53 24.27 -34.55 -16.50
N LEU A 54 23.76 -33.79 -17.47
CA LEU A 54 22.67 -32.86 -17.25
C LEU A 54 21.37 -33.60 -17.02
N ILE A 55 20.76 -33.38 -15.86
CA ILE A 55 19.49 -33.98 -15.53
C ILE A 55 18.43 -32.88 -15.49
N THR A 56 17.17 -33.31 -15.38
CA THR A 56 16.00 -32.46 -15.15
C THR A 56 15.81 -31.44 -16.29
N VAL A 57 16.15 -31.84 -17.51
CA VAL A 57 15.86 -31.04 -18.69
C VAL A 57 15.12 -31.94 -19.67
N THR A 58 14.28 -31.34 -20.51
CA THR A 58 13.60 -32.13 -21.52
C THR A 58 14.49 -32.29 -22.72
N ALA A 59 14.46 -33.49 -23.31
CA ALA A 59 15.23 -33.76 -24.52
C ALA A 59 14.45 -34.71 -25.42
N MET A 60 14.33 -34.36 -26.69
CA MET A 60 13.74 -35.29 -27.65
C MET A 60 14.69 -35.49 -28.81
N GLU A 61 14.69 -36.70 -29.34
CA GLU A 61 15.52 -37.03 -30.49
C GLU A 61 14.66 -37.57 -31.61
N LYS A 62 15.22 -37.58 -32.81
CA LYS A 62 14.54 -38.23 -33.93
C LYS A 62 15.23 -39.53 -34.28
N LYS A 63 14.45 -40.46 -34.83
CA LYS A 63 14.97 -41.70 -35.38
C LYS A 63 13.99 -42.14 -36.46
N LEU A 64 14.49 -42.99 -37.35
CA LEU A 64 13.87 -43.61 -38.52
C LEU A 64 12.39 -43.96 -38.35
N ILE A 65 12.02 -44.52 -37.21
CA ILE A 65 10.63 -44.84 -36.93
C ILE A 65 9.90 -43.70 -36.24
N GLY A 66 10.52 -43.07 -35.24
CA GLY A 66 9.77 -42.10 -34.48
C GLY A 66 10.56 -41.10 -33.65
N CYS A 67 9.99 -40.70 -32.52
CA CYS A 67 10.58 -39.67 -31.68
C CYS A 67 10.38 -39.98 -30.20
N PRO A 68 11.45 -40.30 -29.48
CA PRO A 68 11.41 -40.25 -28.01
C PRO A 68 11.50 -38.81 -27.53
N VAL A 69 10.45 -38.38 -26.82
CA VAL A 69 10.48 -37.19 -25.98
C VAL A 69 10.66 -37.68 -24.55
N CYS A 70 11.72 -37.26 -23.89
CA CYS A 70 12.08 -37.92 -22.66
C CYS A 70 12.64 -36.94 -21.64
N ILE A 71 12.68 -37.42 -20.40
CA ILE A 71 13.40 -36.75 -19.34
C ILE A 71 13.84 -37.81 -18.35
N GLU A 72 15.07 -37.67 -17.83
CA GLU A 72 15.58 -38.56 -16.83
C GLU A 72 15.84 -37.82 -15.54
N HIS A 73 15.80 -38.57 -14.44
CA HIS A 73 16.10 -37.99 -13.15
C HIS A 73 16.96 -38.97 -12.36
N LYS A 74 17.66 -38.43 -11.37
CA LYS A 74 18.62 -39.19 -10.57
C LYS A 74 18.41 -38.85 -9.09
N LYS A 75 18.10 -39.86 -8.29
CA LYS A 75 17.86 -39.70 -6.87
C LYS A 75 18.46 -40.87 -6.11
N TYR A 76 18.50 -40.74 -4.78
CA TYR A 76 19.07 -41.72 -3.84
C TYR A 76 20.53 -42.00 -4.16
N SER A 77 21.36 -40.95 -3.93
CA SER A 77 22.72 -40.89 -4.48
C SER A 77 23.65 -41.98 -3.96
N ARG A 78 23.34 -42.60 -2.82
CA ARG A 78 24.09 -43.78 -2.37
C ARG A 78 23.48 -45.02 -3.02
N ASN A 79 24.31 -45.78 -3.73
CA ASN A 79 23.91 -46.65 -4.84
C ASN A 79 22.98 -45.88 -5.77
N ALA A 80 23.58 -44.88 -6.43
CA ALA A 80 22.90 -43.76 -7.10
C ALA A 80 21.84 -44.20 -8.10
N LEU A 81 20.58 -43.92 -7.77
CA LEU A 81 19.45 -44.40 -8.53
C LEU A 81 19.12 -43.43 -9.66
N LEU A 82 18.75 -43.98 -10.81
CA LEU A 82 18.56 -43.13 -11.99
C LEU A 82 17.55 -43.79 -12.91
N PHE A 83 16.47 -43.07 -13.16
CA PHE A 83 15.34 -43.54 -13.95
C PHE A 83 15.02 -42.50 -15.02
N ASN A 84 14.11 -42.86 -15.91
CA ASN A 84 13.66 -41.92 -16.92
C ASN A 84 12.27 -42.27 -17.41
N LEU A 85 11.52 -41.25 -17.77
CA LEU A 85 10.22 -41.45 -18.39
C LEU A 85 10.35 -40.96 -19.82
N GLY A 86 9.94 -41.82 -20.77
CA GLY A 86 10.01 -41.48 -22.16
C GLY A 86 8.66 -41.72 -22.82
N PHE A 87 8.44 -40.98 -23.89
CA PHE A 87 7.13 -40.81 -24.47
C PHE A 87 7.40 -40.83 -25.97
N VAL A 88 7.21 -41.97 -26.62
CA VAL A 88 7.65 -42.13 -27.99
C VAL A 88 6.44 -42.08 -28.92
N CYS A 89 6.52 -41.13 -29.85
CA CYS A 89 5.47 -40.73 -30.79
C CYS A 89 6.03 -40.80 -32.21
N ASP A 90 5.26 -40.27 -33.15
CA ASP A 90 5.51 -40.38 -34.58
C ASP A 90 6.79 -39.62 -34.96
N ALA A 91 7.27 -39.91 -36.17
CA ALA A 91 8.46 -39.25 -36.69
C ALA A 91 8.22 -37.76 -36.95
N GLN A 92 7.20 -37.44 -37.75
CA GLN A 92 6.86 -36.05 -38.04
C GLN A 92 5.39 -35.81 -37.72
N ALA A 93 5.12 -35.52 -36.45
CA ALA A 93 3.91 -34.87 -35.98
C ALA A 93 4.34 -33.57 -35.32
N LYS A 94 3.40 -32.91 -34.64
CA LYS A 94 3.74 -31.63 -34.02
C LYS A 94 4.65 -31.83 -32.82
N THR A 95 4.14 -32.50 -31.77
CA THR A 95 4.88 -32.87 -30.54
C THR A 95 5.53 -31.68 -29.86
N CYS A 96 4.95 -30.48 -29.99
CA CYS A 96 5.31 -29.36 -29.14
C CYS A 96 4.35 -29.20 -27.97
N ALA A 97 3.22 -29.89 -28.00
CA ALA A 97 2.25 -29.90 -26.93
C ALA A 97 2.49 -31.04 -25.96
N LEU A 98 3.62 -31.74 -26.06
CA LEU A 98 3.88 -32.91 -25.23
C LEU A 98 5.21 -32.82 -24.52
N GLU A 99 5.81 -31.65 -24.47
CA GLU A 99 6.94 -31.43 -23.58
C GLU A 99 6.53 -31.20 -22.12
N PRO A 100 5.61 -30.26 -21.77
CA PRO A 100 5.35 -30.03 -20.34
C PRO A 100 4.63 -31.15 -19.66
N ILE A 101 3.89 -31.98 -20.41
CA ILE A 101 3.22 -33.12 -19.82
C ILE A 101 4.24 -34.14 -19.32
N VAL A 102 5.27 -34.40 -20.13
CA VAL A 102 6.30 -35.36 -19.72
C VAL A 102 7.13 -34.80 -18.58
N LYS A 103 7.43 -33.50 -18.63
CA LYS A 103 8.19 -32.88 -17.54
C LYS A 103 7.38 -32.87 -16.24
N LYS A 104 6.07 -32.66 -16.34
CA LYS A 104 5.23 -32.66 -15.16
C LYS A 104 5.07 -34.07 -14.60
N LEU A 105 5.02 -35.09 -15.47
CA LEU A 105 5.02 -36.46 -14.97
C LEU A 105 6.31 -36.81 -14.25
N ALA A 106 7.43 -36.28 -14.72
CA ALA A 106 8.70 -36.49 -14.01
C ALA A 106 8.67 -35.83 -12.63
N GLY A 107 8.08 -34.64 -12.53
CA GLY A 107 7.92 -34.01 -11.23
C GLY A 107 7.01 -34.78 -10.28
N TYR A 108 5.90 -35.30 -10.82
CA TYR A 108 5.01 -36.13 -10.01
C TYR A 108 5.70 -37.40 -9.53
N LEU A 109 6.47 -38.06 -10.40
CA LEU A 109 7.19 -39.25 -9.97
C LEU A 109 8.26 -38.93 -8.93
N THR A 110 8.85 -37.74 -9.01
CA THR A 110 9.81 -37.31 -7.98
C THR A 110 9.12 -37.19 -6.61
N THR A 111 7.97 -36.51 -6.56
CA THR A 111 7.31 -36.36 -5.26
C THR A 111 6.70 -37.67 -4.77
N LEU A 112 6.26 -38.54 -5.69
CA LEU A 112 5.80 -39.87 -5.32
C LEU A 112 6.92 -40.71 -4.72
N GLU A 113 8.14 -40.52 -5.20
CA GLU A 113 9.24 -41.28 -4.61
C GLU A 113 9.70 -40.66 -3.30
N LEU A 114 9.61 -39.35 -3.16
CA LEU A 114 10.05 -38.74 -1.91
C LEU A 114 9.01 -38.81 -0.79
N GLU A 115 7.75 -39.13 -1.10
CA GLU A 115 6.77 -39.33 -0.02
C GLU A 115 6.54 -40.79 0.32
N SER A 116 6.36 -41.65 -0.68
CA SER A 116 5.96 -43.03 -0.41
C SER A 116 6.84 -44.07 -1.09
N SER A 117 7.80 -43.66 -1.93
CA SER A 117 8.85 -44.50 -2.51
C SER A 117 8.27 -45.66 -3.33
N PHE A 118 7.69 -45.29 -4.48
CA PHE A 118 7.16 -46.26 -5.44
C PHE A 118 8.20 -47.25 -5.93
N VAL A 119 9.33 -46.76 -6.42
CA VAL A 119 10.17 -47.60 -7.27
C VAL A 119 11.24 -48.28 -6.45
N SER A 120 11.01 -48.42 -5.15
CA SER A 120 11.81 -49.31 -4.32
C SER A 120 11.09 -50.60 -3.96
N MET A 121 9.78 -50.69 -4.21
CA MET A 121 9.00 -51.91 -4.03
C MET A 121 8.39 -52.30 -5.38
N GLU A 122 8.38 -53.59 -5.68
CA GLU A 122 8.14 -54.03 -7.04
C GLU A 122 6.67 -54.29 -7.36
N GLU A 123 5.80 -54.46 -6.35
CA GLU A 123 4.38 -54.52 -6.65
C GLU A 123 3.86 -53.16 -7.10
N SER A 124 4.39 -52.07 -6.53
CA SER A 124 4.08 -50.75 -7.04
C SER A 124 4.71 -50.51 -8.40
N LYS A 125 5.84 -51.17 -8.67
CA LYS A 125 6.40 -51.15 -10.02
C LYS A 125 5.49 -51.85 -11.02
N GLN A 126 4.80 -52.92 -10.62
CA GLN A 126 3.82 -53.50 -11.52
C GLN A 126 2.59 -52.61 -11.62
N LYS A 127 2.22 -51.96 -10.51
CA LYS A 127 1.11 -51.01 -10.49
C LYS A 127 1.40 -49.79 -11.37
N LEU A 128 2.67 -49.52 -11.63
CA LEU A 128 3.08 -48.41 -12.48
C LEU A 128 2.67 -48.60 -13.95
N VAL A 129 2.40 -49.83 -14.37
CA VAL A 129 2.05 -50.13 -15.77
C VAL A 129 0.58 -49.83 -16.12
N PRO A 130 -0.44 -50.16 -15.30
CA PRO A 130 -1.79 -49.72 -15.67
C PRO A 130 -1.98 -48.21 -15.65
N ILE A 131 -1.13 -47.49 -14.91
CA ILE A 131 -1.04 -46.04 -15.03
C ILE A 131 -0.74 -45.66 -16.49
N MET A 132 0.24 -46.33 -17.09
CA MET A 132 0.56 -46.06 -18.49
C MET A 132 -0.56 -46.48 -19.43
N THR A 133 -1.27 -47.57 -19.12
CA THR A 133 -2.33 -48.00 -20.04
C THR A 133 -3.50 -47.02 -20.01
N ILE A 134 -3.86 -46.53 -18.82
CA ILE A 134 -4.94 -45.54 -18.73
C ILE A 134 -4.49 -44.21 -19.33
N LEU A 135 -3.21 -43.86 -19.22
CA LEU A 135 -2.72 -42.65 -19.89
C LEU A 135 -2.76 -42.77 -21.39
N LEU A 136 -2.35 -43.92 -21.94
CA LEU A 136 -2.35 -44.14 -23.37
C LEU A 136 -3.76 -44.17 -23.93
N GLU A 137 -4.73 -44.63 -23.15
CA GLU A 137 -6.10 -44.53 -23.62
C GLU A 137 -6.60 -43.09 -23.55
N GLU A 138 -6.40 -42.43 -22.41
CA GLU A 138 -7.14 -41.20 -22.14
C GLU A 138 -6.47 -39.95 -22.70
N LEU A 139 -5.19 -40.00 -23.09
CA LEU A 139 -4.64 -38.87 -23.82
C LEU A 139 -5.20 -38.81 -25.23
N ASN A 140 -5.23 -39.95 -25.92
CA ASN A 140 -5.81 -39.97 -27.25
C ASN A 140 -7.32 -39.95 -27.24
N ALA A 141 -7.94 -40.23 -26.08
CA ALA A 141 -9.39 -40.15 -25.99
C ALA A 141 -9.86 -38.70 -26.10
N SER A 142 -9.47 -37.86 -25.14
CA SER A 142 -9.91 -36.47 -25.17
C SER A 142 -8.81 -35.45 -24.91
N GLY A 143 -7.72 -35.79 -24.25
CA GLY A 143 -6.63 -34.87 -24.02
C GLY A 143 -6.47 -34.36 -22.60
N ARG A 144 -7.06 -35.04 -21.62
CA ARG A 144 -6.86 -34.66 -20.23
C ARG A 144 -7.10 -35.88 -19.35
N CYS A 145 -6.44 -35.88 -18.19
CA CYS A 145 -6.45 -37.03 -17.29
C CYS A 145 -6.52 -36.56 -15.86
N THR A 146 -7.53 -37.04 -15.13
CA THR A 146 -7.59 -36.98 -13.68
C THR A 146 -7.44 -38.41 -13.20
N LEU A 147 -6.40 -38.69 -12.42
CA LEU A 147 -5.96 -40.06 -12.21
C LEU A 147 -5.41 -40.22 -10.80
N PRO A 148 -6.20 -40.78 -9.87
CA PRO A 148 -5.73 -40.94 -8.49
C PRO A 148 -4.87 -42.17 -8.32
N ILE A 149 -3.74 -42.03 -7.62
CA ILE A 149 -2.93 -43.22 -7.32
C ILE A 149 -2.53 -43.29 -5.87
N ASP A 150 -3.15 -42.46 -5.03
CA ASP A 150 -2.72 -42.37 -3.64
C ASP A 150 -3.89 -41.79 -2.84
N GLU A 151 -3.72 -41.76 -1.53
CA GLU A 151 -4.50 -40.86 -0.68
C GLU A 151 -3.94 -39.46 -0.68
N SER A 152 -2.81 -39.22 -1.36
CA SER A 152 -2.19 -37.90 -1.35
C SER A 152 -1.72 -37.45 -2.74
N ASN A 153 -2.07 -38.16 -3.81
CA ASN A 153 -1.70 -37.75 -5.17
C ASN A 153 -2.74 -38.23 -6.17
N THR A 154 -3.34 -37.25 -6.86
CA THR A 154 -4.16 -37.50 -8.04
C THR A 154 -3.53 -36.68 -9.15
N ILE A 155 -2.89 -37.34 -10.11
CA ILE A 155 -2.21 -36.60 -11.17
C ILE A 155 -3.22 -36.04 -12.16
N HIS A 156 -2.97 -34.81 -12.58
CA HIS A 156 -3.84 -34.08 -13.49
C HIS A 156 -3.03 -33.62 -14.69
N LEU A 157 -3.55 -33.87 -15.89
CA LEU A 157 -2.83 -33.52 -17.11
C LEU A 157 -3.80 -32.92 -18.12
N LYS A 158 -3.32 -31.94 -18.89
CA LYS A 158 -4.10 -31.27 -19.91
C LYS A 158 -3.21 -30.97 -21.11
N VAL A 159 -3.73 -31.20 -22.32
CA VAL A 159 -3.03 -30.84 -23.54
C VAL A 159 -3.34 -29.40 -23.90
N ILE A 160 -2.32 -28.54 -23.88
CA ILE A 160 -2.44 -27.16 -24.34
C ILE A 160 -2.13 -27.11 -25.82
N GLU A 161 -2.96 -26.39 -26.58
CA GLU A 161 -2.87 -26.43 -28.04
C GLU A 161 -1.62 -25.75 -28.58
N GLN A 162 -1.10 -24.75 -27.84
CA GLN A 162 0.14 -24.02 -28.15
C GLN A 162 0.04 -23.35 -29.53
N ARG A 163 -0.84 -22.36 -29.57
CA ARG A 163 -1.07 -21.57 -30.77
C ARG A 163 0.14 -20.69 -31.06
N PRO A 164 0.33 -20.27 -32.34
CA PRO A 164 1.47 -19.38 -32.65
C PRO A 164 1.26 -17.97 -32.13
N ASP A 165 2.27 -17.12 -32.29
CA ASP A 165 2.23 -15.76 -31.79
C ASP A 165 1.22 -14.92 -32.58
N PRO A 166 0.65 -13.89 -31.94
CA PRO A 166 -0.26 -13.00 -32.65
C PRO A 166 0.49 -11.83 -33.26
N PRO A 167 -0.07 -11.20 -34.29
CA PRO A 167 0.61 -10.01 -34.85
C PRO A 167 0.39 -8.78 -33.99
N VAL A 168 0.88 -7.64 -34.45
CA VAL A 168 0.69 -6.41 -33.70
C VAL A 168 -0.69 -5.84 -33.99
N ALA A 169 -1.22 -5.08 -33.04
CA ALA A 169 -2.54 -4.46 -33.14
C ALA A 169 -2.35 -2.95 -33.25
N GLN A 170 -2.30 -2.45 -34.48
CA GLN A 170 -2.03 -1.03 -34.64
C GLN A 170 -3.27 -0.20 -34.30
N GLU A 171 -3.04 1.09 -34.10
CA GLU A 171 -4.00 1.97 -33.44
C GLU A 171 -5.19 2.35 -34.31
N TYR A 172 -5.26 1.87 -35.53
CA TYR A 172 -6.26 2.34 -36.48
C TYR A 172 -6.95 1.22 -37.23
N ASP A 173 -6.86 -0.02 -36.75
CA ASP A 173 -7.48 -1.16 -37.41
C ASP A 173 -8.91 -1.33 -36.89
N VAL A 174 -9.56 -2.42 -37.29
CA VAL A 174 -10.94 -2.70 -36.97
C VAL A 174 -11.04 -4.17 -36.56
N PRO A 175 -11.58 -4.50 -35.39
CA PRO A 175 -11.86 -5.90 -35.08
C PRO A 175 -13.15 -6.37 -35.72
N VAL A 176 -13.18 -7.65 -36.06
CA VAL A 176 -14.40 -8.36 -36.49
C VAL A 176 -14.41 -9.71 -35.79
N PHE A 177 -15.54 -10.04 -35.17
CA PHE A 177 -15.76 -11.40 -34.69
C PHE A 177 -15.99 -12.36 -35.84
N THR A 178 -15.05 -13.30 -36.02
CA THR A 178 -15.33 -14.44 -36.88
C THR A 178 -16.35 -15.35 -36.25
N LYS A 179 -16.22 -15.58 -34.95
CA LYS A 179 -17.18 -16.39 -34.21
C LYS A 179 -18.34 -15.51 -33.77
N ASP A 180 -19.18 -16.02 -32.87
CA ASP A 180 -20.34 -15.28 -32.39
C ASP A 180 -20.21 -15.02 -30.90
N LYS A 181 -20.62 -13.82 -30.49
CA LYS A 181 -20.53 -13.43 -29.09
C LYS A 181 -21.48 -14.24 -28.21
N GLU A 182 -22.59 -14.69 -28.78
CA GLU A 182 -23.66 -15.34 -28.04
C GLU A 182 -23.38 -16.82 -27.74
N ASP A 183 -22.15 -17.30 -27.91
CA ASP A 183 -21.79 -18.67 -27.61
C ASP A 183 -20.91 -18.79 -26.37
N PHE A 184 -20.58 -17.68 -25.72
CA PHE A 184 -19.72 -17.69 -24.55
C PHE A 184 -20.51 -17.29 -23.31
N PHE A 185 -19.88 -17.50 -22.16
CA PHE A 185 -20.37 -16.92 -20.91
C PHE A 185 -19.95 -15.46 -20.87
N ASN A 186 -20.93 -14.55 -20.95
CA ASN A 186 -20.64 -13.14 -20.76
C ASN A 186 -20.13 -12.85 -19.36
N SER A 187 -20.59 -13.64 -18.37
CA SER A 187 -20.10 -13.50 -17.01
C SER A 187 -18.67 -13.98 -16.86
N GLN A 188 -18.19 -14.85 -17.75
CA GLN A 188 -16.82 -15.34 -17.70
C GLN A 188 -16.02 -14.60 -18.77
N TRP A 189 -15.54 -13.43 -18.41
CA TRP A 189 -14.55 -12.69 -19.18
C TRP A 189 -13.69 -11.91 -18.20
N ASP A 190 -12.82 -11.07 -18.72
CA ASP A 190 -12.24 -10.03 -17.90
C ASP A 190 -13.12 -8.79 -17.96
N LEU A 191 -12.85 -7.86 -17.04
CA LEU A 191 -13.62 -6.63 -16.95
C LEU A 191 -13.40 -5.76 -18.18
N THR A 192 -12.15 -5.73 -18.67
CA THR A 192 -11.83 -4.93 -19.85
C THR A 192 -12.48 -5.50 -21.09
N THR A 193 -12.52 -6.82 -21.21
CA THR A 193 -13.21 -7.43 -22.34
C THR A 193 -14.72 -7.22 -22.25
N GLN A 194 -15.28 -7.23 -21.04
CA GLN A 194 -16.71 -6.92 -20.91
C GLN A 194 -17.00 -5.45 -21.14
N GLN A 195 -16.03 -4.56 -20.99
CA GLN A 195 -16.24 -3.15 -21.27
C GLN A 195 -15.82 -2.74 -22.66
N ILE A 196 -15.22 -3.63 -23.44
CA ILE A 196 -14.91 -3.39 -24.83
C ILE A 196 -15.93 -4.06 -25.76
N LEU A 197 -16.20 -5.34 -25.53
CA LEU A 197 -17.06 -6.24 -26.31
C LEU A 197 -18.44 -5.73 -26.73
N PRO A 198 -19.16 -4.83 -25.98
CA PRO A 198 -20.39 -4.27 -26.55
C PRO A 198 -20.22 -3.50 -27.84
N TYR A 199 -19.40 -2.46 -27.86
CA TYR A 199 -19.20 -1.68 -29.08
C TYR A 199 -17.95 -2.15 -29.80
N ILE A 200 -18.00 -3.41 -30.24
CA ILE A 200 -16.92 -3.98 -31.03
C ILE A 200 -17.30 -4.05 -32.50
N ASP A 201 -18.58 -3.89 -32.83
CA ASP A 201 -18.98 -3.79 -34.22
C ASP A 201 -18.77 -2.36 -34.73
N GLY A 202 -18.82 -1.38 -33.82
CA GLY A 202 -18.44 -0.01 -34.12
C GLY A 202 -16.98 0.04 -34.49
N PHE A 203 -16.71 0.33 -35.76
CA PHE A 203 -15.57 -0.28 -36.44
C PHE A 203 -14.24 0.26 -35.94
N ARG A 204 -14.09 1.57 -35.86
CA ARG A 204 -12.76 2.13 -35.64
C ARG A 204 -12.34 1.98 -34.19
N HIS A 205 -11.10 1.53 -33.99
CA HIS A 205 -10.55 1.27 -32.67
C HIS A 205 -10.46 2.54 -31.83
N ILE A 206 -9.98 3.63 -32.44
CA ILE A 206 -9.91 4.88 -31.71
C ILE A 206 -11.30 5.48 -31.50
N GLN A 207 -12.31 5.06 -32.29
CA GLN A 207 -13.66 5.44 -31.92
C GLN A 207 -14.14 4.69 -30.70
N LYS A 208 -13.95 3.36 -30.67
CA LYS A 208 -14.59 2.58 -29.61
C LYS A 208 -13.96 2.83 -28.26
N ILE A 209 -12.67 3.21 -28.22
CA ILE A 209 -12.02 3.45 -26.92
C ILE A 209 -12.67 4.62 -26.18
N SER A 210 -12.80 5.78 -26.83
CA SER A 210 -13.42 6.90 -26.15
C SER A 210 -14.91 6.97 -26.38
N ALA A 211 -15.48 5.99 -27.10
CA ALA A 211 -16.92 5.89 -27.18
C ALA A 211 -17.49 5.17 -25.97
N GLU A 212 -16.94 4.01 -25.63
CA GLU A 212 -17.42 3.34 -24.44
C GLU A 212 -16.35 3.07 -23.40
N ALA A 213 -15.12 2.82 -23.85
CA ALA A 213 -14.12 2.26 -22.95
C ALA A 213 -13.58 3.28 -21.98
N ASP A 214 -13.11 4.43 -22.50
CA ASP A 214 -12.38 5.45 -21.74
C ASP A 214 -11.19 4.84 -21.01
N VAL A 215 -10.45 4.00 -21.73
CA VAL A 215 -9.36 3.25 -21.16
C VAL A 215 -8.05 3.83 -21.66
N GLU A 216 -6.94 3.33 -21.12
CA GLU A 216 -5.65 3.59 -21.73
C GLU A 216 -5.59 2.89 -23.09
N LEU A 217 -5.04 3.58 -24.08
CA LEU A 217 -5.04 3.04 -25.42
C LEU A 217 -4.06 1.88 -25.53
N ASN A 218 -3.01 1.88 -24.72
CA ASN A 218 -2.15 0.72 -24.64
C ASN A 218 -2.90 -0.49 -24.06
N LEU A 219 -3.85 -0.24 -23.15
CA LEU A 219 -4.62 -1.34 -22.57
C LEU A 219 -5.61 -1.92 -23.55
N VAL A 220 -6.32 -1.08 -24.31
CA VAL A 220 -7.23 -1.65 -25.30
C VAL A 220 -6.46 -2.28 -26.45
N ARG A 221 -5.23 -1.82 -26.70
CA ARG A 221 -4.36 -2.47 -27.67
C ARG A 221 -3.99 -3.89 -27.23
N ILE A 222 -3.60 -4.04 -25.96
CA ILE A 222 -3.28 -5.36 -25.42
C ILE A 222 -4.51 -6.28 -25.42
N ALA A 223 -5.68 -5.72 -25.10
CA ALA A 223 -6.89 -6.53 -25.07
C ALA A 223 -7.29 -7.04 -26.44
N ILE A 224 -7.25 -6.16 -27.46
CA ILE A 224 -7.58 -6.62 -28.80
C ILE A 224 -6.49 -7.52 -29.36
N GLN A 225 -5.24 -7.41 -28.87
CA GLN A 225 -4.22 -8.34 -29.31
C GLN A 225 -4.46 -9.73 -28.76
N ASN A 226 -4.90 -9.83 -27.51
CA ASN A 226 -5.22 -11.16 -26.96
C ASN A 226 -6.45 -11.75 -27.63
N LEU A 227 -7.45 -10.91 -27.94
CA LEU A 227 -8.60 -11.42 -28.69
C LEU A 227 -8.23 -11.80 -30.11
N LEU A 228 -7.17 -11.23 -30.66
CA LEU A 228 -6.61 -11.70 -31.91
C LEU A 228 -5.85 -13.00 -31.74
N TYR A 229 -5.22 -13.19 -30.57
CA TYR A 229 -4.55 -14.44 -30.27
C TYR A 229 -5.53 -15.59 -30.16
N TYR A 230 -6.76 -15.33 -29.72
CA TYR A 230 -7.74 -16.40 -29.68
C TYR A 230 -8.76 -16.37 -30.82
N GLY A 231 -9.57 -15.31 -30.95
CA GLY A 231 -10.72 -15.44 -31.83
C GLY A 231 -11.29 -14.27 -32.61
N VAL A 232 -10.54 -13.19 -32.83
CA VAL A 232 -11.06 -11.97 -33.47
C VAL A 232 -10.07 -11.51 -34.53
N VAL A 233 -10.55 -11.26 -35.76
CA VAL A 233 -9.67 -10.92 -36.88
C VAL A 233 -9.72 -9.42 -37.16
N THR A 234 -8.54 -8.80 -37.27
CA THR A 234 -8.44 -7.38 -37.56
C THR A 234 -8.45 -7.14 -39.06
N LEU A 235 -8.83 -5.93 -39.46
CA LEU A 235 -8.79 -5.48 -40.85
C LEU A 235 -8.67 -3.96 -40.87
N VAL A 236 -8.63 -3.37 -42.06
CA VAL A 236 -8.35 -1.93 -42.15
C VAL A 236 -9.65 -1.16 -42.34
N SER A 237 -9.56 0.16 -42.21
CA SER A 237 -10.69 1.04 -41.93
C SER A 237 -11.69 1.07 -43.08
N ILE A 238 -12.86 1.64 -42.79
CA ILE A 238 -14.04 1.36 -43.59
C ILE A 238 -14.69 2.66 -44.08
N LEU A 239 -13.86 3.68 -44.29
CA LEU A 239 -14.29 4.87 -45.00
C LEU A 239 -14.76 4.50 -46.41
N GLN A 240 -15.77 5.20 -46.91
CA GLN A 240 -16.22 4.89 -48.26
C GLN A 240 -15.26 5.41 -49.32
N TYR A 241 -14.29 4.56 -49.67
CA TYR A 241 -13.36 4.77 -50.76
C TYR A 241 -14.09 4.98 -52.07
N SER A 242 -14.79 3.94 -52.53
CA SER A 242 -15.50 4.01 -53.79
C SER A 242 -16.92 4.52 -53.57
N ASN A 243 -17.50 5.04 -54.65
CA ASN A 243 -18.86 5.55 -54.61
C ASN A 243 -19.59 5.01 -55.84
N VAL A 244 -18.83 4.72 -56.89
CA VAL A 244 -19.39 4.50 -58.22
C VAL A 244 -19.61 3.01 -58.47
N TYR A 245 -19.57 2.19 -57.43
CA TYR A 245 -19.92 0.79 -57.55
C TYR A 245 -21.43 0.58 -57.58
N CYS A 246 -22.18 1.50 -57.01
CA CYS A 246 -23.63 1.48 -56.88
C CYS A 246 -24.50 1.40 -58.15
N PRO A 247 -24.08 1.87 -59.38
CA PRO A 247 -24.96 1.68 -60.55
C PRO A 247 -25.27 0.26 -61.01
N THR A 248 -24.73 -0.79 -60.32
CA THR A 248 -25.32 -2.06 -60.71
C THR A 248 -26.53 -2.37 -59.83
N PRO A 249 -27.50 -3.13 -60.34
CA PRO A 249 -28.61 -3.58 -59.49
C PRO A 249 -28.16 -4.69 -58.55
N LYS A 250 -28.38 -4.49 -57.25
CA LYS A 250 -28.09 -5.48 -56.24
C LYS A 250 -29.28 -5.60 -55.30
N VAL A 251 -29.43 -6.76 -54.69
CA VAL A 251 -30.45 -6.93 -53.65
C VAL A 251 -29.86 -6.74 -52.25
N GLN A 252 -29.64 -5.47 -51.87
CA GLN A 252 -29.26 -5.01 -50.53
C GLN A 252 -28.02 -5.73 -49.98
N ASP A 253 -26.93 -5.67 -50.73
CA ASP A 253 -25.73 -6.46 -50.43
C ASP A 253 -24.48 -5.60 -50.51
N LEU A 254 -24.47 -4.44 -49.86
CA LEU A 254 -23.38 -3.50 -50.14
C LEU A 254 -22.36 -3.35 -49.02
N VAL A 255 -22.75 -3.37 -47.74
CA VAL A 255 -21.81 -2.96 -46.70
C VAL A 255 -20.93 -4.11 -46.26
N ASP A 256 -21.52 -5.26 -45.94
CA ASP A 256 -20.74 -6.38 -45.41
C ASP A 256 -19.89 -7.07 -46.46
N ASP A 257 -20.09 -6.74 -47.74
CA ASP A 257 -19.38 -7.38 -48.86
C ASP A 257 -17.87 -7.19 -48.74
N LYS A 258 -17.43 -5.94 -48.76
CA LYS A 258 -16.01 -5.68 -48.69
C LYS A 258 -15.43 -5.98 -47.32
N SER A 259 -16.25 -5.98 -46.26
CA SER A 259 -15.75 -6.38 -44.95
C SER A 259 -15.42 -7.87 -44.93
N LEU A 260 -16.28 -8.71 -45.53
CA LEU A 260 -15.99 -10.13 -45.60
C LEU A 260 -14.76 -10.38 -46.45
N GLN A 261 -14.76 -9.87 -47.68
CA GLN A 261 -13.66 -10.21 -48.58
C GLN A 261 -12.35 -9.57 -48.17
N GLU A 262 -12.39 -8.52 -47.35
CA GLU A 262 -11.19 -8.01 -46.72
C GLU A 262 -10.76 -8.90 -45.55
N ALA A 263 -11.73 -9.45 -44.81
CA ALA A 263 -11.39 -10.39 -43.74
C ALA A 263 -10.82 -11.70 -44.28
N CYS A 264 -11.11 -12.02 -45.53
CA CYS A 264 -10.53 -13.17 -46.22
C CYS A 264 -9.08 -12.92 -46.64
N LEU A 265 -8.59 -11.69 -46.48
CA LEU A 265 -7.24 -11.24 -46.82
C LEU A 265 -6.96 -11.50 -48.32
N SER A 266 -7.74 -10.78 -49.12
CA SER A 266 -7.78 -11.03 -50.55
C SER A 266 -7.85 -9.72 -51.34
N TYR A 267 -7.02 -8.74 -50.97
CA TYR A 267 -6.98 -7.46 -51.67
C TYR A 267 -5.63 -6.80 -51.53
N VAL A 268 -5.28 -6.00 -52.53
CA VAL A 268 -4.46 -4.83 -52.26
C VAL A 268 -5.36 -3.77 -51.64
N THR A 269 -4.80 -2.98 -50.73
CA THR A 269 -5.61 -2.27 -49.73
C THR A 269 -6.42 -1.12 -50.33
N LYS A 270 -5.76 -0.25 -51.09
CA LYS A 270 -6.40 0.96 -51.59
C LYS A 270 -7.42 0.63 -52.68
N GLN A 271 -8.70 0.53 -52.29
CA GLN A 271 -9.71 -0.10 -53.15
C GLN A 271 -10.14 0.80 -54.30
N GLY A 272 -10.01 2.12 -54.15
CA GLY A 272 -10.22 3.02 -55.28
C GLY A 272 -11.62 3.08 -55.88
N HIS A 273 -11.76 2.62 -57.13
CA HIS A 273 -13.08 2.57 -57.77
C HIS A 273 -13.29 1.36 -58.68
N LYS A 274 -12.43 0.33 -58.63
CA LYS A 274 -12.46 -0.77 -59.60
C LYS A 274 -12.66 -2.16 -58.97
N ARG A 275 -12.21 -2.33 -57.72
CA ARG A 275 -12.24 -3.61 -57.03
C ARG A 275 -13.69 -4.09 -56.87
N ALA A 276 -14.55 -3.18 -56.40
CA ALA A 276 -15.91 -3.52 -56.01
C ALA A 276 -16.74 -3.94 -57.22
N SER A 277 -16.64 -3.22 -58.34
CA SER A 277 -17.42 -3.61 -59.51
C SER A 277 -16.86 -4.86 -60.17
N LEU A 278 -15.52 -4.96 -60.28
CA LEU A 278 -14.94 -6.08 -60.99
C LEU A 278 -14.99 -7.38 -60.20
N ARG A 279 -15.39 -7.35 -58.93
CA ARG A 279 -15.87 -8.57 -58.30
C ARG A 279 -17.36 -8.55 -57.98
N ASP A 280 -18.04 -7.43 -58.18
CA ASP A 280 -19.46 -7.40 -57.94
C ASP A 280 -20.21 -8.06 -59.07
N VAL A 281 -19.58 -8.16 -60.24
CA VAL A 281 -20.13 -9.03 -61.28
C VAL A 281 -20.14 -10.49 -60.81
N PHE A 282 -19.08 -10.89 -60.08
CA PHE A 282 -19.04 -12.24 -59.49
C PHE A 282 -20.10 -12.39 -58.40
N GLN A 283 -20.32 -11.34 -57.62
CA GLN A 283 -21.37 -11.45 -56.61
C GLN A 283 -22.76 -11.46 -57.22
N LEU A 284 -22.95 -10.82 -58.37
CA LEU A 284 -24.26 -10.83 -58.99
C LEU A 284 -24.53 -12.15 -59.70
N TYR A 285 -23.50 -12.80 -60.24
CA TYR A 285 -23.73 -14.08 -60.91
C TYR A 285 -23.50 -15.30 -60.03
N CYS A 286 -22.90 -15.13 -58.86
CA CYS A 286 -22.82 -16.21 -57.88
C CYS A 286 -23.85 -15.91 -56.79
N SER A 287 -25.11 -16.17 -57.11
CA SER A 287 -26.18 -15.96 -56.15
C SER A 287 -27.32 -16.95 -56.38
N GLN A 315 -33.07 3.35 -47.97
CA GLN A 315 -33.50 4.42 -48.86
C GLN A 315 -32.31 4.92 -49.66
N PHE A 316 -31.75 6.05 -49.24
CA PHE A 316 -30.49 6.51 -49.75
C PHE A 316 -29.35 5.76 -49.08
N GLY A 317 -28.16 5.94 -49.63
CA GLY A 317 -26.99 5.54 -48.86
C GLY A 317 -26.50 6.60 -47.92
N LEU A 318 -26.99 7.85 -48.09
CA LEU A 318 -26.55 9.05 -47.36
C LEU A 318 -25.02 9.17 -47.33
N MET A 319 -24.40 8.91 -48.48
CA MET A 319 -22.99 8.56 -48.57
C MET A 319 -22.05 9.72 -48.27
N LYS A 320 -22.56 10.95 -48.21
CA LYS A 320 -21.75 12.10 -47.86
C LYS A 320 -21.74 12.36 -46.37
N ASN A 321 -22.26 11.42 -45.57
CA ASN A 321 -22.53 11.70 -44.16
C ASN A 321 -21.83 10.75 -43.20
N LEU A 322 -21.11 9.74 -43.71
CA LEU A 322 -20.31 8.86 -42.85
C LEU A 322 -18.93 9.43 -42.59
N ILE A 323 -18.76 10.74 -42.73
CA ILE A 323 -17.46 11.37 -42.71
C ILE A 323 -17.23 12.16 -41.44
N ARG A 324 -18.25 12.87 -40.96
CA ARG A 324 -18.16 13.59 -39.70
C ARG A 324 -18.25 12.65 -38.50
N ARG A 325 -18.79 11.45 -38.68
CA ARG A 325 -18.87 10.46 -37.61
C ARG A 325 -17.62 9.59 -37.53
N LEU A 326 -16.48 10.09 -38.00
CA LEU A 326 -15.33 9.22 -38.24
C LEU A 326 -14.11 9.57 -37.41
N GLN A 327 -14.05 10.75 -36.80
CA GLN A 327 -13.01 11.06 -35.84
C GLN A 327 -13.39 10.51 -34.47
N LYS A 328 -12.63 10.88 -33.44
CA LYS A 328 -12.92 10.41 -32.09
C LYS A 328 -14.22 11.03 -31.57
N TYR A 329 -15.03 10.20 -30.91
CA TYR A 329 -16.36 10.62 -30.47
C TYR A 329 -16.44 10.58 -28.95
N PRO A 330 -16.36 11.75 -28.28
CA PRO A 330 -16.54 11.83 -26.83
C PRO A 330 -17.94 11.44 -26.39
N TYR A 345 -33.33 -12.73 -48.85
CA TYR A 345 -33.53 -11.29 -48.96
C TYR A 345 -33.92 -10.70 -47.61
N THR A 346 -34.58 -11.53 -46.79
CA THR A 346 -35.06 -11.10 -45.48
C THR A 346 -33.89 -10.77 -44.55
N GLY A 347 -33.01 -11.74 -44.35
CA GLY A 347 -31.64 -11.41 -44.00
C GLY A 347 -30.93 -11.00 -45.29
N CYS A 348 -30.14 -9.93 -45.19
CA CYS A 348 -29.37 -9.49 -46.34
C CYS A 348 -28.29 -10.52 -46.65
N HIS A 349 -28.30 -11.06 -47.87
CA HIS A 349 -27.35 -12.11 -48.26
C HIS A 349 -25.96 -11.50 -48.36
N SER A 350 -25.19 -11.66 -47.31
CA SER A 350 -23.80 -11.22 -47.35
C SER A 350 -22.83 -12.30 -46.91
N TYR A 351 -23.21 -13.13 -45.94
CA TYR A 351 -22.36 -14.22 -45.48
C TYR A 351 -22.85 -15.59 -45.92
N ASP A 352 -24.16 -15.74 -46.15
CA ASP A 352 -24.71 -17.03 -46.51
C ASP A 352 -24.19 -17.48 -47.87
N GLU A 353 -24.09 -16.56 -48.83
CA GLU A 353 -23.67 -16.95 -50.17
C GLU A 353 -22.19 -17.27 -50.23
N ILE A 354 -21.37 -16.51 -49.50
CA ILE A 354 -19.95 -16.80 -49.50
C ILE A 354 -19.65 -18.09 -48.73
N CYS A 355 -20.43 -18.40 -47.68
CA CYS A 355 -20.17 -19.67 -47.00
C CYS A 355 -20.66 -20.87 -47.80
N CYS A 356 -21.85 -20.77 -48.41
CA CYS A 356 -22.35 -21.87 -49.20
C CYS A 356 -21.62 -22.02 -50.53
N LYS A 357 -20.81 -21.04 -50.92
CA LYS A 357 -19.90 -21.29 -52.02
C LYS A 357 -18.48 -21.56 -51.53
N THR A 358 -18.19 -21.31 -50.25
CA THR A 358 -16.99 -21.80 -49.57
C THR A 358 -17.07 -23.30 -49.34
N GLY A 359 -18.28 -23.86 -49.36
CA GLY A 359 -18.42 -25.29 -49.55
C GLY A 359 -17.79 -25.81 -50.84
N MET A 360 -17.72 -24.97 -51.87
CA MET A 360 -16.92 -25.22 -53.06
C MET A 360 -15.62 -24.40 -52.96
N SER A 361 -14.81 -24.44 -54.02
CA SER A 361 -13.50 -23.81 -53.95
C SER A 361 -13.09 -23.00 -55.16
N TYR A 362 -13.89 -22.96 -56.23
CA TYR A 362 -13.48 -22.24 -57.44
C TYR A 362 -13.45 -20.74 -57.21
N HIS A 363 -14.44 -20.20 -56.49
CA HIS A 363 -14.50 -18.76 -56.37
C HIS A 363 -13.48 -18.29 -55.34
N GLU A 364 -13.13 -19.13 -54.39
CA GLU A 364 -12.06 -18.75 -53.48
C GLU A 364 -10.68 -18.93 -54.09
N LEU A 365 -10.53 -19.79 -55.11
CA LEU A 365 -9.34 -19.68 -55.94
C LEU A 365 -9.33 -18.35 -56.69
N ASP A 366 -10.44 -18.03 -57.36
CA ASP A 366 -10.55 -16.80 -58.15
C ASP A 366 -10.64 -15.54 -57.30
N GLU A 367 -10.70 -15.66 -55.98
CA GLU A 367 -10.75 -14.51 -55.10
C GLU A 367 -9.54 -14.43 -54.18
N ARG A 368 -8.91 -15.54 -53.83
CA ARG A 368 -7.56 -15.49 -53.26
C ARG A 368 -6.61 -14.88 -54.28
N LEU A 369 -6.72 -15.30 -55.54
CA LEU A 369 -6.18 -14.49 -56.61
C LEU A 369 -6.95 -13.18 -56.61
N GLU A 370 -6.32 -12.12 -56.12
CA GLU A 370 -7.10 -11.09 -55.44
C GLU A 370 -7.74 -10.08 -56.39
N ASN A 371 -6.93 -9.27 -57.08
CA ASN A 371 -7.33 -8.11 -57.86
C ASN A 371 -6.12 -7.45 -58.49
N ASP B 3 16.93 -13.34 -34.58
CA ASP B 3 16.41 -14.68 -34.35
C ASP B 3 17.03 -15.68 -35.31
N ASN B 4 17.96 -15.19 -36.13
CA ASN B 4 18.74 -16.01 -37.06
C ASN B 4 20.10 -16.35 -36.49
N THR B 5 20.15 -16.65 -35.19
CA THR B 5 21.38 -16.62 -34.42
C THR B 5 22.24 -17.85 -34.69
N SER B 6 23.26 -18.04 -33.85
CA SER B 6 24.26 -19.07 -34.08
C SER B 6 24.78 -19.53 -32.73
N PRO B 7 24.15 -20.55 -32.14
CA PRO B 7 24.66 -21.11 -30.87
C PRO B 7 26.02 -21.74 -31.03
N ILE B 8 26.13 -22.73 -31.93
CA ILE B 8 27.37 -23.48 -32.09
C ILE B 8 27.47 -24.14 -33.45
N SER B 9 28.64 -24.03 -34.08
CA SER B 9 29.07 -24.89 -35.15
C SER B 9 30.36 -25.55 -34.69
N VAL B 10 30.38 -26.87 -34.64
CA VAL B 10 31.43 -27.58 -33.92
C VAL B 10 31.89 -28.79 -34.72
N ILE B 11 33.21 -29.04 -34.67
CA ILE B 11 33.80 -30.29 -35.11
C ILE B 11 34.68 -30.80 -33.97
N LEU B 12 34.09 -31.60 -33.08
CA LEU B 12 34.83 -32.27 -32.02
C LEU B 12 35.35 -33.61 -32.51
N VAL B 13 36.57 -33.95 -32.12
CA VAL B 13 37.10 -35.28 -32.40
C VAL B 13 36.62 -36.15 -31.24
N SER B 14 35.38 -36.61 -31.36
CA SER B 14 34.72 -37.37 -30.31
C SER B 14 34.77 -38.86 -30.58
N SER B 15 35.03 -39.24 -31.82
CA SER B 15 34.74 -40.57 -32.30
C SER B 15 35.83 -41.07 -33.23
N GLY B 16 37.08 -40.92 -32.83
CA GLY B 16 38.15 -41.42 -33.66
C GLY B 16 38.38 -42.90 -33.47
N SER B 17 37.87 -43.70 -34.40
CA SER B 17 37.97 -45.16 -34.35
C SER B 17 38.57 -45.64 -35.66
N ARG B 18 39.89 -45.75 -35.70
CA ARG B 18 40.62 -45.99 -36.93
C ARG B 18 42.04 -46.44 -36.57
N GLY B 19 42.93 -46.40 -37.55
CA GLY B 19 44.25 -46.98 -37.38
C GLY B 19 45.31 -46.19 -36.62
N ASN B 20 45.79 -45.08 -37.18
CA ASN B 20 47.05 -44.49 -36.72
C ASN B 20 47.03 -42.97 -36.86
N LYS B 21 47.88 -42.33 -36.05
CA LYS B 21 48.36 -40.95 -36.23
C LYS B 21 47.23 -39.93 -36.07
N LEU B 22 46.60 -39.99 -34.89
CA LEU B 22 45.68 -38.95 -34.40
C LEU B 22 45.53 -39.09 -32.89
N LEU B 23 44.44 -38.53 -32.35
CA LEU B 23 44.03 -38.47 -30.94
C LEU B 23 44.38 -39.62 -30.01
N PHE B 24 44.32 -40.87 -30.48
CA PHE B 24 43.75 -42.04 -29.78
C PHE B 24 43.81 -42.05 -28.26
N ARG B 25 44.98 -41.77 -27.68
CA ARG B 25 45.07 -41.60 -26.24
C ARG B 25 45.92 -40.41 -25.82
N TYR B 26 46.39 -39.60 -26.76
CA TYR B 26 47.20 -38.41 -26.55
C TYR B 26 46.28 -37.19 -26.57
N PRO B 27 46.75 -35.97 -26.33
CA PRO B 27 45.90 -34.80 -26.63
C PRO B 27 45.62 -34.65 -28.11
N PHE B 28 44.66 -33.76 -28.39
CA PHE B 28 44.01 -33.65 -29.70
C PHE B 28 45.00 -33.32 -30.80
N GLN B 29 45.02 -34.16 -31.83
CA GLN B 29 46.13 -34.18 -32.77
C GLN B 29 45.74 -34.95 -34.02
N ARG B 30 46.11 -34.40 -35.18
CA ARG B 30 45.76 -34.90 -36.51
C ARG B 30 46.82 -34.38 -37.48
N SER B 31 46.97 -35.09 -38.60
CA SER B 31 47.71 -34.60 -39.77
C SER B 31 47.29 -33.19 -40.14
N GLN B 32 48.29 -32.30 -40.19
CA GLN B 32 48.19 -30.86 -40.47
C GLN B 32 47.38 -30.06 -39.45
N GLU B 33 47.09 -30.61 -38.26
CA GLU B 33 46.46 -29.82 -37.19
C GLU B 33 46.72 -30.47 -35.84
N HIS B 34 47.55 -29.85 -35.02
CA HIS B 34 47.83 -30.35 -33.67
C HIS B 34 47.83 -29.24 -32.62
N PRO B 35 46.65 -28.86 -32.13
CA PRO B 35 46.64 -28.15 -30.84
C PRO B 35 46.82 -29.15 -29.69
N ALA B 36 48.03 -29.21 -29.15
CA ALA B 36 48.41 -30.29 -28.25
C ALA B 36 49.17 -29.70 -27.08
N SER B 37 49.80 -30.59 -26.29
CA SER B 37 50.57 -30.26 -25.08
C SER B 37 49.71 -29.52 -24.06
N GLN B 38 48.44 -29.94 -23.97
CA GLN B 38 47.46 -29.49 -22.97
C GLN B 38 47.23 -27.97 -23.04
N THR B 39 46.70 -27.53 -24.17
CA THR B 39 46.27 -26.16 -24.38
C THR B 39 44.78 -26.03 -24.04
N SER B 40 44.15 -24.93 -24.46
CA SER B 40 42.75 -24.62 -24.13
C SER B 40 41.74 -25.59 -24.76
N LYS B 41 42.15 -26.34 -25.80
CA LYS B 41 41.40 -27.35 -26.56
C LYS B 41 40.10 -26.86 -27.20
N PRO B 42 40.13 -25.99 -28.23
CA PRO B 42 38.86 -25.58 -28.87
C PRO B 42 38.49 -26.38 -30.10
N ARG B 43 37.19 -26.64 -30.28
CA ARG B 43 36.66 -27.29 -31.47
C ARG B 43 35.38 -26.65 -31.97
N SER B 44 34.92 -25.58 -31.33
CA SER B 44 33.60 -25.01 -31.53
C SER B 44 33.68 -23.76 -32.39
N ARG B 45 32.54 -23.06 -32.51
CA ARG B 45 32.23 -22.06 -33.50
C ARG B 45 33.19 -20.87 -33.56
N TYR B 46 33.24 -20.06 -32.51
CA TYR B 46 33.95 -18.79 -32.59
C TYR B 46 35.32 -19.00 -31.97
N ALA B 47 36.27 -19.42 -32.80
CA ALA B 47 37.60 -19.82 -32.35
C ALA B 47 38.63 -19.32 -33.35
N ALA B 48 39.60 -18.55 -32.86
CA ALA B 48 40.74 -18.16 -33.68
C ALA B 48 41.60 -19.39 -33.94
N SER B 49 41.87 -19.65 -35.22
CA SER B 49 42.32 -20.98 -35.66
C SER B 49 43.55 -20.87 -36.55
N ASN B 50 44.66 -21.42 -36.06
CA ASN B 50 45.83 -21.77 -36.86
C ASN B 50 46.49 -22.92 -36.11
N THR B 51 47.76 -23.18 -36.40
CA THR B 51 48.46 -24.16 -35.57
C THR B 51 48.01 -24.01 -34.12
N GLY B 52 48.09 -22.80 -33.59
CA GLY B 52 47.54 -22.51 -32.28
C GLY B 52 46.15 -21.90 -32.37
N ASP B 53 45.41 -21.98 -31.28
CA ASP B 53 44.00 -21.66 -31.36
C ASP B 53 43.46 -21.15 -30.03
N HIS B 54 42.37 -20.39 -30.14
CA HIS B 54 41.77 -19.67 -29.03
C HIS B 54 40.25 -19.84 -29.11
N ALA B 55 39.63 -20.24 -28.01
CA ALA B 55 38.18 -20.40 -27.99
C ALA B 55 37.48 -19.12 -27.54
N ASP B 56 36.21 -19.01 -27.92
CA ASP B 56 35.32 -18.01 -27.35
C ASP B 56 33.95 -18.65 -27.14
N GLU B 57 33.23 -18.16 -26.13
CA GLU B 57 31.89 -18.65 -25.80
C GLU B 57 30.98 -17.45 -25.66
N GLN B 58 29.96 -17.35 -26.51
CA GLN B 58 29.13 -16.16 -26.59
C GLN B 58 27.67 -16.38 -26.21
N ASP B 59 26.93 -17.27 -26.88
CA ASP B 59 25.50 -17.43 -26.58
C ASP B 59 25.00 -18.82 -26.98
N GLY B 60 24.54 -19.57 -25.98
CA GLY B 60 23.84 -20.82 -26.19
C GLY B 60 22.75 -21.01 -25.16
N ASP B 61 22.63 -20.03 -24.25
CA ASP B 61 21.60 -19.93 -23.22
C ASP B 61 21.55 -21.15 -22.30
N SER B 62 22.68 -21.81 -22.09
CA SER B 62 22.72 -23.02 -21.27
C SER B 62 24.08 -23.08 -20.59
N ARG B 63 24.41 -24.24 -20.03
CA ARG B 63 25.65 -24.45 -19.29
C ARG B 63 26.69 -24.97 -20.28
N PHE B 64 27.67 -24.14 -20.60
CA PHE B 64 28.45 -24.31 -21.82
C PHE B 64 29.44 -25.47 -21.74
N SER B 65 30.11 -25.63 -20.60
CA SER B 65 30.95 -26.81 -20.42
C SER B 65 30.12 -28.07 -20.37
N ASP B 66 28.91 -27.99 -19.81
CA ASP B 66 27.97 -29.10 -19.86
C ASP B 66 27.50 -29.33 -21.30
N VAL B 67 27.36 -28.26 -22.08
CA VAL B 67 27.02 -28.39 -23.49
C VAL B 67 28.13 -29.13 -24.25
N ILE B 68 29.39 -28.82 -23.94
CA ILE B 68 30.51 -29.48 -24.61
C ILE B 68 30.61 -30.95 -24.20
N LEU B 69 30.55 -31.22 -22.89
CA LEU B 69 30.74 -32.58 -22.40
C LEU B 69 29.56 -33.47 -22.74
N ALA B 70 28.36 -32.90 -22.90
CA ALA B 70 27.24 -33.67 -23.41
C ALA B 70 27.24 -33.77 -24.92
N THR B 71 27.87 -32.82 -25.62
CA THR B 71 27.96 -32.86 -27.08
C THR B 71 28.89 -33.98 -27.53
N ILE B 72 29.98 -34.17 -26.78
CA ILE B 72 30.96 -35.25 -27.01
C ILE B 72 30.26 -36.60 -27.11
N LEU B 73 29.37 -36.88 -26.16
CA LEU B 73 28.67 -38.14 -26.11
C LEU B 73 27.26 -38.07 -26.66
N ALA B 74 26.83 -36.92 -27.17
CA ALA B 74 25.46 -36.76 -27.66
C ALA B 74 25.43 -36.18 -29.07
N THR B 75 26.50 -36.36 -29.84
CA THR B 75 26.43 -36.07 -31.27
C THR B 75 26.87 -37.26 -32.12
N LYS B 76 27.54 -38.25 -31.54
CA LYS B 76 27.89 -39.47 -32.26
C LYS B 76 26.66 -40.35 -32.47
N SER B 77 26.54 -40.88 -33.69
CA SER B 77 25.55 -41.90 -34.01
C SER B 77 26.26 -43.15 -34.52
N GLU B 78 25.74 -44.32 -34.14
CA GLU B 78 26.38 -45.56 -34.56
C GLU B 78 25.94 -45.99 -35.96
N MET B 79 24.66 -45.84 -36.28
CA MET B 79 24.15 -46.15 -37.60
C MET B 79 24.02 -44.87 -38.41
N CYS B 80 24.36 -44.93 -39.70
CA CYS B 80 24.56 -43.75 -40.51
C CYS B 80 23.23 -43.05 -40.82
N GLY B 81 23.33 -41.93 -41.52
CA GLY B 81 22.21 -41.04 -41.73
C GLY B 81 22.39 -39.75 -40.95
N GLN B 82 21.37 -38.90 -41.04
CA GLN B 82 21.40 -37.57 -40.45
C GLN B 82 20.25 -37.42 -39.46
N LYS B 83 20.53 -36.74 -38.35
CA LYS B 83 19.65 -36.75 -37.19
C LYS B 83 19.22 -35.33 -36.82
N PHE B 84 18.37 -35.27 -35.80
CA PHE B 84 17.92 -34.00 -35.24
C PHE B 84 17.60 -34.21 -33.76
N GLU B 85 17.97 -33.22 -32.94
CA GLU B 85 17.84 -33.32 -31.49
C GLU B 85 17.36 -31.97 -30.98
N LEU B 86 16.15 -31.94 -30.43
CA LEU B 86 15.59 -30.73 -29.82
C LEU B 86 15.68 -30.92 -28.32
N LYS B 87 16.58 -30.18 -27.67
CA LYS B 87 16.83 -30.63 -26.30
C LYS B 87 15.81 -30.05 -25.34
N ILE B 88 16.06 -28.85 -24.86
CA ILE B 88 15.19 -28.01 -24.04
C ILE B 88 14.52 -27.07 -25.03
N ASP B 89 13.54 -26.29 -24.56
CA ASP B 89 12.71 -25.39 -25.37
C ASP B 89 13.49 -24.47 -26.32
N ASN B 90 14.72 -24.10 -25.98
CA ASN B 90 15.45 -23.13 -26.79
C ASN B 90 16.87 -23.58 -27.11
N VAL B 91 17.05 -24.84 -27.50
CA VAL B 91 18.26 -25.27 -28.19
C VAL B 91 17.94 -26.47 -29.07
N ARG B 92 18.41 -26.41 -30.32
CA ARG B 92 18.23 -27.47 -31.28
C ARG B 92 19.60 -27.85 -31.83
N PHE B 93 19.69 -29.04 -32.41
CA PHE B 93 20.90 -29.51 -33.07
C PHE B 93 20.48 -30.32 -34.29
N VAL B 94 20.68 -29.75 -35.48
CA VAL B 94 20.39 -30.46 -36.72
C VAL B 94 21.67 -31.23 -37.05
N GLY B 95 21.72 -32.48 -36.62
CA GLY B 95 22.98 -33.19 -36.60
C GLY B 95 23.27 -33.91 -37.90
N HIS B 96 24.53 -33.83 -38.34
CA HIS B 96 24.95 -34.46 -39.58
C HIS B 96 26.24 -35.22 -39.37
N PRO B 97 26.16 -36.50 -39.08
CA PRO B 97 27.34 -37.36 -39.17
C PRO B 97 27.42 -38.02 -40.54
N THR B 98 28.61 -38.53 -40.84
CA THR B 98 28.81 -39.48 -41.91
C THR B 98 30.06 -40.29 -41.55
N LEU B 99 30.24 -41.43 -42.23
CA LEU B 99 31.30 -42.35 -41.85
C LEU B 99 31.96 -42.93 -43.09
N LEU B 100 33.28 -42.98 -43.07
CA LEU B 100 34.08 -43.66 -44.09
C LEU B 100 35.26 -44.29 -43.37
N GLN B 101 35.10 -45.53 -42.92
CA GLN B 101 36.17 -46.25 -42.23
C GLN B 101 36.79 -47.27 -43.18
N HIS B 102 38.02 -46.99 -43.61
CA HIS B 102 38.81 -47.87 -44.46
C HIS B 102 40.28 -47.47 -44.36
N ALA B 103 41.15 -48.45 -44.15
CA ALA B 103 42.58 -48.23 -44.04
C ALA B 103 43.24 -48.64 -45.36
N LEU B 104 43.78 -47.65 -46.08
CA LEU B 104 44.41 -47.81 -47.39
C LEU B 104 43.47 -48.46 -48.41
N GLY B 105 42.19 -48.10 -48.33
CA GLY B 105 41.22 -48.54 -49.32
C GLY B 105 40.87 -47.41 -50.26
N GLN B 106 40.94 -46.18 -49.71
CA GLN B 106 40.69 -44.86 -50.32
C GLN B 106 39.52 -44.82 -51.30
N ILE B 107 38.44 -45.53 -50.95
CA ILE B 107 37.24 -45.84 -51.78
C ILE B 107 37.44 -45.85 -53.29
N LYS B 115 47.68 -42.01 -52.90
CA LYS B 115 48.39 -42.46 -51.71
C LYS B 115 48.39 -41.38 -50.62
N ARG B 116 48.25 -41.80 -49.38
CA ARG B 116 48.35 -40.89 -48.24
C ARG B 116 49.37 -41.44 -47.26
N GLU B 117 49.69 -40.62 -46.26
CA GLU B 117 50.68 -41.04 -45.26
C GLU B 117 50.10 -42.05 -44.28
N ALA B 118 48.79 -41.96 -43.97
CA ALA B 118 48.11 -42.78 -42.98
C ALA B 118 46.61 -42.59 -43.09
N PRO B 119 45.82 -43.64 -42.86
CA PRO B 119 44.37 -43.45 -42.82
C PRO B 119 43.92 -42.82 -41.52
N THR B 120 43.58 -41.53 -41.56
CA THR B 120 43.02 -40.85 -40.41
C THR B 120 41.61 -40.43 -40.79
N MET B 121 40.66 -41.36 -40.60
CA MET B 121 39.28 -41.16 -41.01
C MET B 121 38.35 -41.53 -39.86
N ILE B 122 37.49 -40.59 -39.48
CA ILE B 122 36.66 -40.73 -38.29
C ILE B 122 35.19 -40.83 -38.66
N LEU B 123 34.35 -41.04 -37.65
CA LEU B 123 32.95 -40.68 -37.74
C LEU B 123 32.86 -39.15 -37.73
N PHE B 124 32.40 -38.57 -38.82
CA PHE B 124 32.47 -37.13 -39.02
C PHE B 124 31.47 -36.40 -38.14
N ASN B 125 31.87 -35.23 -37.64
CA ASN B 125 31.23 -34.62 -36.48
C ASN B 125 31.02 -33.11 -36.68
N VAL B 126 30.53 -32.71 -37.84
CA VAL B 126 30.30 -31.30 -38.15
C VAL B 126 28.82 -30.99 -37.92
N VAL B 127 28.53 -30.03 -37.05
CA VAL B 127 27.12 -29.71 -36.79
C VAL B 127 26.98 -28.25 -36.35
N PHE B 128 25.94 -27.59 -36.85
CA PHE B 128 25.55 -26.24 -36.50
C PHE B 128 24.14 -26.25 -35.89
N ALA B 129 23.87 -25.27 -35.02
CA ALA B 129 22.68 -25.25 -34.17
C ALA B 129 21.78 -24.05 -34.49
N LEU B 130 20.69 -23.92 -33.72
CA LEU B 130 19.75 -22.81 -33.78
C LEU B 130 18.88 -22.89 -32.53
N ARG B 131 18.24 -21.77 -32.17
CA ARG B 131 17.38 -21.72 -30.98
C ARG B 131 15.93 -21.35 -31.31
N ALA B 132 15.04 -22.33 -31.18
CA ALA B 132 13.64 -22.27 -30.77
C ALA B 132 12.62 -21.76 -31.81
N ASN B 133 13.02 -21.20 -32.94
CA ASN B 133 12.01 -20.75 -33.93
C ASN B 133 12.46 -21.06 -35.36
N ALA B 134 12.91 -22.29 -35.58
CA ALA B 134 13.56 -22.67 -36.83
C ALA B 134 12.57 -22.76 -37.99
N ASP B 135 13.07 -23.19 -39.14
CA ASP B 135 12.37 -23.11 -40.39
C ASP B 135 12.88 -24.31 -41.19
N PRO B 136 11.98 -25.09 -41.81
CA PRO B 136 12.45 -26.22 -42.64
C PRO B 136 13.33 -25.83 -43.81
N SER B 137 13.22 -24.58 -44.31
CA SER B 137 14.17 -24.09 -45.29
C SER B 137 15.57 -23.98 -44.68
N VAL B 138 15.66 -23.53 -43.42
CA VAL B 138 16.94 -23.44 -42.74
C VAL B 138 17.50 -24.83 -42.48
N ILE B 139 16.62 -25.78 -42.14
CA ILE B 139 17.03 -27.17 -41.93
C ILE B 139 17.59 -27.77 -43.20
N ASN B 140 16.91 -27.53 -44.34
CA ASN B 140 17.36 -28.03 -45.63
C ASN B 140 18.69 -27.39 -46.04
N CYS B 141 18.86 -26.10 -45.72
CA CYS B 141 20.13 -25.42 -45.96
C CYS B 141 21.26 -26.06 -45.18
N LEU B 142 21.02 -26.39 -43.91
CA LEU B 142 22.09 -26.99 -43.10
C LEU B 142 22.39 -28.41 -43.54
N HIS B 143 21.37 -29.16 -43.97
CA HIS B 143 21.59 -30.50 -44.55
C HIS B 143 22.45 -30.43 -45.81
N ASN B 144 22.16 -29.47 -46.70
CA ASN B 144 22.89 -29.41 -47.96
C ASN B 144 24.32 -28.92 -47.75
N LEU B 145 24.52 -27.94 -46.86
CA LEU B 145 25.86 -27.48 -46.53
C LEU B 145 26.69 -28.59 -45.91
N SER B 146 26.09 -29.39 -45.04
CA SER B 146 26.83 -30.49 -44.42
C SER B 146 27.17 -31.58 -45.42
N ARG B 147 26.22 -31.92 -46.31
CA ARG B 147 26.48 -32.89 -47.37
C ARG B 147 27.61 -32.44 -48.29
N ARG B 148 27.70 -31.14 -48.54
CA ARG B 148 28.77 -30.68 -49.42
C ARG B 148 30.11 -30.55 -48.69
N ILE B 149 30.08 -30.27 -47.38
CA ILE B 149 31.33 -30.17 -46.63
C ILE B 149 31.98 -31.54 -46.44
N ALA B 150 31.20 -32.54 -46.03
CA ALA B 150 31.76 -33.71 -45.37
C ALA B 150 32.15 -34.83 -46.33
N THR B 151 32.59 -34.51 -47.56
CA THR B 151 32.67 -35.52 -48.61
C THR B 151 33.69 -36.63 -48.42
N VAL B 152 34.96 -36.38 -48.73
CA VAL B 152 36.00 -37.40 -48.60
C VAL B 152 37.22 -36.79 -47.89
N LEU B 153 37.79 -35.76 -48.51
CA LEU B 153 39.07 -35.17 -48.14
C LEU B 153 40.15 -36.25 -48.06
N GLN B 154 40.55 -36.78 -49.24
CA GLN B 154 41.46 -37.91 -49.42
C GLN B 154 42.66 -37.93 -48.47
N HIS B 155 43.47 -36.87 -48.51
CA HIS B 155 44.35 -36.57 -47.40
C HIS B 155 43.57 -35.72 -46.42
N GLU B 156 43.44 -36.18 -45.18
CA GLU B 156 42.56 -35.52 -44.23
C GLU B 156 43.12 -34.17 -43.82
N GLU B 157 42.33 -33.12 -44.03
CA GLU B 157 42.78 -31.75 -43.79
C GLU B 157 41.72 -31.00 -43.01
N ARG B 158 42.03 -30.64 -41.76
CA ARG B 158 41.14 -29.78 -40.99
C ARG B 158 41.41 -28.32 -41.34
N ARG B 159 41.01 -27.95 -42.54
CA ARG B 159 41.15 -26.56 -42.98
C ARG B 159 40.10 -25.72 -42.28
N CYS B 160 40.52 -24.97 -41.27
CA CYS B 160 39.61 -24.16 -40.47
C CYS B 160 39.43 -22.76 -41.04
N GLN B 161 40.12 -22.43 -42.13
CA GLN B 161 39.85 -21.16 -42.81
C GLN B 161 38.47 -21.19 -43.44
N TYR B 162 38.05 -22.34 -43.97
CA TYR B 162 36.67 -22.49 -44.39
C TYR B 162 35.70 -22.46 -43.21
N LEU B 163 36.15 -22.86 -42.01
CA LEU B 163 35.31 -22.70 -40.82
C LEU B 163 35.11 -21.23 -40.48
N THR B 164 36.17 -20.42 -40.63
CA THR B 164 36.04 -19.00 -40.34
C THR B 164 35.19 -18.30 -41.40
N ARG B 165 35.35 -18.67 -42.67
CA ARG B 165 34.47 -18.14 -43.72
C ARG B 165 33.03 -18.60 -43.54
N GLU B 166 32.81 -19.80 -42.97
CA GLU B 166 31.46 -20.27 -42.73
C GLU B 166 30.80 -19.55 -41.54
N ALA B 167 31.57 -19.34 -40.47
CA ALA B 167 31.05 -18.60 -39.32
C ALA B 167 30.76 -17.15 -39.67
N LYS B 168 31.54 -16.55 -40.58
CA LYS B 168 31.17 -15.24 -41.10
C LYS B 168 30.03 -15.31 -42.09
N LEU B 169 29.91 -16.43 -42.80
CA LEU B 169 28.86 -16.62 -43.80
C LEU B 169 27.48 -16.66 -43.15
N ILE B 170 27.39 -17.24 -41.96
CA ILE B 170 26.08 -17.43 -41.34
C ILE B 170 25.53 -16.10 -40.83
N LEU B 171 26.33 -15.36 -40.06
CA LEU B 171 25.88 -14.07 -39.53
C LEU B 171 25.86 -12.98 -40.59
N ALA B 172 26.70 -13.08 -41.63
CA ALA B 172 26.90 -11.95 -42.53
C ALA B 172 25.71 -11.77 -43.47
N LEU B 173 25.44 -12.77 -44.30
CA LEU B 173 24.49 -12.65 -45.39
C LEU B 173 23.25 -13.48 -45.11
N GLN B 174 22.09 -12.80 -45.03
CA GLN B 174 20.85 -13.44 -44.62
C GLN B 174 20.33 -14.39 -45.68
N ASP B 175 20.44 -14.01 -46.95
CA ASP B 175 19.93 -14.82 -48.05
C ASP B 175 21.00 -15.83 -48.46
N GLU B 176 20.54 -16.97 -48.98
CA GLU B 176 21.43 -18.10 -49.19
C GLU B 176 22.31 -17.91 -50.42
N VAL B 177 21.70 -17.88 -51.60
CA VAL B 177 22.41 -17.60 -52.85
C VAL B 177 21.37 -17.14 -53.87
N SER B 178 21.77 -16.23 -54.75
CA SER B 178 20.87 -15.65 -55.74
C SER B 178 21.72 -15.11 -56.89
N ALA B 179 21.11 -14.30 -57.74
CA ALA B 179 21.82 -13.68 -58.84
C ALA B 179 21.14 -12.35 -59.20
N MET B 180 21.97 -11.34 -59.48
CA MET B 180 21.43 -10.07 -59.98
C MET B 180 20.87 -10.23 -61.39
N ALA B 181 21.53 -11.02 -62.22
CA ALA B 181 21.00 -11.36 -63.53
C ALA B 181 19.99 -12.48 -63.38
N ASP B 182 18.75 -12.20 -63.77
CA ASP B 182 17.67 -13.16 -63.72
C ASP B 182 17.08 -13.32 -65.11
N GLY B 183 16.39 -14.44 -65.32
CA GLY B 183 16.01 -14.82 -66.66
C GLY B 183 14.67 -14.25 -67.08
N ASN B 184 13.68 -15.12 -67.25
CA ASN B 184 12.46 -14.75 -67.94
C ASN B 184 11.38 -15.77 -67.63
N GLU B 185 10.13 -15.41 -67.94
CA GLU B 185 9.00 -16.34 -67.93
C GLU B 185 8.45 -16.39 -69.35
N GLY B 186 8.79 -17.45 -70.07
CA GLY B 186 8.21 -17.67 -71.37
C GLY B 186 6.92 -18.44 -71.21
N PRO B 187 6.82 -19.59 -71.88
CA PRO B 187 5.63 -20.43 -71.70
C PRO B 187 5.84 -21.56 -70.70
N GLN B 188 7.08 -21.78 -70.24
CA GLN B 188 7.45 -23.07 -69.68
C GLN B 188 8.03 -23.01 -68.27
N SER B 189 8.67 -21.87 -67.95
CA SER B 189 9.39 -21.76 -66.69
C SER B 189 8.57 -21.91 -65.40
N PRO B 190 7.32 -21.43 -65.25
CA PRO B 190 6.65 -21.67 -63.96
C PRO B 190 6.29 -23.12 -63.73
N PHE B 191 5.95 -23.84 -64.80
CA PHE B 191 5.72 -25.28 -64.69
C PHE B 191 7.00 -26.01 -64.34
N HIS B 192 8.11 -25.62 -65.00
CA HIS B 192 9.39 -26.25 -64.72
C HIS B 192 9.88 -25.96 -63.30
N HIS B 193 9.52 -24.80 -62.75
CA HIS B 193 9.65 -24.57 -61.32
C HIS B 193 8.79 -25.56 -60.54
N ILE B 194 7.47 -25.49 -60.75
CA ILE B 194 6.50 -25.94 -59.76
C ILE B 194 6.21 -27.44 -59.84
N LEU B 195 6.76 -28.16 -60.83
CA LEU B 195 6.45 -29.59 -60.82
C LEU B 195 7.17 -30.36 -59.70
N PRO B 196 8.49 -30.14 -59.40
CA PRO B 196 8.98 -30.63 -58.10
C PRO B 196 8.95 -29.59 -56.98
N LYS B 197 8.93 -28.30 -57.39
CA LYS B 197 8.93 -27.05 -56.61
C LYS B 197 10.27 -26.77 -55.91
N CYS B 198 11.11 -27.79 -55.73
CA CYS B 198 12.38 -27.64 -55.03
C CYS B 198 13.29 -28.77 -55.50
N LYS B 199 14.22 -28.46 -56.40
CA LYS B 199 15.14 -29.50 -56.84
C LYS B 199 16.34 -29.60 -55.91
N LEU B 200 17.06 -28.50 -55.69
CA LEU B 200 18.23 -28.52 -54.82
C LEU B 200 18.50 -27.12 -54.26
N ALA B 201 18.10 -26.89 -53.01
CA ALA B 201 18.72 -25.91 -52.11
C ALA B 201 18.58 -24.45 -52.56
N ARG B 202 17.43 -24.12 -53.16
CA ARG B 202 17.05 -22.75 -53.57
C ARG B 202 18.11 -22.13 -54.48
N ASP B 203 18.23 -22.72 -55.66
CA ASP B 203 19.27 -22.32 -56.60
C ASP B 203 18.63 -21.75 -57.86
N LEU B 204 18.61 -20.42 -57.94
CA LEU B 204 18.12 -19.73 -59.12
C LEU B 204 18.92 -20.12 -60.35
N LYS B 205 20.24 -20.26 -60.18
CA LYS B 205 21.14 -20.57 -61.28
C LYS B 205 20.88 -21.97 -61.84
N GLU B 206 20.67 -22.96 -60.97
CA GLU B 206 20.29 -24.30 -61.38
C GLU B 206 18.92 -24.29 -62.06
N ALA B 207 18.00 -23.47 -61.54
CA ALA B 207 16.65 -23.39 -62.09
C ALA B 207 16.66 -22.86 -63.52
N TYR B 208 17.29 -21.69 -63.73
CA TYR B 208 17.28 -21.15 -65.08
C TYR B 208 18.17 -21.93 -66.03
N ASP B 209 19.24 -22.59 -65.54
CA ASP B 209 20.05 -23.38 -66.46
C ASP B 209 19.32 -24.66 -66.89
N SER B 210 18.65 -25.32 -65.94
CA SER B 210 17.91 -26.53 -66.28
C SER B 210 16.74 -26.24 -67.20
N LEU B 211 16.11 -25.08 -67.05
CA LEU B 211 15.10 -24.72 -68.05
C LEU B 211 15.74 -24.16 -69.31
N CYS B 212 16.98 -23.66 -69.21
CA CYS B 212 17.62 -22.95 -70.29
C CYS B 212 18.09 -23.90 -71.37
N THR B 213 18.75 -24.99 -70.99
CA THR B 213 19.03 -26.04 -71.96
C THR B 213 17.83 -26.98 -72.16
N SER B 214 16.71 -26.70 -71.49
CA SER B 214 15.47 -27.49 -71.53
C SER B 214 15.69 -28.92 -71.06
N GLY B 215 16.67 -29.11 -70.19
CA GLY B 215 16.99 -30.43 -69.66
C GLY B 215 17.68 -30.31 -68.33
N VAL B 216 17.57 -31.35 -67.51
CA VAL B 216 18.03 -31.31 -66.13
C VAL B 216 19.48 -31.79 -66.06
N VAL B 217 20.34 -30.99 -65.43
CA VAL B 217 21.75 -31.31 -65.24
C VAL B 217 22.17 -30.78 -63.88
N ARG B 218 22.89 -31.60 -63.11
CA ARG B 218 23.20 -31.30 -61.71
C ARG B 218 24.71 -31.07 -61.55
N LEU B 219 25.12 -29.81 -61.67
CA LEU B 219 26.45 -29.36 -61.28
C LEU B 219 26.28 -28.48 -60.04
N HIS B 220 27.09 -28.73 -59.02
CA HIS B 220 26.78 -28.35 -57.64
C HIS B 220 26.80 -26.84 -57.44
N ILE B 221 26.06 -26.40 -56.41
CA ILE B 221 25.94 -24.99 -56.05
C ILE B 221 26.19 -24.85 -54.55
N ASN B 222 27.08 -23.94 -54.18
CA ASN B 222 27.39 -23.67 -52.78
C ASN B 222 26.54 -22.52 -52.26
N SER B 223 26.82 -22.07 -51.03
CA SER B 223 26.10 -20.94 -50.49
C SER B 223 26.86 -19.63 -50.71
N TRP B 224 28.04 -19.50 -50.10
CA TRP B 224 28.94 -18.39 -50.41
C TRP B 224 30.41 -18.78 -50.47
N LEU B 225 30.82 -19.92 -49.92
CA LEU B 225 32.17 -20.44 -50.07
C LEU B 225 32.12 -21.69 -50.93
N GLU B 226 32.95 -21.74 -51.96
CA GLU B 226 32.84 -22.78 -52.97
C GLU B 226 33.54 -24.06 -52.52
N VAL B 227 32.91 -25.20 -52.79
CA VAL B 227 33.41 -26.52 -52.43
C VAL B 227 33.32 -27.39 -53.67
N SER B 228 34.47 -27.72 -54.26
CA SER B 228 34.48 -28.66 -55.36
C SER B 228 34.59 -30.09 -54.84
N PHE B 229 34.39 -31.05 -55.73
CA PHE B 229 34.39 -32.47 -55.37
C PHE B 229 35.66 -33.09 -55.96
N CYS B 230 36.75 -33.00 -55.20
CA CYS B 230 38.04 -33.53 -55.64
C CYS B 230 38.14 -35.02 -55.37
N ILE B 243 24.21 -26.25 -74.92
CA ILE B 243 23.91 -25.86 -76.29
C ILE B 243 23.08 -24.57 -76.31
N PRO B 244 23.31 -23.73 -77.31
CA PRO B 244 22.40 -22.58 -77.54
C PRO B 244 21.26 -22.94 -78.48
N PRO B 245 20.02 -22.88 -78.01
CA PRO B 245 18.89 -22.79 -78.95
C PRO B 245 18.44 -21.36 -79.18
N GLU B 246 17.86 -21.08 -80.35
CA GLU B 246 17.38 -19.75 -80.69
C GLU B 246 16.10 -19.37 -79.98
N ALA B 247 15.40 -20.34 -79.37
CA ALA B 247 14.17 -20.03 -78.64
C ALA B 247 14.43 -19.22 -77.39
N ILE B 248 15.65 -19.28 -76.84
CA ILE B 248 16.01 -18.47 -75.68
C ILE B 248 16.05 -17.00 -76.06
N GLU B 249 16.81 -16.66 -77.09
CA GLU B 249 16.82 -15.26 -77.53
C GLU B 249 15.49 -14.86 -78.16
N ARG B 250 14.71 -15.82 -78.65
CA ARG B 250 13.36 -15.54 -79.15
C ARG B 250 12.41 -15.13 -78.04
N SER B 251 12.39 -15.86 -76.93
CA SER B 251 11.54 -15.51 -75.80
C SER B 251 12.19 -14.50 -74.87
N LEU B 252 13.43 -14.09 -75.16
CA LEU B 252 14.17 -13.15 -74.33
C LEU B 252 14.77 -12.00 -75.13
N LYS B 253 14.14 -11.60 -76.24
CA LYS B 253 14.59 -10.40 -76.98
C LYS B 253 14.59 -9.13 -76.14
N ALA B 254 13.44 -8.79 -75.54
CA ALA B 254 13.30 -7.48 -74.92
C ALA B 254 14.07 -7.37 -73.62
N ILE B 255 14.28 -8.47 -72.91
CA ILE B 255 14.97 -8.46 -71.62
C ILE B 255 16.07 -9.50 -71.66
N ARG B 256 17.32 -9.04 -71.60
CA ARG B 256 18.53 -9.79 -71.29
C ARG B 256 18.78 -11.06 -72.13
N PRO B 257 19.04 -10.96 -73.45
CA PRO B 257 19.45 -12.17 -74.17
C PRO B 257 20.94 -12.48 -74.09
N TYR B 258 21.79 -11.45 -74.08
CA TYR B 258 23.19 -11.62 -74.44
C TYR B 258 24.01 -12.20 -73.29
N HIS B 259 23.99 -11.52 -72.14
CA HIS B 259 24.71 -12.06 -70.99
C HIS B 259 24.04 -13.31 -70.42
N ALA B 260 22.75 -13.53 -70.70
CA ALA B 260 22.14 -14.80 -70.35
C ALA B 260 22.66 -15.93 -71.24
N LEU B 261 22.88 -15.65 -72.52
CA LEU B 261 23.57 -16.62 -73.38
C LEU B 261 25.02 -16.80 -72.96
N LEU B 262 25.63 -15.75 -72.42
CA LEU B 262 26.97 -15.90 -71.86
C LEU B 262 26.96 -16.76 -70.60
N LEU B 263 25.90 -16.68 -69.80
CA LEU B 263 25.77 -17.58 -68.66
C LEU B 263 25.51 -19.01 -69.11
N LEU B 264 24.79 -19.19 -70.22
CA LEU B 264 24.68 -20.49 -70.86
C LEU B 264 26.05 -21.02 -71.26
N SER B 265 26.91 -20.15 -71.78
CA SER B 265 28.27 -20.56 -72.13
C SER B 265 29.07 -20.90 -70.89
N ASP B 266 28.90 -20.14 -69.82
CA ASP B 266 29.61 -20.40 -68.57
C ASP B 266 29.16 -21.70 -67.92
N GLU B 267 27.88 -22.07 -68.11
CA GLU B 267 27.35 -23.29 -67.52
C GLU B 267 27.49 -24.52 -68.42
N LYS B 268 27.67 -24.33 -69.73
CA LYS B 268 28.06 -25.44 -70.59
C LYS B 268 29.57 -25.66 -70.57
N SER B 269 30.35 -24.69 -70.08
CA SER B 269 31.79 -24.80 -70.05
C SER B 269 32.33 -25.05 -68.65
N LEU B 270 31.99 -24.20 -67.69
CA LEU B 270 32.69 -24.19 -66.41
C LEU B 270 31.71 -24.50 -65.26
N LEU B 271 32.26 -24.51 -64.06
CA LEU B 271 31.53 -24.78 -62.83
C LEU B 271 32.35 -24.23 -61.66
N GLY B 272 31.72 -23.44 -60.80
CA GLY B 272 32.41 -22.75 -59.73
C GLY B 272 33.11 -21.48 -60.16
N GLU B 273 33.33 -21.28 -61.45
CA GLU B 273 33.95 -20.08 -62.00
C GLU B 273 32.89 -19.09 -62.47
N LEU B 274 31.79 -19.05 -61.72
CA LEU B 274 30.60 -18.23 -61.95
C LEU B 274 30.75 -16.75 -61.58
N PRO B 275 31.33 -16.32 -60.37
CA PRO B 275 31.33 -14.88 -60.07
C PRO B 275 32.30 -14.02 -60.87
N ILE B 276 32.96 -14.61 -61.87
CA ILE B 276 33.74 -13.83 -62.82
C ILE B 276 32.86 -13.28 -63.94
N ASP B 277 31.83 -14.02 -64.36
CA ASP B 277 30.97 -13.58 -65.45
C ASP B 277 29.53 -13.32 -65.03
N CYS B 278 29.17 -13.63 -63.78
CA CYS B 278 27.78 -13.45 -63.36
C CYS B 278 27.44 -11.97 -63.19
N SER B 279 28.06 -11.32 -62.23
CA SER B 279 27.87 -9.89 -62.04
C SER B 279 28.70 -8.95 -62.94
N PRO B 280 29.99 -9.18 -63.26
CA PRO B 280 30.70 -8.17 -64.06
C PRO B 280 30.34 -8.13 -65.53
N ALA B 281 29.52 -9.06 -66.03
CA ALA B 281 29.05 -8.94 -67.40
C ALA B 281 28.06 -7.80 -67.55
N LEU B 282 27.34 -7.49 -66.49
CA LEU B 282 26.37 -6.42 -66.47
C LEU B 282 27.08 -5.06 -66.41
N VAL B 292 15.27 10.78 -71.59
CA VAL B 292 14.00 10.56 -70.89
C VAL B 292 13.66 9.08 -70.90
N LYS B 293 13.37 8.57 -72.11
CA LYS B 293 12.89 7.20 -72.26
C LYS B 293 13.95 6.18 -71.85
N ASN B 294 15.22 6.45 -72.16
CA ASN B 294 16.26 5.48 -71.89
C ASN B 294 16.55 5.37 -70.40
N LEU B 295 16.64 6.52 -69.72
CA LEU B 295 16.84 6.51 -68.27
C LEU B 295 15.62 5.97 -67.55
N GLN B 296 14.41 6.17 -68.10
CA GLN B 296 13.25 5.54 -67.48
C GLN B 296 13.22 4.05 -67.73
N GLN B 297 13.80 3.59 -68.84
CA GLN B 297 13.94 2.15 -69.07
C GLN B 297 14.89 1.53 -68.04
N LEU B 298 16.01 2.20 -67.79
CA LEU B 298 16.91 1.75 -66.72
C LEU B 298 16.26 1.87 -65.34
N ALA B 299 15.39 2.86 -65.16
CA ALA B 299 14.65 2.97 -63.90
C ALA B 299 13.66 1.82 -63.74
N GLN B 300 13.04 1.40 -64.85
CA GLN B 300 12.16 0.24 -64.81
C GLN B 300 12.94 -1.02 -64.48
N ASP B 301 14.16 -1.15 -64.98
CA ASP B 301 14.99 -2.30 -64.63
C ASP B 301 15.38 -2.28 -63.14
N ALA B 302 15.83 -1.13 -62.65
CA ALA B 302 16.20 -1.00 -61.25
C ALA B 302 15.00 -1.09 -60.30
N ASP B 303 13.79 -0.87 -60.80
CA ASP B 303 12.59 -1.07 -60.00
C ASP B 303 12.07 -2.50 -60.06
N LEU B 304 12.15 -3.13 -61.23
CA LEU B 304 11.81 -4.54 -61.36
C LEU B 304 12.80 -5.43 -60.62
N ALA B 305 13.98 -4.92 -60.31
CA ALA B 305 14.89 -5.66 -59.45
C ALA B 305 14.31 -5.86 -58.04
N LEU B 306 13.56 -4.88 -57.52
CA LEU B 306 13.12 -5.10 -56.14
C LEU B 306 11.64 -4.94 -55.88
N LEU B 307 10.98 -3.93 -56.46
CA LEU B 307 9.82 -3.38 -55.75
C LEU B 307 8.59 -3.04 -56.58
N GLN B 308 8.54 -3.35 -57.86
CA GLN B 308 7.38 -3.01 -58.68
C GLN B 308 6.90 -4.24 -59.44
N VAL B 309 5.60 -4.50 -59.42
CA VAL B 309 5.04 -5.67 -60.07
C VAL B 309 4.30 -5.25 -61.33
N PHE B 310 3.89 -6.23 -62.11
CA PHE B 310 3.16 -5.94 -63.32
C PHE B 310 1.76 -6.52 -63.17
N GLN B 311 0.96 -6.38 -64.21
CA GLN B 311 -0.45 -6.71 -64.06
C GLN B 311 -0.96 -7.29 -65.36
N LEU B 312 -1.91 -8.23 -65.27
CA LEU B 312 -2.51 -8.79 -66.48
C LEU B 312 -3.99 -9.01 -66.22
N ALA B 313 -4.64 -9.74 -67.11
CA ALA B 313 -6.07 -9.97 -67.00
C ALA B 313 -6.40 -11.38 -67.47
N ALA B 314 -7.54 -11.89 -67.02
CA ALA B 314 -8.04 -13.16 -67.51
C ALA B 314 -9.56 -13.15 -67.56
N HIS B 315 -10.10 -14.28 -67.97
CA HIS B 315 -11.52 -14.45 -68.23
C HIS B 315 -11.98 -15.75 -67.58
N LEU B 316 -13.30 -15.94 -67.58
CA LEU B 316 -13.89 -17.18 -67.08
C LEU B 316 -15.32 -17.29 -67.61
N VAL B 317 -15.78 -18.54 -67.72
CA VAL B 317 -16.99 -18.89 -68.44
C VAL B 317 -18.14 -19.17 -67.48
N TYR B 318 -18.06 -18.61 -66.28
CA TYR B 318 -19.00 -18.98 -65.21
C TYR B 318 -20.07 -17.92 -65.05
N TRP B 319 -21.27 -18.21 -65.55
CA TRP B 319 -22.46 -17.42 -65.26
C TRP B 319 -23.68 -18.32 -65.49
N GLY B 320 -24.86 -17.75 -65.31
CA GLY B 320 -26.10 -18.49 -65.50
C GLY B 320 -26.97 -18.58 -64.27
N LYS B 321 -28.27 -18.78 -64.46
CA LYS B 321 -29.20 -18.91 -63.33
C LYS B 321 -30.35 -19.82 -63.75
N ALA B 322 -31.39 -19.87 -62.91
CA ALA B 322 -32.53 -20.73 -63.16
C ALA B 322 -33.39 -20.22 -64.31
N TYR B 334 -25.64 -14.40 -81.34
CA TYR B 334 -26.13 -15.60 -81.99
C TYR B 334 -25.45 -16.85 -81.46
N MET B 335 -24.13 -16.81 -81.40
CA MET B 335 -23.33 -17.97 -81.03
C MET B 335 -23.08 -18.04 -79.52
N LEU B 336 -23.96 -17.45 -78.72
CA LEU B 336 -23.85 -17.43 -77.26
C LEU B 336 -24.89 -18.33 -76.59
N SER B 337 -26.10 -18.38 -77.13
CA SER B 337 -27.16 -19.18 -76.51
C SER B 337 -26.93 -20.70 -76.52
N PRO B 338 -26.33 -21.35 -77.55
CA PRO B 338 -26.02 -22.78 -77.35
C PRO B 338 -24.95 -23.03 -76.31
N ASN B 339 -23.92 -22.17 -76.23
CA ASN B 339 -22.91 -22.32 -75.19
C ASN B 339 -23.52 -22.12 -73.81
N ALA B 340 -24.44 -21.17 -73.69
CA ALA B 340 -25.10 -20.91 -72.41
C ALA B 340 -25.98 -22.07 -71.99
N SER B 341 -26.71 -22.66 -72.94
CA SER B 341 -27.54 -23.82 -72.65
C SER B 341 -26.70 -25.03 -72.25
N VAL B 342 -25.61 -25.27 -73.00
CA VAL B 342 -24.72 -26.39 -72.72
C VAL B 342 -24.04 -26.24 -71.36
N CYS B 343 -23.68 -25.01 -71.00
CA CYS B 343 -23.13 -24.80 -69.66
C CYS B 343 -24.20 -24.91 -68.59
N LEU B 344 -25.46 -24.59 -68.91
CA LEU B 344 -26.49 -24.55 -67.88
C LEU B 344 -27.02 -25.95 -67.54
N TYR B 345 -27.67 -26.62 -68.49
CA TYR B 345 -28.39 -27.81 -68.06
C TYR B 345 -27.52 -29.07 -68.05
N SER B 346 -26.26 -28.94 -68.40
CA SER B 346 -25.37 -30.09 -68.58
C SER B 346 -23.98 -29.66 -68.20
N PRO B 347 -23.07 -30.61 -67.94
CA PRO B 347 -21.64 -30.28 -67.98
C PRO B 347 -21.19 -29.99 -69.41
N LEU B 348 -20.01 -29.40 -69.51
CA LEU B 348 -19.63 -28.66 -70.70
C LEU B 348 -18.79 -29.48 -71.69
N ALA B 349 -17.62 -29.99 -71.26
CA ALA B 349 -16.65 -30.59 -72.16
C ALA B 349 -17.13 -31.89 -72.78
N GLU B 350 -18.16 -32.51 -72.23
CA GLU B 350 -18.80 -33.65 -72.87
C GLU B 350 -19.59 -33.24 -74.10
N GLN B 351 -19.99 -31.97 -74.21
CA GLN B 351 -20.84 -31.52 -75.30
C GLN B 351 -20.15 -30.54 -76.24
N PHE B 352 -19.63 -29.40 -75.75
CA PHE B 352 -19.32 -28.34 -76.70
C PHE B 352 -18.00 -28.55 -77.43
N SER B 353 -17.30 -29.65 -77.19
CA SER B 353 -16.05 -29.94 -77.88
C SER B 353 -16.21 -30.87 -79.06
N HIS B 354 -17.44 -31.09 -79.54
CA HIS B 354 -17.69 -32.08 -80.58
C HIS B 354 -18.33 -31.54 -81.84
N GLN B 355 -19.09 -30.45 -81.76
CA GLN B 355 -19.88 -30.05 -82.92
C GLN B 355 -19.06 -29.29 -83.94
N PHE B 356 -18.07 -28.52 -83.50
CA PHE B 356 -17.31 -27.66 -84.41
C PHE B 356 -16.44 -28.39 -85.45
N PRO B 357 -16.00 -29.67 -85.26
CA PRO B 357 -15.53 -30.39 -86.46
C PRO B 357 -16.66 -31.12 -87.16
N SER B 358 -17.78 -31.33 -86.45
CA SER B 358 -18.84 -32.19 -86.95
C SER B 358 -19.68 -31.53 -88.04
N HIS B 359 -19.45 -30.24 -88.32
CA HIS B 359 -20.16 -29.56 -89.40
C HIS B 359 -19.20 -29.08 -90.48
N ASP B 360 -17.92 -29.42 -90.34
CA ASP B 360 -16.85 -29.08 -91.29
C ASP B 360 -16.72 -27.56 -91.46
N LEU B 361 -16.71 -26.86 -90.32
CA LEU B 361 -16.46 -25.42 -90.35
C LEU B 361 -15.80 -24.94 -89.06
N PRO B 362 -14.50 -24.58 -89.12
CA PRO B 362 -13.92 -23.76 -88.05
C PRO B 362 -14.21 -22.29 -88.29
N SER B 363 -14.93 -21.67 -87.37
CA SER B 363 -15.41 -20.31 -87.54
C SER B 363 -15.46 -19.65 -86.15
N VAL B 364 -16.28 -18.61 -86.04
CA VAL B 364 -16.36 -17.78 -84.84
C VAL B 364 -16.73 -18.61 -83.61
N LEU B 365 -17.68 -19.55 -83.76
CA LEU B 365 -18.05 -20.34 -82.59
C LEU B 365 -17.00 -21.39 -82.24
N ALA B 366 -16.22 -21.85 -83.20
CA ALA B 366 -15.14 -22.79 -82.88
C ALA B 366 -14.00 -22.07 -82.17
N LYS B 367 -13.64 -20.88 -82.67
CA LYS B 367 -12.61 -20.06 -82.04
C LYS B 367 -13.05 -19.55 -80.67
N PHE B 368 -14.35 -19.35 -80.49
CA PHE B 368 -14.89 -18.98 -79.19
C PHE B 368 -14.98 -20.19 -78.27
N SER B 369 -15.17 -21.39 -78.83
CA SER B 369 -15.38 -22.55 -77.98
C SER B 369 -14.05 -23.10 -77.50
N LEU B 370 -13.22 -23.62 -78.40
CA LEU B 370 -12.10 -24.44 -77.96
C LEU B 370 -10.86 -23.68 -77.44
N PRO B 371 -10.27 -22.71 -78.17
CA PRO B 371 -9.07 -22.06 -77.60
C PRO B 371 -9.37 -21.19 -76.41
N VAL B 372 -10.55 -20.57 -76.38
CA VAL B 372 -10.96 -19.79 -75.21
C VAL B 372 -11.22 -20.71 -74.02
N SER B 373 -11.68 -21.94 -74.26
CA SER B 373 -11.83 -22.88 -73.15
C SER B 373 -10.48 -23.34 -72.62
N LEU B 374 -9.49 -23.54 -73.49
CA LEU B 374 -8.15 -23.89 -73.03
C LEU B 374 -7.52 -22.73 -72.27
N SER B 375 -7.77 -21.50 -72.72
CA SER B 375 -7.32 -20.34 -71.99
C SER B 375 -8.04 -20.19 -70.66
N GLU B 376 -9.29 -20.66 -70.58
CA GLU B 376 -9.99 -20.69 -69.30
C GLU B 376 -9.44 -21.78 -68.39
N PHE B 377 -8.93 -22.88 -68.96
CA PHE B 377 -8.17 -23.84 -68.18
C PHE B 377 -6.90 -23.23 -67.59
N ARG B 378 -6.23 -22.36 -68.34
CA ARG B 378 -4.94 -21.83 -67.89
C ARG B 378 -5.09 -20.64 -66.93
N ASN B 379 -5.80 -19.60 -67.36
CA ASN B 379 -6.04 -18.28 -66.77
C ASN B 379 -4.86 -17.34 -66.50
N PRO B 380 -3.80 -17.26 -67.34
CA PRO B 380 -3.29 -15.94 -67.72
C PRO B 380 -3.66 -15.60 -69.15
N LEU B 381 -3.26 -14.43 -69.63
CA LEU B 381 -3.33 -14.11 -71.05
C LEU B 381 -2.14 -14.67 -71.85
N ALA B 382 -1.16 -15.23 -71.15
CA ALA B 382 0.03 -15.78 -71.83
C ALA B 382 -0.22 -16.97 -72.75
N PRO B 383 -1.15 -17.90 -72.51
CA PRO B 383 -1.45 -18.88 -73.58
C PRO B 383 -2.18 -18.29 -74.77
N ALA B 384 -2.93 -17.21 -74.59
CA ALA B 384 -3.43 -16.50 -75.75
C ALA B 384 -2.30 -15.85 -76.54
N VAL B 385 -1.22 -15.47 -75.85
CA VAL B 385 -0.01 -15.05 -76.56
C VAL B 385 0.69 -16.26 -77.18
N GLN B 386 0.56 -17.44 -76.56
CA GLN B 386 1.26 -18.64 -77.03
C GLN B 386 0.68 -19.16 -78.34
N GLU B 387 -0.58 -19.60 -78.31
CA GLU B 387 -1.17 -20.30 -79.44
C GLU B 387 -1.93 -19.31 -80.30
N THR B 388 -1.19 -18.52 -81.07
CA THR B 388 -1.80 -17.51 -81.92
C THR B 388 -0.92 -17.21 -83.12
N GLN B 389 -1.56 -16.64 -84.13
CA GLN B 389 -0.90 -15.86 -85.17
C GLN B 389 -1.63 -14.57 -85.50
N LEU B 390 -2.93 -14.44 -85.19
CA LEU B 390 -3.67 -13.20 -85.38
C LEU B 390 -4.65 -12.91 -84.24
N ILE B 391 -4.73 -13.80 -83.24
CA ILE B 391 -5.81 -13.78 -82.24
C ILE B 391 -5.66 -12.63 -81.26
N GLN B 392 -4.47 -12.02 -81.16
CA GLN B 392 -4.19 -11.05 -80.10
C GLN B 392 -5.02 -9.77 -80.25
N MET B 393 -5.44 -9.43 -81.47
CA MET B 393 -6.30 -8.28 -81.68
C MET B 393 -7.77 -8.66 -81.77
N VAL B 394 -8.11 -9.92 -81.52
CA VAL B 394 -9.44 -10.44 -81.80
C VAL B 394 -10.04 -10.97 -80.51
N VAL B 395 -9.17 -11.36 -79.56
CA VAL B 395 -9.61 -12.18 -78.43
C VAL B 395 -10.43 -11.36 -77.44
N TRP B 396 -9.95 -10.17 -77.05
CA TRP B 396 -10.75 -9.37 -76.13
C TRP B 396 -11.93 -8.73 -76.85
N MET B 397 -11.82 -8.56 -78.17
CA MET B 397 -12.96 -8.13 -78.97
C MET B 397 -14.09 -9.16 -78.91
N LEU B 398 -13.75 -10.44 -79.01
CA LEU B 398 -14.77 -11.48 -78.93
C LEU B 398 -15.26 -11.68 -77.51
N GLN B 399 -14.38 -11.51 -76.51
CA GLN B 399 -14.82 -11.59 -75.12
C GLN B 399 -15.76 -10.45 -74.75
N ARG B 400 -15.59 -9.27 -75.38
CA ARG B 400 -16.59 -8.22 -75.23
C ARG B 400 -17.83 -8.53 -76.06
N ARG B 401 -17.66 -9.26 -77.17
CA ARG B 401 -18.82 -9.61 -77.99
C ARG B 401 -19.75 -10.58 -77.26
N LEU B 402 -19.21 -11.51 -76.49
CA LEU B 402 -20.07 -12.49 -75.86
C LEU B 402 -20.04 -12.31 -74.34
N LEU B 403 -20.80 -13.13 -73.63
CA LEU B 403 -21.02 -12.93 -72.19
C LEU B 403 -20.04 -13.72 -71.32
N ILE B 404 -18.76 -13.55 -71.58
CA ILE B 404 -17.70 -14.13 -70.76
C ILE B 404 -17.32 -13.11 -69.70
N GLN B 405 -17.03 -13.56 -68.48
CA GLN B 405 -16.75 -12.64 -67.40
C GLN B 405 -15.26 -12.36 -67.31
N LEU B 406 -14.91 -11.10 -67.12
CA LEU B 406 -13.53 -10.64 -67.17
C LEU B 406 -13.10 -10.15 -65.79
N HIS B 407 -11.81 -10.30 -65.51
CA HIS B 407 -11.25 -9.63 -64.34
C HIS B 407 -9.77 -9.39 -64.56
N THR B 408 -9.23 -8.46 -63.78
CA THR B 408 -7.87 -7.97 -63.91
C THR B 408 -7.14 -8.20 -62.59
N TYR B 409 -5.90 -8.68 -62.67
CA TYR B 409 -5.23 -9.07 -61.43
C TYR B 409 -3.72 -8.92 -61.51
N VAL B 410 -3.14 -8.79 -60.32
CA VAL B 410 -1.71 -9.02 -60.12
C VAL B 410 -1.43 -10.48 -60.35
N CYS B 411 -0.41 -10.76 -61.15
CA CYS B 411 -0.32 -12.00 -61.91
C CYS B 411 0.05 -13.19 -61.02
N LEU B 412 -0.06 -14.37 -61.60
CA LEU B 412 -0.12 -15.62 -60.85
C LEU B 412 1.26 -15.96 -60.30
N MET B 413 1.37 -15.87 -58.97
CA MET B 413 2.39 -16.55 -58.15
C MET B 413 3.82 -16.24 -58.55
N ALA B 414 4.07 -15.14 -59.26
CA ALA B 414 5.43 -14.74 -59.60
C ALA B 414 6.03 -14.10 -58.35
N SER B 415 6.41 -14.96 -57.43
CA SER B 415 6.86 -14.58 -56.10
C SER B 415 8.31 -14.11 -56.16
N PRO B 416 8.74 -13.27 -55.19
CA PRO B 416 10.14 -12.80 -55.20
C PRO B 416 11.19 -13.84 -54.82
N SER B 417 10.81 -15.11 -54.63
CA SER B 417 11.77 -16.20 -54.64
C SER B 417 11.99 -16.75 -56.04
N GLU B 418 11.45 -16.09 -57.06
CA GLU B 418 11.63 -16.45 -58.46
C GLU B 418 12.25 -15.25 -59.19
N GLU B 419 12.58 -15.46 -60.47
CA GLU B 419 13.69 -14.71 -61.06
C GLU B 419 13.29 -13.28 -61.50
N GLU B 420 12.47 -13.16 -62.55
CA GLU B 420 11.79 -11.99 -63.08
C GLU B 420 10.88 -12.53 -64.17
N PRO B 421 9.61 -12.22 -64.18
CA PRO B 421 8.76 -12.69 -65.27
C PRO B 421 8.51 -11.67 -66.37
N ARG B 422 8.04 -12.16 -67.52
CA ARG B 422 7.21 -11.46 -68.51
C ARG B 422 7.80 -10.14 -69.00
N PRO B 423 8.64 -10.18 -70.04
CA PRO B 423 9.41 -9.01 -70.47
C PRO B 423 8.53 -7.82 -70.88
N ARG B 424 9.11 -6.64 -70.78
CA ARG B 424 8.37 -5.43 -71.10
C ARG B 424 8.14 -5.32 -72.61
N GLU B 425 7.00 -4.74 -72.97
CA GLU B 425 6.61 -4.55 -74.35
C GLU B 425 5.98 -3.17 -74.45
N ASP B 426 5.25 -2.94 -75.54
CA ASP B 426 4.49 -1.71 -75.69
C ASP B 426 3.13 -1.76 -75.00
N ASP B 427 2.81 -2.84 -74.28
CA ASP B 427 1.45 -3.05 -73.80
C ASP B 427 1.32 -3.47 -72.34
N VAL B 428 2.40 -3.87 -71.67
CA VAL B 428 2.28 -4.44 -70.34
C VAL B 428 2.04 -3.32 -69.32
N PRO B 429 1.08 -3.49 -68.38
CA PRO B 429 0.88 -2.47 -67.34
C PRO B 429 1.60 -2.76 -66.03
N PHE B 430 1.94 -1.68 -65.32
CA PHE B 430 2.90 -1.69 -64.23
C PHE B 430 2.34 -0.97 -63.00
N THR B 431 2.60 -1.52 -61.81
CA THR B 431 2.15 -0.92 -60.55
C THR B 431 3.03 -1.46 -59.42
N ALA B 432 3.46 -0.61 -58.51
CA ALA B 432 4.31 -1.09 -57.43
C ALA B 432 3.51 -1.24 -56.14
N ARG B 433 3.80 -2.30 -55.38
CA ARG B 433 3.09 -2.56 -54.13
C ARG B 433 4.01 -2.59 -52.91
N VAL B 434 5.06 -3.41 -52.92
CA VAL B 434 5.64 -3.84 -51.65
C VAL B 434 6.60 -2.82 -51.07
N GLY B 435 7.42 -2.18 -51.91
CA GLY B 435 8.56 -1.44 -51.40
C GLY B 435 8.17 -0.13 -50.74
N GLY B 436 8.69 0.09 -49.54
CA GLY B 436 8.38 1.29 -48.79
C GLY B 436 9.04 2.53 -49.37
N ARG B 437 8.68 3.68 -48.81
CA ARG B 437 9.11 4.97 -49.34
C ARG B 437 9.06 5.98 -48.19
N SER B 438 9.21 7.26 -48.50
CA SER B 438 9.44 8.33 -47.54
C SER B 438 8.16 8.77 -46.85
N LEU B 439 8.24 9.92 -46.21
CA LEU B 439 7.35 10.34 -45.13
C LEU B 439 6.97 11.80 -45.33
N SER B 440 5.79 12.18 -44.82
CA SER B 440 5.31 13.54 -45.03
C SER B 440 5.10 14.34 -43.75
N THR B 441 4.31 13.86 -42.79
CA THR B 441 3.78 14.79 -41.81
C THR B 441 4.63 15.19 -40.59
N PRO B 442 5.41 14.30 -39.89
CA PRO B 442 6.26 14.84 -38.81
C PRO B 442 7.41 15.72 -39.29
N ASN B 443 8.21 15.23 -40.25
CA ASN B 443 9.39 15.97 -40.69
C ASN B 443 9.05 17.21 -41.51
N ALA B 444 7.79 17.33 -41.97
CA ALA B 444 7.26 18.51 -42.65
C ALA B 444 8.01 18.84 -43.94
N LEU B 445 8.10 17.86 -44.83
CA LEU B 445 8.70 18.12 -46.13
C LEU B 445 7.77 18.97 -46.98
N SER B 446 8.36 19.81 -47.84
CA SER B 446 7.59 20.45 -48.88
C SER B 446 7.06 19.43 -49.88
N PHE B 447 7.87 18.41 -50.18
CA PHE B 447 7.40 17.26 -50.93
C PHE B 447 6.35 16.49 -50.12
N GLY B 448 5.12 16.46 -50.63
CA GLY B 448 4.07 15.68 -50.03
C GLY B 448 4.12 14.26 -50.54
N SER B 449 4.31 13.31 -49.63
CA SER B 449 4.19 11.89 -49.95
C SER B 449 3.30 11.17 -48.94
N PRO B 450 1.96 11.30 -49.05
CA PRO B 450 1.09 10.32 -48.39
C PRO B 450 0.70 9.19 -49.33
N THR B 451 0.63 7.99 -48.78
CA THR B 451 0.22 6.80 -49.52
C THR B 451 -1.30 6.68 -49.43
N SER B 452 -1.97 7.24 -50.42
CA SER B 452 -3.40 7.18 -50.65
C SER B 452 -3.70 6.48 -51.97
N SER B 453 -4.97 6.55 -52.38
CA SER B 453 -5.43 6.09 -53.69
C SER B 453 -4.62 6.74 -54.79
N ASP B 454 -4.23 5.92 -55.78
CA ASP B 454 -3.06 6.18 -56.64
C ASP B 454 -1.86 6.38 -55.74
N ASP B 455 -1.37 5.27 -55.17
CA ASP B 455 -0.66 5.12 -53.90
C ASP B 455 0.16 6.29 -53.35
N MET B 456 0.96 6.98 -54.15
CA MET B 456 1.75 8.06 -53.56
C MET B 456 1.34 9.39 -54.18
N THR B 457 0.53 10.14 -53.44
CA THR B 457 0.02 11.40 -53.95
C THR B 457 1.10 12.46 -53.92
N LEU B 458 1.19 13.24 -54.98
CA LEU B 458 2.20 14.28 -55.13
C LEU B 458 1.92 15.44 -54.18
N ALA B 468 4.78 8.16 -75.44
CA ALA B 468 6.10 8.76 -75.56
C ALA B 468 6.64 9.13 -74.18
N GLU B 469 5.76 9.13 -73.20
CA GLU B 469 6.10 9.43 -71.80
C GLU B 469 5.51 8.31 -70.94
N LEU B 470 6.30 7.25 -70.76
CA LEU B 470 5.92 6.03 -70.04
C LEU B 470 4.67 5.40 -70.66
N LEU B 471 4.84 4.94 -71.90
CA LEU B 471 3.79 4.17 -72.56
C LEU B 471 3.45 2.84 -71.88
N PRO B 472 4.41 2.06 -71.30
CA PRO B 472 3.96 0.88 -70.55
C PRO B 472 3.47 1.16 -69.13
N SER B 473 3.13 2.40 -68.79
CA SER B 473 2.57 2.71 -67.47
C SER B 473 1.06 2.59 -67.55
N GLY B 474 0.52 1.54 -66.92
CA GLY B 474 -0.90 1.29 -67.00
C GLY B 474 -1.68 2.04 -65.96
N ASP B 475 -1.15 2.15 -64.75
CA ASP B 475 -1.80 2.86 -63.67
C ASP B 475 -0.86 3.89 -63.06
N SER B 476 -1.43 4.95 -62.55
CA SER B 476 -0.78 6.11 -61.92
C SER B 476 0.32 5.90 -60.86
N PRO B 477 0.34 4.83 -60.05
CA PRO B 477 1.45 4.67 -59.10
C PRO B 477 2.86 4.64 -59.68
N LEU B 478 3.07 4.16 -60.90
CA LEU B 478 4.44 4.09 -61.44
C LEU B 478 5.04 5.47 -61.65
N ASN B 479 4.37 6.31 -62.45
CA ASN B 479 4.93 7.63 -62.69
C ASN B 479 4.81 8.54 -61.48
N GLN B 480 3.83 8.32 -60.60
CA GLN B 480 3.83 9.10 -59.36
C GLN B 480 4.99 8.72 -58.45
N ARG B 481 5.34 7.44 -58.38
CA ARG B 481 6.48 7.02 -57.57
C ARG B 481 7.79 7.53 -58.15
N MET B 482 7.95 7.52 -59.47
CA MET B 482 9.24 7.99 -59.99
C MET B 482 9.37 9.51 -59.96
N THR B 483 8.25 10.24 -60.07
CA THR B 483 8.31 11.69 -59.81
C THR B 483 8.55 11.98 -58.34
N GLU B 484 8.09 11.12 -57.44
CA GLU B 484 8.49 11.26 -56.05
C GLU B 484 9.91 10.79 -55.79
N ASN B 485 10.49 9.99 -56.68
CA ASN B 485 11.90 9.65 -56.55
C ASN B 485 12.77 10.85 -56.92
N LEU B 486 12.76 11.23 -58.20
CA LEU B 486 13.76 12.17 -58.71
C LEU B 486 13.35 12.57 -60.12
N LEU B 487 14.05 13.56 -60.67
CA LEU B 487 13.92 13.93 -62.07
C LEU B 487 14.65 12.91 -62.95
N ALA B 488 14.51 13.09 -64.27
CA ALA B 488 15.20 12.28 -65.25
C ALA B 488 16.47 12.94 -65.76
N SER B 489 17.05 13.85 -64.97
CA SER B 489 18.15 14.70 -65.42
C SER B 489 19.52 14.19 -65.00
N LEU B 490 19.63 13.62 -63.80
CA LEU B 490 20.92 13.14 -63.32
C LEU B 490 21.33 11.87 -64.07
N SER B 491 22.62 11.74 -64.33
CA SER B 491 23.10 10.69 -65.23
C SER B 491 23.50 9.42 -64.48
N GLU B 492 24.50 9.53 -63.60
CA GLU B 492 24.87 8.44 -62.71
C GLU B 492 24.50 8.74 -61.27
N HIS B 493 24.34 10.02 -60.93
CA HIS B 493 23.85 10.38 -59.61
C HIS B 493 22.38 10.01 -59.45
N GLU B 494 21.65 9.80 -60.55
CA GLU B 494 20.28 9.29 -60.47
C GLU B 494 20.25 7.87 -59.93
N ARG B 495 21.10 6.99 -60.46
CA ARG B 495 21.15 5.64 -59.90
C ARG B 495 21.89 5.61 -58.56
N ALA B 496 22.71 6.63 -58.28
CA ALA B 496 23.17 6.81 -56.90
C ALA B 496 22.00 7.14 -55.97
N ALA B 497 21.04 7.93 -56.45
CA ALA B 497 19.87 8.21 -55.63
C ALA B 497 18.95 7.00 -55.52
N ILE B 498 18.94 6.14 -56.55
CA ILE B 498 18.21 4.87 -56.44
C ILE B 498 18.90 3.96 -55.42
N LEU B 499 20.22 4.07 -55.29
CA LEU B 499 20.89 3.45 -54.13
C LEU B 499 20.51 4.18 -52.83
N SER B 500 20.14 5.46 -52.91
CA SER B 500 19.86 6.21 -51.70
C SER B 500 18.45 5.98 -51.16
N VAL B 501 17.47 5.71 -52.03
CA VAL B 501 16.07 5.53 -51.60
C VAL B 501 15.81 4.36 -50.66
N PRO B 502 16.70 3.33 -50.47
CA PRO B 502 16.68 2.63 -49.19
C PRO B 502 16.71 3.59 -48.01
N ALA B 503 15.58 3.62 -47.30
CA ALA B 503 15.09 4.55 -46.28
C ALA B 503 14.70 5.93 -46.82
N ALA B 504 14.95 6.22 -48.11
CA ALA B 504 14.38 7.36 -48.86
C ALA B 504 14.68 8.72 -48.20
N GLN B 505 15.98 9.05 -48.17
CA GLN B 505 16.55 10.17 -47.41
C GLN B 505 16.20 10.04 -45.92
N ASN B 506 16.17 8.78 -45.45
CA ASN B 506 16.16 8.34 -44.05
C ASN B 506 14.98 8.78 -43.17
N PRO B 507 13.69 8.69 -43.59
CA PRO B 507 12.65 8.32 -42.63
C PRO B 507 12.18 6.88 -42.81
N GLU B 508 11.28 6.42 -41.95
CA GLU B 508 10.47 5.24 -42.20
C GLU B 508 9.01 5.64 -42.05
N ASP B 509 8.23 5.42 -43.11
CA ASP B 509 6.86 5.93 -43.21
C ASP B 509 5.93 5.11 -42.33
N LEU B 510 5.57 5.64 -41.17
CA LEU B 510 4.53 5.08 -40.35
C LEU B 510 3.18 5.73 -40.60
N ARG B 511 2.99 6.34 -41.76
CA ARG B 511 1.77 7.09 -42.06
C ARG B 511 1.20 6.65 -43.40
N MET B 512 -0.09 6.34 -43.41
CA MET B 512 -0.73 5.80 -44.61
C MET B 512 -2.07 6.50 -44.82
N PHE B 513 -2.09 7.83 -44.62
CA PHE B 513 -3.13 8.76 -45.04
C PHE B 513 -4.43 8.62 -44.24
N ALA B 514 -4.55 7.55 -43.46
CA ALA B 514 -5.58 7.42 -42.44
C ALA B 514 -5.01 7.63 -41.06
N ARG B 515 -3.68 7.70 -40.93
CA ARG B 515 -3.08 8.09 -39.66
C ARG B 515 -3.42 9.52 -39.31
N LEU B 516 -3.63 10.38 -40.32
CA LEU B 516 -4.02 11.75 -40.03
C LEU B 516 -5.42 11.81 -39.44
N LEU B 517 -6.33 10.99 -39.96
CA LEU B 517 -7.65 10.85 -39.35
C LEU B 517 -7.57 10.14 -38.00
N HIS B 518 -6.52 9.36 -37.75
CA HIS B 518 -6.33 8.86 -36.40
C HIS B 518 -5.88 9.96 -35.45
N TYR B 519 -4.89 10.76 -35.86
CA TYR B 519 -4.28 11.73 -34.96
C TYR B 519 -5.21 12.89 -34.65
N PHE B 520 -5.97 13.37 -35.63
CA PHE B 520 -6.69 14.61 -35.41
C PHE B 520 -7.97 14.59 -36.24
N ARG B 521 -8.71 15.71 -36.22
CA ARG B 521 -9.96 15.82 -36.98
C ARG B 521 -9.63 16.25 -38.41
N GLY B 522 -8.93 15.37 -39.09
CA GLY B 522 -8.76 15.51 -40.51
C GLY B 522 -9.60 14.45 -41.18
N ARG B 523 -10.74 14.85 -41.71
CA ARG B 523 -11.55 13.93 -42.48
C ARG B 523 -11.03 13.90 -43.91
N HIS B 524 -11.75 13.19 -44.79
CA HIS B 524 -11.28 12.92 -46.14
C HIS B 524 -11.16 14.20 -46.96
N HIS B 525 -12.18 15.07 -46.86
CA HIS B 525 -12.25 16.29 -47.65
C HIS B 525 -11.12 17.25 -47.32
N LEU B 526 -10.93 17.54 -46.03
CA LEU B 526 -9.94 18.54 -45.62
C LEU B 526 -8.52 18.10 -45.97
N GLU B 527 -8.19 16.83 -45.67
CA GLU B 527 -6.82 16.40 -45.92
C GLU B 527 -6.55 16.27 -47.41
N GLU B 528 -7.56 15.96 -48.23
CA GLU B 528 -7.29 15.97 -49.67
C GLU B 528 -7.16 17.39 -50.22
N ILE B 529 -7.98 18.33 -49.73
CA ILE B 529 -7.87 19.70 -50.22
C ILE B 529 -6.54 20.32 -49.81
N MET B 530 -6.01 19.98 -48.64
CA MET B 530 -4.73 20.53 -48.25
C MET B 530 -3.57 19.82 -48.96
N TYR B 531 -3.59 18.49 -49.03
CA TYR B 531 -2.50 17.76 -49.64
C TYR B 531 -2.59 17.65 -51.17
N ASN B 532 -3.55 18.30 -51.82
CA ASN B 532 -3.51 18.39 -53.28
C ASN B 532 -2.87 19.69 -53.77
N GLU B 533 -2.55 20.61 -52.86
CA GLU B 533 -1.73 21.77 -53.19
C GLU B 533 -0.60 21.94 -52.17
N ASN B 534 -0.36 20.91 -51.35
CA ASN B 534 0.81 20.83 -50.48
C ASN B 534 2.15 21.13 -51.16
N THR B 535 2.30 20.80 -52.44
CA THR B 535 3.59 20.95 -53.11
C THR B 535 3.96 22.40 -53.30
N ARG B 536 2.97 23.28 -53.42
CA ARG B 536 3.23 24.65 -53.85
C ARG B 536 3.74 25.54 -52.72
N ARG B 537 2.94 25.75 -51.68
CA ARG B 537 3.33 26.59 -50.55
C ARG B 537 3.11 25.85 -49.25
N SER B 538 4.08 25.95 -48.34
CA SER B 538 4.09 25.18 -47.11
C SER B 538 3.37 25.87 -45.96
N GLN B 539 2.57 26.92 -46.22
CA GLN B 539 1.70 27.44 -45.17
C GLN B 539 0.58 26.46 -44.86
N LEU B 540 -0.02 25.87 -45.90
CA LEU B 540 -1.01 24.82 -45.73
C LEU B 540 -0.40 23.59 -45.06
N LEU B 541 0.88 23.34 -45.32
CA LEU B 541 1.60 22.28 -44.62
C LEU B 541 1.78 22.62 -43.15
N MET B 542 2.31 23.81 -42.85
CA MET B 542 2.65 24.21 -41.50
C MET B 542 1.43 24.34 -40.60
N LEU B 543 0.25 24.54 -41.20
CA LEU B 543 -1.02 24.53 -40.47
C LEU B 543 -1.23 23.20 -39.72
N PHE B 544 -0.73 22.09 -40.27
CA PHE B 544 -0.72 20.84 -39.55
C PHE B 544 0.64 20.50 -38.96
N ASP B 545 1.71 21.01 -39.58
CA ASP B 545 3.09 20.71 -39.22
C ASP B 545 3.61 21.58 -38.09
N LYS B 546 2.73 22.34 -37.42
CA LYS B 546 3.02 22.91 -36.12
C LYS B 546 2.62 21.93 -35.02
N PHE B 547 2.70 20.64 -35.35
CA PHE B 547 2.20 19.50 -34.59
C PHE B 547 2.96 19.27 -33.30
N ARG B 548 4.08 19.98 -33.09
CA ARG B 548 4.73 19.97 -31.78
C ARG B 548 3.82 20.55 -30.70
N SER B 549 3.01 21.55 -31.06
CA SER B 549 2.13 22.22 -30.11
C SER B 549 1.06 21.28 -29.59
N VAL B 550 0.60 20.36 -30.42
CA VAL B 550 -0.31 19.32 -29.98
C VAL B 550 0.44 17.99 -29.87
N LEU B 551 1.77 18.07 -29.77
CA LEU B 551 2.58 16.97 -29.26
C LEU B 551 3.00 17.21 -27.81
N VAL B 552 2.80 18.42 -27.29
CA VAL B 552 3.11 18.76 -25.91
C VAL B 552 1.79 19.09 -25.19
N VAL B 553 0.74 18.35 -25.55
CA VAL B 553 -0.70 18.60 -25.31
C VAL B 553 -1.11 19.15 -23.94
N THR B 554 -0.52 18.62 -22.86
CA THR B 554 -0.85 18.80 -21.43
C THR B 554 -2.34 18.77 -21.10
N THR B 555 -3.14 18.05 -21.89
CA THR B 555 -4.56 17.86 -21.63
C THR B 555 -4.92 16.41 -21.36
N HIS B 556 -3.97 15.49 -21.53
CA HIS B 556 -3.92 14.10 -21.09
C HIS B 556 -5.08 13.21 -21.56
N GLU B 557 -5.97 13.70 -22.43
CA GLU B 557 -7.05 12.87 -22.95
C GLU B 557 -7.06 12.80 -24.48
N ASP B 558 -6.99 13.93 -25.15
CA ASP B 558 -7.45 13.98 -26.53
C ASP B 558 -6.77 15.11 -27.30
N PRO B 559 -5.89 14.79 -28.24
CA PRO B 559 -5.27 15.84 -29.07
C PRO B 559 -6.16 16.36 -30.19
N VAL B 560 -7.29 15.69 -30.46
CA VAL B 560 -8.15 16.08 -31.58
C VAL B 560 -8.80 17.43 -31.30
N ILE B 561 -9.30 17.62 -30.07
CA ILE B 561 -9.93 18.89 -29.70
C ILE B 561 -8.90 20.02 -29.65
N ALA B 562 -7.67 19.71 -29.22
CA ALA B 562 -6.64 20.74 -29.19
C ALA B 562 -6.16 21.10 -30.59
N VAL B 563 -6.16 20.15 -31.53
CA VAL B 563 -5.90 20.48 -32.93
C VAL B 563 -7.02 21.35 -33.48
N PHE B 564 -8.27 21.01 -33.17
CA PHE B 564 -9.41 21.78 -33.66
C PHE B 564 -9.41 23.20 -33.09
N GLN B 565 -8.89 23.38 -31.88
CA GLN B 565 -8.80 24.71 -31.31
C GLN B 565 -7.60 25.48 -31.86
N ALA B 566 -6.49 24.78 -32.11
CA ALA B 566 -5.30 25.42 -32.65
C ALA B 566 -5.33 25.56 -34.18
N LEU B 567 -6.42 25.15 -34.84
CA LEU B 567 -6.55 25.33 -36.29
C LEU B 567 -6.45 26.78 -36.74
N LEU B 568 -7.41 27.61 -36.37
CA LEU B 568 -7.47 28.97 -36.90
C LEU B 568 -6.48 29.89 -36.19
N PRO B 569 -6.29 29.79 -34.85
CA PRO B 569 -5.07 30.47 -34.41
C PRO B 569 -3.84 29.55 -34.47
N ILE C 38 33.54 12.94 20.45
CA ILE C 38 32.78 13.19 19.22
C ILE C 38 33.68 13.06 18.00
N VAL C 39 34.95 12.69 18.21
CA VAL C 39 35.84 12.50 17.08
C VAL C 39 35.48 11.19 16.38
N GLU C 40 35.69 11.17 15.06
CA GLU C 40 35.40 10.02 14.23
C GLU C 40 36.68 9.55 13.58
N ILE C 41 36.94 8.25 13.65
CA ILE C 41 38.18 7.66 13.19
C ILE C 41 37.82 6.64 12.11
N ALA C 42 38.37 6.82 10.92
CA ALA C 42 38.26 5.83 9.87
C ALA C 42 39.61 5.15 9.70
N HIS C 43 39.60 3.90 9.26
CA HIS C 43 40.85 3.16 9.06
C HIS C 43 40.70 2.08 7.99
N PRO C 44 40.94 2.43 6.74
CA PRO C 44 41.19 1.40 5.72
C PRO C 44 42.65 0.97 5.70
N ASN C 45 43.01 0.17 4.71
CA ASN C 45 44.39 0.04 4.23
C ASN C 45 44.38 0.39 2.76
N ASP C 46 45.47 0.14 2.04
CA ASP C 46 45.56 0.47 0.63
C ASP C 46 44.52 -0.27 -0.23
N GLU C 47 43.60 0.51 -0.81
CA GLU C 47 42.56 0.07 -1.74
C GLU C 47 41.63 -0.98 -1.14
N TYR C 48 41.29 -0.82 0.13
CA TYR C 48 40.11 -1.51 0.67
C TYR C 48 38.87 -0.88 0.05
N SER C 49 38.14 -1.63 -0.78
CA SER C 49 36.92 -1.06 -1.36
C SER C 49 35.78 -0.82 -0.37
N PRO C 50 35.65 -1.55 0.75
CA PRO C 50 34.93 -1.00 1.89
C PRO C 50 35.84 -0.29 2.88
N LEU C 51 35.22 0.33 3.87
CA LEU C 51 35.96 1.08 4.88
C LEU C 51 35.52 0.66 6.28
N LEU C 52 36.12 1.27 7.31
CA LEU C 52 35.68 1.08 8.69
C LEU C 52 35.83 2.40 9.43
N LEU C 53 34.92 2.66 10.38
CA LEU C 53 35.01 3.86 11.20
C LEU C 53 34.27 3.67 12.51
N GLN C 54 34.73 4.40 13.53
CA GLN C 54 34.13 4.35 14.88
C GLN C 54 34.36 5.69 15.59
N VAL C 55 33.92 5.77 16.84
CA VAL C 55 33.90 7.02 17.59
C VAL C 55 34.91 7.01 18.73
N LYS C 56 35.29 8.22 19.16
CA LYS C 56 36.02 8.49 20.40
C LYS C 56 35.73 9.96 20.73
N SER C 57 36.45 10.53 21.69
CA SER C 57 36.25 11.92 22.11
C SER C 57 37.54 12.72 21.95
N LEU C 58 37.64 13.46 20.83
CA LEU C 58 38.68 14.44 20.53
C LEU C 58 40.08 13.81 20.52
N LYS C 59 40.30 12.97 19.49
CA LYS C 59 41.60 12.38 19.23
C LYS C 59 42.41 13.29 18.31
N GLU C 60 43.57 13.75 18.78
CA GLU C 60 44.48 14.52 17.94
C GLU C 60 45.88 13.92 17.85
N ASP C 61 46.51 13.54 18.95
CA ASP C 61 47.93 13.23 18.93
C ASP C 61 48.24 11.75 18.74
N LEU C 62 47.22 10.89 18.74
CA LEU C 62 47.36 9.45 18.48
C LEU C 62 48.32 8.76 19.46
N GLN C 63 48.30 9.20 20.71
CA GLN C 63 49.03 8.46 21.73
C GLN C 63 48.32 7.15 22.06
N LYS C 64 46.99 7.19 22.13
CA LYS C 64 46.20 6.08 22.63
C LYS C 64 45.42 5.43 21.50
N GLU C 65 45.50 4.11 21.43
CA GLU C 65 44.66 3.29 20.55
C GLU C 65 43.81 2.36 21.42
N THR C 66 43.09 1.45 20.78
CA THR C 66 42.17 0.61 21.51
C THR C 66 41.98 -0.75 20.85
N ILE C 67 41.69 -1.75 21.69
CA ILE C 67 41.07 -3.00 21.25
C ILE C 67 39.74 -3.14 21.99
N SER C 68 38.66 -3.31 21.24
CA SER C 68 37.35 -3.55 21.83
C SER C 68 36.70 -4.72 21.13
N VAL C 69 37.04 -4.93 19.87
CA VAL C 69 36.39 -5.93 19.02
C VAL C 69 37.47 -6.66 18.23
N ASP C 70 37.47 -7.99 18.33
CA ASP C 70 38.27 -8.85 17.45
C ASP C 70 37.45 -9.35 16.27
N GLN C 71 36.12 -9.36 16.40
CA GLN C 71 35.25 -9.97 15.39
C GLN C 71 35.28 -9.21 14.07
N THR C 72 35.45 -7.89 14.11
CA THR C 72 35.28 -7.07 12.93
C THR C 72 36.38 -7.29 11.89
N VAL C 73 37.50 -7.90 12.28
CA VAL C 73 38.53 -8.29 11.32
C VAL C 73 37.99 -9.35 10.38
N THR C 74 37.54 -10.48 10.93
CA THR C 74 36.93 -11.53 10.12
C THR C 74 35.56 -11.14 9.60
N GLN C 75 34.97 -10.06 10.12
CA GLN C 75 33.73 -9.55 9.56
C GLN C 75 33.95 -8.66 8.33
N VAL C 76 35.09 -7.98 8.23
CA VAL C 76 35.29 -7.17 7.04
C VAL C 76 36.53 -7.60 6.26
N PHE C 77 37.73 -7.41 6.81
CA PHE C 77 38.97 -7.62 6.08
C PHE C 77 40.08 -8.13 6.99
N ARG C 78 40.92 -9.00 6.42
CA ARG C 78 41.99 -9.68 7.13
C ARG C 78 43.29 -8.88 6.99
N LEU C 79 43.72 -8.26 8.09
CA LEU C 79 45.07 -7.73 8.25
C LEU C 79 45.27 -7.55 9.75
N ARG C 80 46.53 -7.41 10.16
CA ARG C 80 46.86 -7.18 11.57
C ARG C 80 47.46 -5.80 11.76
N PRO C 81 46.66 -4.76 11.96
CA PRO C 81 47.21 -3.41 12.13
C PRO C 81 47.86 -3.18 13.49
N TYR C 82 49.18 -3.06 13.50
CA TYR C 82 49.90 -2.69 14.70
C TYR C 82 50.05 -1.17 14.77
N GLN C 83 50.51 -0.70 15.94
CA GLN C 83 50.08 0.55 16.58
C GLN C 83 49.89 1.77 15.66
N ASP C 84 50.81 2.01 14.74
CA ASP C 84 50.75 3.16 13.83
C ASP C 84 51.41 2.74 12.53
N VAL C 85 50.59 2.37 11.54
CA VAL C 85 51.12 2.06 10.22
C VAL C 85 50.90 3.26 9.30
N TYR C 86 50.41 4.36 9.87
CA TYR C 86 50.09 5.62 9.19
C TYR C 86 49.05 5.37 8.08
N VAL C 87 47.87 4.91 8.49
CA VAL C 87 46.75 4.81 7.57
C VAL C 87 45.46 5.31 8.24
N ASN C 88 45.51 5.47 9.56
CA ASN C 88 44.32 5.81 10.35
C ASN C 88 43.93 7.27 10.16
N VAL C 89 42.87 7.50 9.38
CA VAL C 89 42.41 8.85 9.10
C VAL C 89 41.54 9.32 10.27
N VAL C 90 41.79 10.56 10.72
CA VAL C 90 41.04 11.17 11.81
C VAL C 90 40.22 12.30 11.20
N ASP C 91 38.91 12.11 11.07
CA ASP C 91 38.15 13.10 10.34
C ASP C 91 36.76 13.29 10.92
N PRO C 92 36.22 14.52 10.92
CA PRO C 92 34.83 14.70 11.37
C PRO C 92 33.83 13.99 10.47
N LYS C 93 33.81 14.35 9.19
CA LYS C 93 33.14 13.60 8.10
C LYS C 93 31.66 13.36 8.41
N ASP C 94 30.90 14.44 8.39
CA ASP C 94 29.47 14.32 8.64
C ASP C 94 28.78 13.66 7.46
N VAL C 95 28.74 12.33 7.48
CA VAL C 95 28.11 11.51 6.46
C VAL C 95 27.06 10.65 7.16
N THR C 96 25.81 10.85 6.82
CA THR C 96 24.71 10.21 7.51
C THR C 96 24.25 8.96 6.76
N LEU C 97 23.33 8.21 7.37
CA LEU C 97 22.86 6.93 6.86
C LEU C 97 21.35 6.96 6.87
N ASP C 98 20.74 7.45 5.78
CA ASP C 98 19.37 7.96 5.83
C ASP C 98 18.31 6.92 6.21
N LEU C 99 18.54 5.62 5.97
CA LEU C 99 17.60 4.67 6.56
C LEU C 99 18.33 3.40 6.98
N VAL C 100 18.12 3.01 8.24
CA VAL C 100 18.79 1.87 8.85
C VAL C 100 17.72 0.91 9.35
N GLU C 101 17.94 -0.40 9.14
CA GLU C 101 16.96 -1.39 9.55
C GLU C 101 17.46 -2.16 10.75
N LEU C 102 16.57 -2.48 11.68
CA LEU C 102 16.92 -3.24 12.87
C LEU C 102 16.00 -4.46 12.97
N THR C 103 16.58 -5.66 13.03
CA THR C 103 15.80 -6.87 13.12
C THR C 103 15.85 -7.43 14.54
N PHE C 104 14.73 -7.99 14.98
CA PHE C 104 14.61 -8.64 16.28
C PHE C 104 14.43 -10.14 16.14
N LYS C 105 14.74 -10.85 17.21
CA LYS C 105 14.56 -12.29 17.32
C LYS C 105 14.08 -12.65 18.71
N ASP C 106 13.14 -13.59 18.77
CA ASP C 106 12.82 -14.40 19.95
C ASP C 106 12.33 -13.62 21.16
N GLN C 107 11.94 -12.37 21.00
CA GLN C 107 11.57 -11.58 22.18
C GLN C 107 10.21 -10.94 22.01
N TYR C 108 9.84 -10.04 22.93
CA TYR C 108 8.61 -9.27 22.85
C TYR C 108 8.92 -7.85 23.24
N ILE C 109 8.67 -6.90 22.35
CA ILE C 109 9.06 -5.51 22.53
C ILE C 109 7.87 -4.63 22.16
N GLY C 110 7.25 -4.03 23.17
CA GLY C 110 6.27 -3.00 22.91
C GLY C 110 6.95 -1.74 22.39
N ARG C 111 6.18 -0.94 21.64
CA ARG C 111 6.77 0.10 20.82
C ARG C 111 7.36 1.26 21.63
N GLY C 112 7.03 1.37 22.92
CA GLY C 112 7.74 2.31 23.77
C GLY C 112 9.20 1.94 23.94
N ASP C 113 9.51 0.65 23.95
CA ASP C 113 10.91 0.24 24.03
C ASP C 113 11.63 0.49 22.72
N MET C 114 10.91 0.43 21.60
CA MET C 114 11.47 0.85 20.33
C MET C 114 11.79 2.34 20.35
N TRP C 115 10.91 3.12 20.98
CA TRP C 115 11.17 4.54 21.16
C TRP C 115 12.39 4.78 22.04
N ARG C 116 12.58 3.95 23.06
CA ARG C 116 13.76 4.10 23.91
C ARG C 116 15.04 3.75 23.16
N LEU C 117 14.99 2.73 22.28
CA LEU C 117 16.16 2.43 21.47
C LEU C 117 16.48 3.54 20.48
N LYS C 118 15.46 4.14 19.87
CA LYS C 118 15.75 5.25 18.96
C LYS C 118 16.24 6.47 19.73
N LYS C 119 15.76 6.68 20.96
CA LYS C 119 16.27 7.77 21.78
C LYS C 119 17.70 7.52 22.22
N SER C 120 18.09 6.25 22.39
CA SER C 120 19.48 5.96 22.71
C SER C 120 20.36 5.86 21.48
N LEU C 121 19.79 5.84 20.29
CA LEU C 121 20.55 5.70 19.04
C LEU C 121 20.54 7.01 18.24
N VAL C 122 20.67 8.14 18.94
CA VAL C 122 20.57 9.43 18.27
C VAL C 122 21.86 9.79 17.56
N SER C 123 23.01 9.59 18.21
CA SER C 123 24.26 10.23 17.79
C SER C 123 25.42 9.24 17.79
N THR C 124 25.24 8.09 17.12
CA THR C 124 26.29 7.08 17.16
C THR C 124 26.72 6.60 15.78
N CYS C 125 27.49 5.53 15.73
CA CYS C 125 27.89 4.89 14.49
C CYS C 125 27.31 3.50 14.39
N ALA C 126 27.39 2.94 13.18
CA ALA C 126 26.84 1.62 12.92
C ALA C 126 27.57 1.02 11.73
N TYR C 127 27.41 -0.29 11.59
CA TYR C 127 27.95 -1.03 10.47
C TYR C 127 27.05 -2.24 10.26
N ILE C 128 27.28 -2.96 9.17
CA ILE C 128 26.43 -4.11 8.88
C ILE C 128 26.73 -5.25 9.85
N THR C 129 25.67 -5.84 10.40
CA THR C 129 25.66 -6.93 11.38
C THR C 129 26.43 -6.55 12.66
N GLN C 130 25.89 -5.54 13.34
CA GLN C 130 26.25 -5.26 14.72
C GLN C 130 25.08 -5.66 15.60
N LYS C 131 25.38 -6.07 16.82
CA LYS C 131 24.37 -6.50 17.80
C LYS C 131 24.18 -5.36 18.79
N VAL C 132 23.19 -4.52 18.52
CA VAL C 132 22.92 -3.34 19.35
C VAL C 132 22.10 -3.79 20.56
N GLU C 133 22.52 -3.35 21.74
CA GLU C 133 21.88 -3.74 22.99
C GLU C 133 21.49 -2.51 23.79
N PHE C 134 20.43 -2.66 24.58
CA PHE C 134 20.05 -1.68 25.59
C PHE C 134 19.10 -2.36 26.56
N ALA C 135 19.54 -2.50 27.82
CA ALA C 135 18.72 -2.92 28.96
C ALA C 135 18.04 -4.28 28.73
N GLY C 136 18.85 -5.26 28.39
CA GLY C 136 18.33 -6.58 28.08
C GLY C 136 17.58 -6.69 26.77
N ILE C 137 17.58 -5.64 25.95
CA ILE C 137 16.90 -5.62 24.66
C ILE C 137 17.96 -5.65 23.58
N ARG C 138 17.73 -6.40 22.52
CA ARG C 138 18.80 -6.58 21.54
C ARG C 138 18.25 -6.68 20.12
N ALA C 139 19.01 -6.10 19.20
CA ALA C 139 18.65 -6.06 17.79
C ALA C 139 19.89 -6.28 16.97
N GLN C 140 19.69 -6.72 15.73
CA GLN C 140 20.79 -6.91 14.80
C GLN C 140 20.61 -5.94 13.64
N ALA C 141 21.68 -5.21 13.32
CA ALA C 141 21.57 -4.16 12.32
C ALA C 141 21.56 -4.77 10.92
N GLY C 142 20.82 -4.14 10.02
CA GLY C 142 20.71 -4.65 8.68
C GLY C 142 20.28 -3.63 7.64
N GLU C 143 20.84 -3.81 6.45
CA GLU C 143 20.52 -3.13 5.17
C GLU C 143 20.37 -1.61 5.35
N LEU C 144 21.51 -1.01 5.61
CA LEU C 144 21.63 0.42 5.89
C LEU C 144 21.97 1.18 4.61
N TRP C 145 21.09 2.12 4.24
CA TRP C 145 21.10 2.75 2.93
C TRP C 145 21.28 4.27 3.06
N VAL C 146 22.03 4.85 2.12
CA VAL C 146 21.94 6.27 1.80
C VAL C 146 21.43 6.38 0.35
N LYS C 147 20.11 6.52 0.24
CA LYS C 147 19.38 7.12 -0.87
C LYS C 147 19.45 6.39 -2.21
N ASN C 148 20.50 5.60 -2.42
CA ASN C 148 20.50 4.61 -3.49
C ASN C 148 21.30 3.41 -3.05
N GLU C 149 22.29 3.59 -2.17
CA GLU C 149 23.30 2.56 -2.03
C GLU C 149 23.49 2.13 -0.58
N LYS C 150 23.79 0.84 -0.43
CA LYS C 150 24.03 0.21 0.84
C LYS C 150 25.46 0.48 1.29
N VAL C 151 25.62 0.88 2.55
CA VAL C 151 26.93 1.26 3.05
C VAL C 151 27.41 0.21 4.03
N MET C 152 28.72 -0.05 4.03
CA MET C 152 29.29 -1.01 4.97
C MET C 152 29.21 -0.49 6.41
N CYS C 153 29.41 0.81 6.60
CA CYS C 153 29.49 1.41 7.93
C CYS C 153 28.74 2.74 7.89
N GLY C 154 28.95 3.58 8.90
CA GLY C 154 28.51 4.95 8.81
C GLY C 154 28.03 5.51 10.13
N TYR C 155 27.39 6.68 10.06
CA TYR C 155 27.06 7.52 11.19
C TYR C 155 25.58 7.88 11.19
N ILE C 156 24.98 7.89 12.38
CA ILE C 156 23.55 8.17 12.58
C ILE C 156 23.44 9.34 13.53
N SER C 157 22.78 10.42 13.08
CA SER C 157 22.57 11.62 13.89
C SER C 157 21.17 12.18 13.65
N GLU C 158 20.21 11.70 14.45
CA GLU C 158 19.01 12.45 14.84
C GLU C 158 18.01 12.76 13.72
N ASP C 159 18.38 12.52 12.46
CA ASP C 159 17.51 12.85 11.33
C ASP C 159 17.38 11.72 10.33
N THR C 160 18.28 10.75 10.35
CA THR C 160 18.07 9.51 9.62
C THR C 160 16.96 8.70 10.29
N ARG C 161 16.31 7.84 9.52
CA ARG C 161 15.19 7.08 10.06
C ARG C 161 15.54 5.61 10.18
N VAL C 162 15.14 5.03 11.30
CA VAL C 162 15.35 3.62 11.61
C VAL C 162 13.99 2.93 11.52
N VAL C 163 14.00 1.71 11.01
CA VAL C 163 12.77 0.94 10.83
C VAL C 163 12.98 -0.44 11.45
N PHE C 164 12.02 -0.88 12.25
CA PHE C 164 12.12 -2.12 13.00
C PHE C 164 11.39 -3.25 12.27
N ARG C 165 12.05 -4.41 12.20
CA ARG C 165 11.49 -5.61 11.60
C ARG C 165 11.80 -6.79 12.48
N SER C 166 11.03 -7.86 12.31
CA SER C 166 11.19 -9.04 13.15
C SER C 166 11.47 -10.27 12.30
N THR C 167 12.08 -11.28 12.91
CA THR C 167 12.06 -12.62 12.34
C THR C 167 11.39 -13.61 13.30
N SER C 168 10.58 -13.08 14.22
CA SER C 168 9.91 -13.83 15.26
C SER C 168 8.48 -13.31 15.37
N ALA C 169 7.74 -13.36 14.28
CA ALA C 169 6.41 -12.78 14.26
C ALA C 169 5.31 -13.84 14.38
N MET C 170 4.08 -13.36 14.49
CA MET C 170 2.89 -14.19 14.62
C MET C 170 2.07 -13.97 13.35
N VAL C 171 1.83 -15.05 12.61
CA VAL C 171 1.44 -14.94 11.21
C VAL C 171 0.33 -15.95 10.91
N TYR C 172 -0.71 -15.46 10.25
CA TYR C 172 -1.84 -16.29 9.86
C TYR C 172 -1.85 -16.42 8.36
N ILE C 173 -2.16 -17.62 7.86
CA ILE C 173 -2.22 -17.86 6.42
C ILE C 173 -3.61 -18.35 6.08
N PHE C 174 -4.39 -17.52 5.42
CA PHE C 174 -5.74 -17.84 5.02
C PHE C 174 -5.74 -18.27 3.56
N ILE C 175 -5.94 -19.55 3.30
CA ILE C 175 -6.07 -20.05 1.94
C ILE C 175 -7.54 -20.01 1.54
N GLN C 176 -7.85 -19.23 0.52
CA GLN C 176 -9.22 -19.11 0.05
C GLN C 176 -9.44 -20.17 -1.02
N MET C 177 -10.44 -21.03 -0.84
CA MET C 177 -10.74 -22.02 -1.87
C MET C 177 -12.03 -21.68 -2.62
N SER C 178 -12.03 -21.99 -3.90
CA SER C 178 -13.16 -21.70 -4.78
C SER C 178 -13.28 -22.84 -5.76
N CYS C 179 -14.07 -22.65 -6.81
CA CYS C 179 -14.09 -23.61 -7.90
C CYS C 179 -12.97 -23.38 -8.89
N GLU C 180 -12.19 -22.32 -8.72
CA GLU C 180 -11.06 -22.14 -9.61
C GLU C 180 -9.83 -22.92 -9.18
N MET C 181 -9.83 -23.52 -7.99
CA MET C 181 -8.75 -24.42 -7.62
C MET C 181 -8.71 -25.64 -8.53
N TRP C 182 -9.87 -26.21 -8.83
CA TRP C 182 -9.93 -27.38 -9.69
C TRP C 182 -9.97 -27.04 -11.17
N ASP C 183 -9.54 -25.84 -11.55
CA ASP C 183 -9.55 -25.40 -12.93
C ASP C 183 -8.11 -25.24 -13.41
N PHE C 184 -7.87 -25.63 -14.66
CA PHE C 184 -6.55 -25.50 -15.23
C PHE C 184 -6.29 -24.05 -15.64
N ASP C 185 -5.03 -23.74 -15.87
CA ASP C 185 -4.65 -22.47 -16.45
C ASP C 185 -3.74 -22.67 -17.65
N ILE C 186 -3.15 -21.58 -18.14
CA ILE C 186 -2.04 -21.72 -19.07
C ILE C 186 -0.83 -22.26 -18.31
N TYR C 187 0.08 -22.89 -19.06
CA TYR C 187 1.28 -23.64 -18.72
C TYR C 187 0.96 -25.03 -18.17
N GLY C 188 -0.28 -25.30 -17.80
CA GLY C 188 -0.68 -26.66 -17.48
C GLY C 188 -0.40 -26.95 -16.02
N ASP C 189 -1.42 -26.81 -15.17
CA ASP C 189 -1.36 -26.86 -13.72
C ASP C 189 -2.78 -26.71 -13.20
N LEU C 190 -2.98 -27.15 -11.96
CA LEU C 190 -4.08 -26.64 -11.16
C LEU C 190 -3.57 -25.42 -10.40
N TYR C 191 -4.47 -24.45 -10.20
CA TYR C 191 -4.09 -23.27 -9.43
C TYR C 191 -3.76 -23.65 -8.00
N PHE C 192 -4.44 -24.66 -7.44
CA PHE C 192 -4.06 -25.20 -6.15
C PHE C 192 -2.63 -25.70 -6.15
N GLU C 193 -2.25 -26.42 -7.20
CA GLU C 193 -0.93 -27.02 -7.23
C GLU C 193 0.13 -25.96 -7.41
N LYS C 194 -0.15 -24.94 -8.23
CA LYS C 194 0.71 -23.76 -8.34
C LYS C 194 0.91 -23.10 -6.98
N ALA C 195 -0.20 -22.75 -6.32
CA ALA C 195 -0.24 -22.07 -5.02
C ALA C 195 0.54 -22.82 -3.97
N VAL C 196 0.06 -24.00 -3.60
CA VAL C 196 0.66 -24.77 -2.53
C VAL C 196 2.08 -25.18 -2.89
N ASN C 197 2.25 -25.96 -3.98
CA ASN C 197 3.54 -26.53 -4.33
C ASN C 197 4.58 -25.44 -4.57
N GLY C 198 4.38 -24.62 -5.61
CA GLY C 198 5.34 -23.57 -5.93
C GLY C 198 5.49 -22.51 -4.85
N PHE C 199 4.41 -21.83 -4.46
CA PHE C 199 4.57 -20.69 -3.56
C PHE C 199 4.94 -21.14 -2.15
N LEU C 200 4.27 -22.17 -1.61
CA LEU C 200 4.60 -22.56 -0.25
C LEU C 200 5.96 -23.24 -0.16
N ALA C 201 6.40 -23.95 -1.20
CA ALA C 201 7.76 -24.47 -1.18
C ALA C 201 8.77 -23.34 -1.20
N ASP C 202 8.52 -22.29 -1.99
CA ASP C 202 9.43 -21.16 -2.00
C ASP C 202 9.44 -20.40 -0.68
N LEU C 203 8.26 -20.21 -0.08
CA LEU C 203 8.19 -19.46 1.17
C LEU C 203 8.84 -20.23 2.30
N PHE C 204 8.68 -21.54 2.33
CA PHE C 204 9.30 -22.28 3.42
C PHE C 204 10.81 -22.43 3.22
N THR C 205 11.28 -22.50 1.98
CA THR C 205 12.73 -22.47 1.77
C THR C 205 13.32 -21.13 2.17
N LYS C 206 12.62 -20.03 1.90
CA LYS C 206 13.17 -18.74 2.34
C LYS C 206 13.06 -18.56 3.85
N TRP C 207 12.04 -19.15 4.47
CA TRP C 207 11.97 -19.17 5.93
C TRP C 207 13.10 -19.98 6.54
N LYS C 208 13.56 -21.03 5.87
CA LYS C 208 14.74 -21.71 6.37
C LYS C 208 16.01 -20.89 6.12
N GLU C 209 16.10 -20.21 4.96
CA GLU C 209 17.34 -19.53 4.61
C GLU C 209 17.59 -18.30 5.46
N LYS C 210 16.56 -17.48 5.71
CA LYS C 210 16.82 -16.32 6.55
C LYS C 210 16.77 -16.62 8.04
N ASN C 211 16.57 -17.90 8.41
CA ASN C 211 16.67 -18.39 9.79
C ASN C 211 15.68 -17.66 10.70
N CYS C 212 14.42 -17.68 10.33
CA CYS C 212 13.37 -17.07 11.12
C CYS C 212 12.58 -18.15 11.84
N SER C 213 11.77 -17.73 12.81
CA SER C 213 10.99 -18.69 13.59
C SER C 213 9.69 -18.00 13.99
N HIS C 214 8.61 -18.33 13.28
CA HIS C 214 7.33 -17.68 13.45
C HIS C 214 6.37 -18.57 14.20
N GLU C 215 5.16 -18.07 14.43
CA GLU C 215 4.04 -18.89 14.88
C GLU C 215 2.91 -18.75 13.88
N VAL C 216 2.52 -19.85 13.23
CA VAL C 216 1.63 -19.80 12.07
C VAL C 216 0.26 -20.36 12.43
N THR C 217 -0.74 -19.94 11.66
CA THR C 217 -1.94 -20.76 11.38
C THR C 217 -1.99 -21.02 9.89
N VAL C 218 -2.64 -22.12 9.48
CA VAL C 218 -2.94 -22.34 8.08
C VAL C 218 -4.42 -22.69 8.01
N VAL C 219 -5.25 -21.73 7.64
CA VAL C 219 -6.70 -21.92 7.71
C VAL C 219 -7.27 -21.92 6.30
N LEU C 220 -7.95 -23.00 5.94
CA LEU C 220 -8.67 -23.10 4.69
C LEU C 220 -10.07 -22.54 4.88
N PHE C 221 -10.56 -21.76 3.91
CA PHE C 221 -11.93 -21.29 4.05
C PHE C 221 -12.62 -21.20 2.70
N SER C 222 -13.94 -21.44 2.71
CA SER C 222 -14.71 -21.44 1.47
C SER C 222 -16.20 -21.29 1.77
N ARG C 223 -16.99 -21.15 0.69
CA ARG C 223 -18.44 -21.02 0.73
C ARG C 223 -19.14 -22.08 -0.10
N THR C 224 -20.38 -22.37 0.28
CA THR C 224 -21.29 -23.14 -0.58
C THR C 224 -22.63 -22.45 -0.66
N PHE C 225 -23.33 -22.72 -1.76
CA PHE C 225 -24.68 -22.22 -2.00
C PHE C 225 -25.71 -23.34 -1.99
N TYR C 226 -26.91 -22.94 -1.57
CA TYR C 226 -28.09 -23.78 -1.40
C TYR C 226 -27.79 -24.96 -0.48
N ASP C 227 -27.56 -24.60 0.77
CA ASP C 227 -27.44 -25.57 1.85
C ASP C 227 -28.45 -25.21 2.92
N ALA C 228 -29.72 -25.09 2.52
CA ALA C 228 -30.76 -24.42 3.30
C ALA C 228 -30.98 -25.02 4.68
N LYS C 229 -31.49 -26.24 4.76
CA LYS C 229 -31.84 -26.73 6.09
C LYS C 229 -31.84 -28.23 6.13
N SER C 230 -31.55 -28.75 7.31
CA SER C 230 -31.64 -30.16 7.62
C SER C 230 -31.99 -30.27 9.10
N VAL C 231 -31.74 -31.44 9.68
CA VAL C 231 -32.13 -31.66 11.07
C VAL C 231 -31.18 -30.88 11.98
N ASP C 232 -31.64 -29.72 12.43
CA ASP C 232 -30.97 -28.88 13.43
C ASP C 232 -29.58 -28.44 12.96
N GLU C 233 -29.57 -27.77 11.80
CA GLU C 233 -28.38 -27.09 11.29
C GLU C 233 -28.71 -25.65 10.94
N PHE C 234 -29.56 -25.03 11.76
CA PHE C 234 -30.16 -23.75 11.39
C PHE C 234 -29.25 -22.55 11.63
N PRO C 235 -28.55 -22.36 12.82
CA PRO C 235 -27.77 -21.12 12.98
C PRO C 235 -26.41 -21.15 12.30
N GLU C 236 -26.21 -22.06 11.36
CA GLU C 236 -24.99 -22.14 10.59
C GLU C 236 -25.09 -21.42 9.24
N ILE C 237 -26.29 -21.34 8.67
CA ILE C 237 -26.47 -20.76 7.33
C ILE C 237 -26.45 -19.24 7.36
N ASN C 238 -26.36 -18.63 6.18
CA ASN C 238 -26.59 -17.20 5.98
C ASN C 238 -27.35 -17.04 4.66
N ARG C 239 -27.71 -15.80 4.35
CA ARG C 239 -28.60 -15.56 3.22
C ARG C 239 -28.25 -14.23 2.57
N ALA C 240 -27.75 -14.29 1.33
CA ALA C 240 -27.24 -13.13 0.62
C ALA C 240 -28.31 -12.54 -0.29
N SER C 241 -28.24 -11.21 -0.50
CA SER C 241 -29.25 -10.52 -1.27
C SER C 241 -28.67 -9.24 -1.87
N ILE C 242 -29.42 -8.69 -2.83
CA ILE C 242 -29.09 -7.43 -3.51
C ILE C 242 -30.32 -6.53 -3.55
N ARG C 243 -30.16 -5.25 -3.22
CA ARG C 243 -31.28 -4.32 -3.15
C ARG C 243 -31.82 -3.94 -4.53
N GLN C 244 -30.95 -3.37 -5.38
CA GLN C 244 -31.40 -2.70 -6.60
C GLN C 244 -32.03 -3.67 -7.60
N ASP C 245 -31.49 -4.88 -7.67
CA ASP C 245 -32.12 -5.99 -8.37
C ASP C 245 -32.24 -7.12 -7.37
N HIS C 246 -33.46 -7.62 -7.14
CA HIS C 246 -33.68 -8.56 -6.05
C HIS C 246 -33.05 -9.91 -6.33
N LYS C 247 -32.22 -10.36 -5.40
CA LYS C 247 -31.50 -11.62 -5.55
C LYS C 247 -31.14 -12.07 -4.14
N GLY C 248 -31.72 -13.19 -3.70
CA GLY C 248 -31.49 -13.71 -2.38
C GLY C 248 -31.37 -15.22 -2.35
N ARG C 249 -30.25 -15.71 -1.84
CA ARG C 249 -29.92 -17.14 -1.84
C ARG C 249 -29.42 -17.55 -0.47
N PHE C 250 -29.45 -18.86 -0.24
CA PHE C 250 -28.87 -19.43 0.97
C PHE C 250 -27.43 -19.80 0.71
N TYR C 251 -26.56 -19.53 1.68
CA TYR C 251 -25.17 -19.92 1.54
C TYR C 251 -24.63 -20.27 2.92
N GLU C 252 -23.38 -20.70 2.96
CA GLU C 252 -22.81 -21.24 4.18
C GLU C 252 -21.29 -21.17 4.12
N ASP C 253 -20.66 -20.74 5.20
CA ASP C 253 -19.21 -20.56 5.25
C ASP C 253 -18.56 -21.66 6.07
N PHE C 254 -17.46 -22.21 5.57
CA PHE C 254 -16.73 -23.28 6.25
C PHE C 254 -15.31 -22.83 6.49
N TYR C 255 -14.78 -23.07 7.71
CA TYR C 255 -13.35 -22.91 7.98
C TYR C 255 -12.82 -24.25 8.46
N LYS C 256 -11.75 -24.72 7.84
CA LYS C 256 -11.01 -25.88 8.33
C LYS C 256 -9.60 -25.44 8.68
N VAL C 257 -9.22 -25.57 9.93
CA VAL C 257 -7.90 -25.09 10.32
C VAL C 257 -6.91 -26.24 10.23
N VAL C 258 -5.66 -25.87 9.95
CA VAL C 258 -4.48 -26.69 10.10
C VAL C 258 -3.53 -25.80 10.90
N VAL C 259 -2.44 -26.38 11.40
CA VAL C 259 -1.87 -26.23 12.73
C VAL C 259 -2.06 -24.84 13.35
N GLN C 260 -2.63 -24.81 14.56
CA GLN C 260 -3.19 -23.57 15.10
C GLN C 260 -2.15 -22.66 15.73
N ASN C 261 -1.49 -23.06 16.79
CA ASN C 261 -0.53 -22.14 17.38
C ASN C 261 0.66 -22.97 17.85
N GLU C 262 1.63 -23.11 16.95
CA GLU C 262 2.71 -24.07 17.17
C GLU C 262 3.90 -23.66 16.32
N ARG C 263 5.01 -23.36 16.97
CA ARG C 263 6.25 -23.11 16.25
C ARG C 263 7.00 -24.43 16.15
N ARG C 264 7.60 -24.66 14.99
CA ARG C 264 8.52 -25.77 14.81
C ARG C 264 9.40 -25.44 13.63
N GLU C 265 10.62 -25.93 13.68
CA GLU C 265 11.49 -25.88 12.52
C GLU C 265 11.19 -27.09 11.64
N GLU C 266 11.90 -27.17 10.51
CA GLU C 266 11.77 -28.25 9.52
C GLU C 266 10.33 -28.33 9.01
N TRP C 267 9.93 -27.37 8.20
CA TRP C 267 8.59 -27.33 7.62
C TRP C 267 8.43 -28.35 6.49
N THR C 268 7.44 -28.12 5.63
CA THR C 268 7.02 -28.82 4.43
C THR C 268 6.20 -30.07 4.77
N SER C 269 6.03 -30.41 6.05
CA SER C 269 5.07 -31.46 6.37
C SER C 269 3.64 -30.96 6.25
N LEU C 270 3.45 -29.64 6.43
CA LEU C 270 2.15 -29.05 6.17
C LEU C 270 1.75 -29.17 4.71
N LEU C 271 2.73 -29.23 3.81
CA LEU C 271 2.44 -29.38 2.39
C LEU C 271 1.80 -30.74 2.11
N VAL C 272 2.28 -31.78 2.80
CA VAL C 272 1.69 -33.11 2.69
C VAL C 272 0.29 -33.13 3.29
N THR C 273 0.10 -32.47 4.44
CA THR C 273 -1.24 -32.45 5.01
C THR C 273 -2.22 -31.64 4.18
N ILE C 274 -1.75 -30.58 3.52
CA ILE C 274 -2.63 -29.79 2.67
C ILE C 274 -2.98 -30.56 1.39
N LYS C 275 -2.07 -31.42 0.92
CA LYS C 275 -2.45 -32.30 -0.19
C LYS C 275 -3.51 -33.31 0.23
N LYS C 276 -3.39 -33.87 1.44
CA LYS C 276 -4.42 -34.79 1.94
C LYS C 276 -5.76 -34.10 2.08
N LEU C 277 -5.76 -32.86 2.57
CA LEU C 277 -7.03 -32.17 2.73
C LEU C 277 -7.58 -31.66 1.40
N PHE C 278 -6.74 -31.42 0.41
CA PHE C 278 -7.23 -31.09 -0.92
C PHE C 278 -7.97 -32.26 -1.54
N ILE C 279 -7.46 -33.47 -1.37
CA ILE C 279 -8.18 -34.61 -1.93
C ILE C 279 -9.44 -34.91 -1.12
N GLN C 280 -9.38 -34.74 0.20
CA GLN C 280 -10.58 -35.00 0.99
C GLN C 280 -11.60 -33.88 0.95
N TYR C 281 -11.26 -32.71 0.44
CA TYR C 281 -12.07 -31.51 0.59
C TYR C 281 -13.46 -31.45 -0.07
N PRO C 282 -13.69 -31.95 -1.30
CA PRO C 282 -15.03 -31.74 -1.89
C PRO C 282 -16.13 -32.50 -1.20
N VAL C 283 -15.89 -33.74 -0.73
CA VAL C 283 -16.92 -34.41 0.04
C VAL C 283 -17.08 -33.74 1.40
N LEU C 284 -15.95 -33.26 1.97
CA LEU C 284 -15.85 -32.61 3.28
C LEU C 284 -16.62 -31.31 3.33
N VAL C 285 -16.87 -30.69 2.18
CA VAL C 285 -17.61 -29.44 2.12
C VAL C 285 -18.98 -29.62 1.51
N ARG C 286 -19.13 -30.51 0.54
CA ARG C 286 -20.40 -30.71 -0.13
C ARG C 286 -21.42 -31.41 0.76
N LEU C 287 -21.10 -32.64 1.24
CA LEU C 287 -22.18 -33.45 1.81
C LEU C 287 -22.43 -33.21 3.30
N GLU C 288 -22.02 -32.09 3.86
CA GLU C 288 -22.23 -31.77 5.26
C GLU C 288 -23.50 -30.95 5.47
N GLN C 289 -23.55 -30.29 6.63
CA GLN C 289 -24.66 -30.16 7.55
C GLN C 289 -26.07 -30.12 6.96
N ALA C 290 -26.30 -29.35 5.92
CA ALA C 290 -27.60 -29.34 5.26
C ALA C 290 -27.46 -29.85 3.84
N GLU C 291 -28.40 -30.68 3.42
CA GLU C 291 -28.35 -31.28 2.10
C GLU C 291 -29.61 -30.91 1.31
N GLY C 292 -29.53 -29.78 0.62
CA GLY C 292 -30.39 -29.53 -0.51
C GLY C 292 -29.62 -29.94 -1.75
N PHE C 293 -29.84 -29.29 -2.88
CA PHE C 293 -28.91 -29.46 -3.98
C PHE C 293 -27.70 -28.58 -3.70
N PRO C 294 -26.51 -29.14 -3.61
CA PRO C 294 -25.37 -28.33 -3.20
C PRO C 294 -24.68 -27.66 -4.38
N GLN C 295 -24.20 -26.44 -4.20
CA GLN C 295 -23.24 -25.87 -5.13
C GLN C 295 -22.01 -25.50 -4.33
N GLY C 296 -20.92 -26.20 -4.58
CA GLY C 296 -19.72 -25.95 -3.81
C GLY C 296 -18.96 -24.74 -4.30
N ASP C 297 -18.09 -24.26 -3.41
CA ASP C 297 -16.88 -23.45 -3.65
C ASP C 297 -17.04 -22.40 -4.76
N ASN C 298 -17.95 -21.47 -4.52
CA ASN C 298 -18.34 -20.40 -5.44
C ASN C 298 -17.19 -19.55 -5.96
N SER C 299 -17.42 -18.84 -7.06
CA SER C 299 -16.34 -18.11 -7.71
C SER C 299 -15.97 -16.86 -6.94
N THR C 300 -14.68 -16.52 -6.98
CA THR C 300 -14.20 -15.34 -6.27
C THR C 300 -14.61 -14.06 -6.98
N SER C 301 -14.63 -14.09 -8.31
CA SER C 301 -15.03 -12.97 -9.14
C SER C 301 -16.54 -12.81 -9.25
N ALA C 302 -17.30 -13.64 -8.54
CA ALA C 302 -18.75 -13.50 -8.43
C ALA C 302 -19.22 -13.36 -7.00
N GLN C 303 -18.69 -14.15 -6.07
CA GLN C 303 -19.02 -14.03 -4.65
C GLN C 303 -17.74 -14.20 -3.85
N GLY C 304 -17.87 -14.44 -2.56
CA GLY C 304 -16.72 -14.80 -1.76
C GLY C 304 -16.87 -14.32 -0.33
N ASN C 305 -16.24 -15.06 0.58
CA ASN C 305 -16.14 -14.69 1.98
C ASN C 305 -14.80 -14.05 2.32
N TYR C 306 -14.25 -13.28 1.39
CA TYR C 306 -12.90 -12.75 1.55
C TYR C 306 -12.83 -11.67 2.62
N LEU C 307 -13.72 -10.68 2.51
CA LEU C 307 -13.65 -9.53 3.39
C LEU C 307 -14.02 -9.93 4.81
N GLU C 308 -14.91 -10.92 4.94
CA GLU C 308 -15.22 -11.48 6.24
C GLU C 308 -14.04 -12.24 6.83
N ALA C 309 -13.21 -12.84 5.98
CA ALA C 309 -12.05 -13.57 6.50
C ALA C 309 -11.00 -12.61 7.05
N ILE C 310 -10.74 -11.52 6.33
CA ILE C 310 -9.83 -10.52 6.88
C ILE C 310 -10.39 -9.87 8.13
N ASN C 311 -11.71 -9.67 8.17
CA ASN C 311 -12.32 -9.08 9.36
C ASN C 311 -12.26 -10.03 10.55
N LEU C 312 -12.26 -11.34 10.30
CA LEU C 312 -12.12 -12.27 11.41
C LEU C 312 -10.67 -12.38 11.87
N SER C 313 -9.73 -12.16 10.96
CA SER C 313 -8.34 -12.05 11.41
C SER C 313 -8.15 -10.83 12.30
N PHE C 314 -8.82 -9.72 11.97
CA PHE C 314 -8.82 -8.56 12.87
C PHE C 314 -9.51 -8.86 14.18
N ASN C 315 -10.57 -9.67 14.14
CA ASN C 315 -11.23 -10.11 15.36
C ASN C 315 -10.31 -10.96 16.22
N VAL C 316 -9.34 -11.64 15.64
CA VAL C 316 -8.31 -12.27 16.47
C VAL C 316 -7.37 -11.23 17.03
N PHE C 317 -6.84 -10.36 16.17
CA PHE C 317 -5.74 -9.50 16.56
C PHE C 317 -6.13 -8.34 17.46
N ASP C 318 -7.42 -8.04 17.64
CA ASP C 318 -7.76 -6.99 18.58
C ASP C 318 -7.47 -7.40 20.02
N LYS C 319 -7.59 -8.68 20.34
CA LYS C 319 -7.30 -9.17 21.68
C LYS C 319 -5.89 -9.75 21.77
N HIS C 320 -4.91 -8.90 21.49
CA HIS C 320 -3.53 -9.32 21.63
C HIS C 320 -3.04 -9.25 23.07
N TYR C 321 -3.70 -8.47 23.91
CA TYR C 321 -3.25 -8.27 25.28
C TYR C 321 -3.77 -9.32 26.25
N ILE C 322 -4.38 -10.40 25.75
CA ILE C 322 -5.03 -11.35 26.65
C ILE C 322 -4.01 -12.33 27.21
N ASN C 323 -3.40 -13.14 26.36
CA ASN C 323 -2.41 -14.12 26.81
C ASN C 323 -1.14 -13.85 26.03
N ARG C 324 -0.17 -13.25 26.70
CA ARG C 324 0.94 -12.58 26.06
C ARG C 324 2.16 -13.47 26.02
N ASN C 325 2.51 -13.96 24.83
CA ASN C 325 3.77 -14.63 24.64
C ASN C 325 4.90 -13.64 24.83
N PHE C 326 5.97 -14.07 25.45
CA PHE C 326 7.17 -13.25 25.58
C PHE C 326 8.17 -13.51 24.47
N ASP C 327 7.75 -14.18 23.39
CA ASP C 327 8.69 -14.63 22.36
C ASP C 327 8.26 -14.22 20.95
N ARG C 328 7.36 -13.24 20.82
CA ARG C 328 6.89 -12.78 19.52
C ARG C 328 6.70 -11.28 19.57
N THR C 329 6.98 -10.60 18.46
CA THR C 329 6.76 -9.15 18.38
C THR C 329 5.76 -8.75 17.31
N GLY C 330 5.97 -9.18 16.07
CA GLY C 330 5.24 -8.64 14.94
C GLY C 330 3.98 -9.40 14.60
N GLN C 331 3.11 -8.75 13.84
CA GLN C 331 1.79 -9.26 13.54
C GLN C 331 1.60 -9.31 12.04
N MET C 332 1.00 -10.38 11.53
CA MET C 332 0.94 -10.55 10.08
C MET C 332 -0.22 -11.44 9.69
N SER C 333 -1.01 -11.00 8.70
CA SER C 333 -2.08 -11.84 8.18
C SER C 333 -2.03 -11.85 6.67
N VAL C 334 -1.78 -13.02 6.09
CA VAL C 334 -1.57 -13.18 4.66
C VAL C 334 -2.69 -14.04 4.09
N VAL C 335 -3.35 -13.53 3.05
CA VAL C 335 -4.42 -14.27 2.39
C VAL C 335 -3.94 -14.68 1.01
N ILE C 336 -3.90 -15.99 0.76
CA ILE C 336 -3.55 -16.53 -0.54
C ILE C 336 -4.82 -16.82 -1.30
N THR C 337 -4.98 -16.18 -2.46
CA THR C 337 -6.19 -16.42 -3.21
C THR C 337 -5.89 -16.81 -4.65
N PRO C 338 -6.76 -17.63 -5.27
CA PRO C 338 -6.65 -17.86 -6.70
C PRO C 338 -7.54 -16.89 -7.46
N GLY C 339 -7.98 -15.84 -6.79
CA GLY C 339 -8.86 -14.88 -7.42
C GLY C 339 -8.13 -14.04 -8.46
N VAL C 340 -8.90 -13.22 -9.15
CA VAL C 340 -8.31 -12.36 -10.15
C VAL C 340 -7.88 -11.03 -9.55
N GLY C 341 -8.47 -10.65 -8.43
CA GLY C 341 -8.35 -9.31 -7.86
C GLY C 341 -9.68 -8.61 -7.70
N VAL C 342 -10.73 -9.19 -8.24
CA VAL C 342 -12.07 -8.66 -8.14
C VAL C 342 -12.71 -9.23 -6.89
N PHE C 343 -13.42 -8.41 -6.12
CA PHE C 343 -14.27 -8.95 -5.07
C PHE C 343 -15.58 -8.20 -5.03
N GLU C 344 -16.68 -8.94 -4.91
CA GLU C 344 -18.01 -8.35 -4.85
C GLU C 344 -18.44 -8.29 -3.38
N VAL C 345 -18.32 -7.11 -2.79
CA VAL C 345 -18.25 -6.93 -1.34
C VAL C 345 -19.30 -5.94 -0.88
N ASP C 346 -19.97 -6.26 0.23
CA ASP C 346 -20.92 -5.36 0.87
C ASP C 346 -20.24 -4.06 1.32
N ARG C 347 -21.02 -2.99 1.35
CA ARG C 347 -20.48 -1.66 1.62
C ARG C 347 -20.05 -1.52 3.06
N LEU C 348 -20.87 -2.05 3.98
CA LEU C 348 -20.67 -1.82 5.40
C LEU C 348 -19.42 -2.52 5.91
N LEU C 349 -19.15 -3.73 5.41
CA LEU C 349 -17.96 -4.45 5.84
C LEU C 349 -16.70 -3.79 5.34
N MET C 350 -16.73 -3.21 4.15
CA MET C 350 -15.55 -2.54 3.61
C MET C 350 -15.26 -1.25 4.36
N ILE C 351 -16.29 -0.46 4.66
CA ILE C 351 -16.06 0.76 5.44
C ILE C 351 -15.63 0.42 6.86
N LEU C 352 -16.17 -0.67 7.41
CA LEU C 352 -15.83 -1.07 8.77
C LEU C 352 -14.40 -1.56 8.85
N THR C 353 -13.93 -2.29 7.84
CA THR C 353 -12.54 -2.73 7.89
C THR C 353 -11.57 -1.63 7.53
N LYS C 354 -11.99 -0.60 6.79
CA LYS C 354 -11.17 0.61 6.72
C LYS C 354 -11.00 1.23 8.10
N GLN C 355 -12.09 1.35 8.84
CA GLN C 355 -12.02 1.94 10.16
C GLN C 355 -11.30 1.04 11.16
N ARG C 356 -11.20 -0.26 10.90
CA ARG C 356 -10.45 -1.13 11.79
C ARG C 356 -8.99 -1.30 11.40
N MET C 357 -8.63 -1.10 10.13
CA MET C 357 -7.22 -1.05 9.79
C MET C 357 -6.65 0.36 10.01
N ILE C 358 -7.51 1.32 10.33
CA ILE C 358 -7.05 2.56 10.95
C ILE C 358 -6.22 2.30 12.21
N ASP C 359 -6.59 1.29 13.00
CA ASP C 359 -5.89 1.04 14.26
C ASP C 359 -4.56 0.34 14.05
N ASN C 360 -4.58 -0.89 13.51
CA ASN C 360 -3.39 -1.75 13.52
C ASN C 360 -3.22 -2.44 12.15
N GLY C 361 -2.49 -1.79 11.25
CA GLY C 361 -2.35 -2.27 9.90
C GLY C 361 -1.52 -3.54 9.76
N ILE C 362 -2.17 -4.65 9.43
CA ILE C 362 -1.56 -5.98 9.51
C ILE C 362 -1.81 -6.87 8.29
N GLY C 363 -2.52 -6.36 7.28
CA GLY C 363 -3.09 -7.19 6.23
C GLY C 363 -2.28 -7.20 4.95
N VAL C 364 -2.05 -8.40 4.40
CA VAL C 364 -1.27 -8.62 3.18
C VAL C 364 -2.00 -9.66 2.32
N ASP C 365 -2.14 -9.36 1.03
CA ASP C 365 -2.85 -10.22 0.08
C ASP C 365 -1.91 -10.66 -1.01
N LEU C 366 -1.92 -11.95 -1.33
CA LEU C 366 -1.16 -12.38 -2.49
C LEU C 366 -1.95 -13.39 -3.30
N VAL C 367 -1.73 -13.30 -4.60
CA VAL C 367 -2.54 -13.99 -5.60
C VAL C 367 -1.67 -15.03 -6.28
N CYS C 368 -2.04 -16.30 -6.11
CA CYS C 368 -1.39 -17.37 -6.82
C CYS C 368 -2.14 -17.76 -8.07
N MET C 369 -3.05 -16.91 -8.53
CA MET C 369 -3.64 -17.12 -9.83
C MET C 369 -2.70 -16.68 -10.94
N GLY C 370 -1.86 -15.69 -10.66
CA GLY C 370 -1.09 -15.09 -11.72
C GLY C 370 -2.02 -14.25 -12.58
N GLU C 371 -1.61 -14.04 -13.84
CA GLU C 371 -2.42 -13.43 -14.90
C GLU C 371 -2.87 -12.03 -14.50
N GLN C 372 -1.89 -11.13 -14.31
CA GLN C 372 -2.15 -9.78 -13.84
C GLN C 372 -3.01 -9.01 -14.83
N PRO C 373 -4.24 -8.67 -14.45
CA PRO C 373 -5.23 -8.25 -15.43
C PRO C 373 -5.00 -6.84 -15.95
N LEU C 374 -5.87 -6.40 -16.85
CA LEU C 374 -5.64 -5.15 -17.55
C LEU C 374 -6.36 -3.99 -16.87
N HIS C 375 -6.25 -3.87 -15.55
CA HIS C 375 -6.85 -2.78 -14.79
C HIS C 375 -6.19 -2.73 -13.42
N ALA C 376 -6.61 -1.76 -12.62
CA ALA C 376 -6.13 -1.63 -11.24
C ALA C 376 -6.60 -2.85 -10.46
N VAL C 377 -5.67 -3.73 -10.11
CA VAL C 377 -6.06 -5.10 -9.85
C VAL C 377 -6.74 -5.34 -8.49
N PRO C 378 -6.34 -4.77 -7.31
CA PRO C 378 -7.24 -4.94 -6.17
C PRO C 378 -8.46 -4.05 -6.35
N LEU C 379 -9.65 -4.64 -6.52
CA LEU C 379 -10.81 -3.78 -6.67
C LEU C 379 -12.04 -4.48 -6.12
N PHE C 380 -12.99 -3.64 -5.71
CA PHE C 380 -14.22 -4.11 -5.11
C PHE C 380 -15.39 -3.55 -5.90
N LYS C 381 -16.25 -4.44 -6.37
CA LYS C 381 -17.57 -4.04 -6.84
C LYS C 381 -18.51 -4.05 -5.66
N LEU C 382 -19.25 -2.94 -5.49
CA LEU C 382 -20.05 -2.84 -4.28
C LEU C 382 -21.34 -3.67 -4.40
N HIS C 383 -21.81 -4.09 -3.23
CA HIS C 383 -22.89 -5.06 -3.06
C HIS C 383 -23.94 -4.47 -2.13
N ASN C 384 -24.35 -3.24 -2.41
CA ASN C 384 -25.03 -2.43 -1.39
C ASN C 384 -26.48 -2.85 -1.25
N ARG C 385 -26.94 -2.98 -0.01
CA ARG C 385 -28.33 -3.19 0.29
C ARG C 385 -29.05 -1.86 0.49
N GLY C 394 -24.07 2.75 -13.46
CA GLY C 394 -22.74 2.16 -13.44
C GLY C 394 -22.49 1.25 -12.26
N ASP C 395 -21.82 0.13 -12.50
CA ASP C 395 -21.43 -0.80 -11.45
C ASP C 395 -20.38 -0.14 -10.57
N ASP C 396 -20.70 0.06 -9.30
CA ASP C 396 -19.93 0.96 -8.45
C ASP C 396 -18.61 0.30 -8.04
N TYR C 397 -17.50 0.81 -8.59
CA TYR C 397 -16.16 0.32 -8.32
C TYR C 397 -15.60 0.96 -7.06
N ASN C 398 -14.53 0.35 -6.55
CA ASN C 398 -13.68 0.96 -5.54
C ASN C 398 -12.32 0.30 -5.62
N ILE C 399 -11.29 1.06 -5.26
CA ILE C 399 -9.90 0.60 -5.27
C ILE C 399 -9.34 0.82 -3.87
N PRO C 400 -8.75 -0.18 -3.24
CA PRO C 400 -8.11 0.03 -1.95
C PRO C 400 -6.65 0.45 -2.08
N HIS C 401 -6.26 1.36 -1.20
CA HIS C 401 -4.86 1.74 -1.05
C HIS C 401 -4.31 1.35 0.32
N TRP C 402 -5.04 0.53 1.08
CA TRP C 402 -4.54 0.02 2.34
C TRP C 402 -3.94 -1.36 2.22
N ILE C 403 -4.23 -2.07 1.15
CA ILE C 403 -3.87 -3.47 1.04
C ILE C 403 -2.54 -3.59 0.31
N ASN C 404 -1.85 -4.70 0.53
CA ASN C 404 -0.56 -4.96 -0.11
C ASN C 404 -0.69 -6.24 -0.91
N HIS C 405 -0.98 -6.09 -2.20
CA HIS C 405 -1.19 -7.22 -3.09
C HIS C 405 0.12 -7.59 -3.77
N SER C 406 0.27 -8.88 -4.04
CA SER C 406 1.43 -9.33 -4.78
C SER C 406 1.10 -10.61 -5.54
N PHE C 407 1.54 -10.68 -6.79
CA PHE C 407 1.30 -11.84 -7.64
C PHE C 407 2.43 -12.85 -7.53
N TYR C 408 2.15 -14.07 -7.96
CA TYR C 408 3.19 -15.10 -8.03
C TYR C 408 3.23 -15.72 -9.42
N THR C 409 4.15 -15.25 -10.26
CA THR C 409 4.40 -15.90 -11.54
C THR C 409 5.12 -17.21 -11.32
N SER C 410 4.77 -18.22 -12.11
CA SER C 410 5.44 -19.50 -12.04
C SER C 410 6.77 -19.43 -12.80
N LYS C 411 7.53 -20.52 -12.78
CA LYS C 411 8.89 -20.54 -13.30
C LYS C 411 8.94 -21.32 -14.62
N SER C 412 8.74 -20.61 -15.72
CA SER C 412 8.96 -21.14 -17.07
C SER C 412 9.11 -19.95 -18.01
N GLN C 413 9.54 -20.24 -19.24
CA GLN C 413 9.85 -19.23 -20.24
C GLN C 413 9.19 -19.58 -21.57
N LEU C 414 8.26 -18.74 -22.01
CA LEU C 414 7.55 -18.92 -23.28
C LEU C 414 7.42 -17.55 -23.95
N PHE C 415 6.52 -17.45 -24.92
CA PHE C 415 6.59 -16.40 -25.93
C PHE C 415 5.80 -15.14 -25.56
N CYS C 416 4.49 -15.27 -25.43
CA CYS C 416 3.59 -14.14 -25.17
C CYS C 416 2.56 -14.58 -24.13
N ASN C 417 2.81 -14.21 -22.88
CA ASN C 417 1.89 -14.58 -21.80
C ASN C 417 0.58 -13.80 -21.93
N SER C 418 -0.47 -14.50 -22.32
CA SER C 418 -1.78 -13.89 -22.55
C SER C 418 -2.38 -13.40 -21.23
N PHE C 419 -3.09 -12.28 -21.30
CA PHE C 419 -3.81 -11.76 -20.13
C PHE C 419 -5.31 -11.73 -20.45
N THR C 420 -5.97 -12.89 -20.44
CA THR C 420 -7.41 -13.13 -20.65
C THR C 420 -7.74 -14.60 -20.44
N PRO C 421 -8.87 -14.91 -19.82
CA PRO C 421 -9.43 -16.26 -19.95
C PRO C 421 -10.51 -16.32 -21.03
N ARG C 422 -10.98 -17.54 -21.34
CA ARG C 422 -12.15 -17.72 -22.19
C ARG C 422 -12.75 -19.09 -21.92
N ILE C 423 -14.07 -19.15 -21.85
CA ILE C 423 -14.81 -20.41 -21.70
C ILE C 423 -16.00 -20.35 -22.64
N LYS C 424 -16.20 -21.43 -23.41
CA LYS C 424 -17.26 -21.48 -24.43
C LYS C 424 -18.49 -22.19 -23.89
N LEU C 425 -19.60 -21.45 -23.80
CA LEU C 425 -20.88 -22.02 -23.41
C LEU C 425 -21.38 -22.95 -24.51
N ALA C 426 -22.17 -23.96 -24.12
CA ALA C 426 -22.61 -24.96 -25.09
C ALA C 426 -23.81 -24.45 -25.90
N GLY C 427 -24.93 -24.20 -25.24
CA GLY C 427 -26.11 -23.68 -25.89
C GLY C 427 -26.77 -24.63 -26.87
N THR C 726 -23.51 11.64 -10.82
CA THR C 726 -22.83 12.92 -10.67
C THR C 726 -21.34 12.79 -10.91
N LEU C 727 -20.67 12.08 -10.01
CA LEU C 727 -19.21 11.94 -10.08
C LEU C 727 -18.79 10.85 -11.05
N SER C 728 -19.12 9.59 -10.72
CA SER C 728 -18.50 8.36 -11.23
C SER C 728 -16.99 8.50 -11.25
N ALA C 729 -16.42 9.00 -10.16
CA ALA C 729 -15.07 9.55 -10.18
C ALA C 729 -13.95 8.50 -10.12
N PRO C 730 -14.07 7.37 -9.42
CA PRO C 730 -13.17 6.24 -9.74
C PRO C 730 -13.76 5.32 -10.78
N PRO C 731 -13.19 5.28 -11.99
CA PRO C 731 -13.22 4.02 -12.74
C PRO C 731 -11.91 3.31 -12.51
N VAL C 732 -11.83 2.04 -12.87
CA VAL C 732 -10.64 1.26 -12.59
C VAL C 732 -9.74 1.12 -13.80
N VAL C 733 -10.26 1.34 -15.00
CA VAL C 733 -9.50 1.14 -16.23
C VAL C 733 -8.45 2.20 -16.61
N PRO C 734 -8.59 3.55 -16.32
CA PRO C 734 -7.49 4.44 -16.74
C PRO C 734 -6.28 4.47 -15.82
N GLY C 735 -6.12 3.49 -14.94
CA GLY C 735 -4.96 3.40 -14.07
C GLY C 735 -3.95 2.40 -14.62
N PHE C 736 -2.70 2.85 -14.74
CA PHE C 736 -1.70 2.05 -15.43
C PHE C 736 -0.97 1.17 -14.44
N CYS C 737 -0.58 -0.02 -14.90
CA CYS C 737 -0.06 -1.06 -14.02
C CYS C 737 0.81 -2.02 -14.82
N CYS C 738 2.12 -1.99 -14.58
CA CYS C 738 3.01 -2.84 -15.37
C CYS C 738 3.08 -4.25 -14.80
N THR C 739 3.72 -4.39 -13.63
CA THR C 739 4.01 -5.68 -13.01
C THR C 739 4.07 -5.47 -11.50
N VAL C 740 3.62 -6.47 -10.75
CA VAL C 740 3.77 -6.48 -9.30
C VAL C 740 4.55 -7.73 -8.94
N GLY C 741 5.57 -7.58 -8.10
CA GLY C 741 6.38 -8.71 -7.70
C GLY C 741 5.74 -9.59 -6.64
N VAL C 742 6.54 -10.07 -5.69
CA VAL C 742 6.02 -10.91 -4.62
C VAL C 742 6.22 -10.17 -3.31
N ASP C 743 7.24 -9.31 -3.27
CA ASP C 743 7.70 -8.59 -2.07
C ASP C 743 8.00 -9.56 -0.92
N TRP C 744 9.04 -10.36 -1.15
CA TRP C 744 9.47 -11.35 -0.17
C TRP C 744 9.95 -10.72 1.12
N LYS C 745 10.48 -9.49 1.05
CA LYS C 745 11.05 -8.88 2.23
C LYS C 745 9.97 -8.42 3.20
N SER C 746 8.77 -8.16 2.71
CA SER C 746 7.65 -7.90 3.60
C SER C 746 6.84 -9.16 3.87
N LEU C 747 7.39 -10.33 3.57
CA LEU C 747 6.75 -11.60 3.90
C LEU C 747 7.64 -12.53 4.70
N THR C 748 8.93 -12.27 4.77
CA THR C 748 9.84 -13.02 5.62
C THR C 748 10.24 -12.28 6.87
N THR C 749 10.57 -10.99 6.75
CA THR C 749 10.78 -10.15 7.92
C THR C 749 9.65 -9.13 7.99
N PRO C 750 8.64 -9.34 8.81
CA PRO C 750 7.55 -8.36 8.91
C PRO C 750 8.01 -7.07 9.55
N ALA C 751 7.44 -5.97 9.06
CA ALA C 751 7.80 -4.63 9.48
C ALA C 751 6.84 -4.13 10.55
N CYS C 752 7.37 -3.58 11.62
CA CYS C 752 6.50 -3.00 12.63
C CYS C 752 6.00 -1.63 12.17
N LEU C 753 5.00 -1.13 12.89
CA LEU C 753 4.37 0.13 12.50
C LEU C 753 5.31 1.28 12.85
N PRO C 754 5.32 2.35 12.04
CA PRO C 754 6.29 3.43 12.24
C PRO C 754 6.09 4.26 13.49
N LEU C 755 6.93 5.27 13.64
CA LEU C 755 6.98 6.13 14.82
C LEU C 755 6.60 7.57 14.54
N THR C 756 7.03 8.13 13.40
CA THR C 756 6.86 9.55 13.10
C THR C 756 6.11 9.70 11.79
N THR C 757 4.98 10.41 11.83
CA THR C 757 4.21 10.74 10.64
C THR C 757 3.78 12.20 10.70
N ASP C 758 3.70 12.85 9.54
CA ASP C 758 3.41 14.26 9.45
C ASP C 758 1.98 14.49 8.97
N TYR C 759 1.29 15.43 9.63
CA TYR C 759 -0.14 15.62 9.41
C TYR C 759 -0.48 17.02 9.92
N PHE C 760 -1.66 17.52 9.49
CA PHE C 760 -1.98 18.91 9.81
C PHE C 760 -2.47 19.06 11.24
N PRO C 761 -2.32 20.26 11.85
CA PRO C 761 -2.71 20.44 13.25
C PRO C 761 -4.20 20.43 13.53
N ASP C 762 -4.53 20.76 14.77
CA ASP C 762 -5.82 20.48 15.42
C ASP C 762 -6.78 21.66 15.43
N ARG C 763 -6.85 22.45 14.35
CA ARG C 763 -7.35 23.83 14.37
C ARG C 763 -8.71 24.10 15.00
N GLN C 764 -9.78 23.71 14.30
CA GLN C 764 -11.13 24.18 14.62
C GLN C 764 -12.12 23.53 13.68
N GLY C 765 -13.39 23.89 13.79
CA GLY C 765 -14.35 23.43 12.81
C GLY C 765 -14.97 22.11 13.18
N LEU C 766 -14.43 21.01 12.65
CA LEU C 766 -14.95 19.69 12.96
C LEU C 766 -14.67 19.32 14.42
N GLN C 767 -13.40 19.23 14.78
CA GLN C 767 -13.01 18.74 16.11
C GLN C 767 -13.18 19.86 17.14
N ASN C 768 -14.45 20.05 17.52
CA ASN C 768 -14.86 21.11 18.44
C ASN C 768 -14.59 20.80 19.89
N ASP C 769 -13.76 19.80 20.21
CA ASP C 769 -13.52 19.41 21.59
C ASP C 769 -12.04 19.34 21.86
N TYR C 770 -11.57 20.19 22.75
CA TYR C 770 -10.29 19.98 23.40
C TYR C 770 -10.53 19.93 24.90
N THR C 771 -9.65 19.24 25.59
CA THR C 771 -9.71 19.24 27.05
C THR C 771 -8.29 19.19 27.58
N GLU C 772 -8.00 20.04 28.55
CA GLU C 772 -6.67 20.08 29.13
C GLU C 772 -6.72 19.59 30.57
N GLY C 773 -5.76 18.76 30.93
CA GLY C 773 -5.56 18.38 32.31
C GLY C 773 -4.11 18.63 32.69
N CYS C 774 -3.87 19.56 33.59
CA CYS C 774 -2.53 19.85 34.07
C CYS C 774 -2.36 19.14 35.41
N TYR C 775 -1.50 18.14 35.42
CA TYR C 775 -1.38 17.24 36.56
C TYR C 775 -0.01 17.43 37.19
N ASP C 776 0.03 18.18 38.28
CA ASP C 776 1.25 18.31 39.06
C ASP C 776 1.58 16.97 39.71
N LEU C 777 2.87 16.74 39.90
CA LEU C 777 3.35 15.45 40.38
C LEU C 777 4.19 15.66 41.63
N LEU C 778 3.81 14.97 42.70
CA LEU C 778 4.58 15.04 43.94
C LEU C 778 5.44 13.79 44.01
N PRO C 779 6.77 13.92 43.99
CA PRO C 779 7.62 12.73 44.11
C PRO C 779 7.56 12.13 45.51
N GLU C 780 7.61 10.80 45.55
CA GLU C 780 7.41 10.04 46.78
C GLU C 780 8.39 8.87 46.78
N ALA C 781 8.84 8.50 47.98
CA ALA C 781 9.81 7.42 48.14
C ALA C 781 9.21 6.15 48.72
N ASP C 782 7.90 6.09 48.87
CA ASP C 782 7.25 4.92 49.44
C ASP C 782 7.08 3.81 48.40
N ALA C 795 4.75 4.08 41.48
CA ALA C 795 3.86 2.99 41.82
C ALA C 795 2.47 3.52 42.17
N GLN C 796 2.42 4.81 42.52
CA GLN C 796 1.18 5.45 42.88
C GLN C 796 0.95 6.74 42.11
N GLN C 797 1.84 7.09 41.19
CA GLN C 797 1.83 8.41 40.55
C GLN C 797 1.47 8.36 39.08
N VAL C 798 1.86 7.30 38.36
CA VAL C 798 1.50 7.19 36.96
C VAL C 798 0.01 6.91 36.82
N PHE C 799 -0.51 5.99 37.63
CA PHE C 799 -1.88 5.52 37.42
C PHE C 799 -2.92 6.58 37.75
N GLU C 800 -2.59 7.57 38.58
CA GLU C 800 -3.55 8.65 38.85
C GLU C 800 -3.78 9.48 37.60
N GLU C 801 -2.70 9.95 36.99
CA GLU C 801 -2.78 10.61 35.69
C GLU C 801 -3.37 9.70 34.63
N PHE C 802 -3.07 8.41 34.71
CA PHE C 802 -3.49 7.47 33.68
C PHE C 802 -5.01 7.27 33.70
N ILE C 803 -5.56 6.96 34.87
CA ILE C 803 -7.00 6.74 34.96
C ILE C 803 -7.75 8.07 34.90
N CYS C 804 -7.08 9.20 35.13
CA CYS C 804 -7.78 10.46 34.96
C CYS C 804 -7.83 10.88 33.50
N GLN C 805 -6.66 11.09 32.90
CA GLN C 805 -6.57 11.80 31.63
C GLN C 805 -7.00 10.97 30.44
N ARG C 806 -6.98 9.65 30.52
CA ARG C 806 -7.55 8.96 29.36
C ARG C 806 -8.59 7.92 29.72
N LEU C 807 -8.38 7.18 30.82
CA LEU C 807 -9.07 5.92 31.11
C LEU C 807 -8.92 4.97 29.92
N MET C 808 -7.73 4.99 29.31
CA MET C 808 -7.28 4.19 28.15
C MET C 808 -8.35 4.18 27.05
N GLN C 809 -8.46 5.37 26.44
CA GLN C 809 -9.51 5.70 25.48
C GLN C 809 -10.86 5.53 26.17
N GLY C 810 -10.95 6.09 27.38
CA GLY C 810 -12.25 6.19 28.02
C GLY C 810 -13.15 7.18 27.33
N TYR C 811 -12.56 8.22 26.74
CA TYR C 811 -13.30 9.17 25.91
C TYR C 811 -13.88 8.48 24.69
N GLN C 812 -13.00 8.00 23.83
CA GLN C 812 -13.36 7.57 22.49
C GLN C 812 -13.66 6.07 22.50
N ILE C 813 -14.33 5.60 21.45
CA ILE C 813 -14.76 4.22 21.41
C ILE C 813 -13.72 3.39 20.66
N ILE C 814 -13.72 2.10 20.90
CA ILE C 814 -13.06 1.15 20.03
C ILE C 814 -14.08 0.65 19.01
N VAL C 815 -13.80 0.87 17.74
CA VAL C 815 -14.74 0.45 16.72
C VAL C 815 -14.50 -1.04 16.47
N GLN C 816 -15.21 -1.86 17.26
CA GLN C 816 -15.14 -3.32 17.17
C GLN C 816 -16.55 -3.85 16.95
N PRO C 817 -17.06 -3.80 15.72
CA PRO C 817 -18.48 -4.11 15.54
C PRO C 817 -18.75 -5.53 15.06
N LYS C 818 -17.72 -6.28 14.70
CA LYS C 818 -17.92 -7.64 14.24
C LYS C 818 -17.76 -8.59 15.41
N THR C 819 -18.79 -9.39 15.67
CA THR C 819 -18.78 -10.37 16.75
C THR C 819 -19.19 -11.71 16.19
N GLN C 820 -18.26 -12.65 16.10
CA GLN C 820 -18.66 -14.03 15.82
C GLN C 820 -19.29 -14.60 17.06
N LYS C 821 -20.61 -14.49 17.17
CA LYS C 821 -21.27 -15.10 18.31
C LYS C 821 -21.48 -16.61 18.13
N PRO C 822 -22.01 -17.13 17.01
CA PRO C 822 -22.14 -18.58 16.93
C PRO C 822 -20.96 -19.26 16.24
N ASN C 823 -20.76 -20.51 16.59
CA ASN C 823 -20.00 -21.45 15.78
C ASN C 823 -20.37 -22.89 16.07
N PRO C 824 -21.20 -23.51 15.24
CA PRO C 824 -21.20 -24.98 15.21
C PRO C 824 -19.90 -25.50 14.61
N ALA C 825 -19.41 -26.58 15.19
CA ALA C 825 -18.21 -27.24 14.72
C ALA C 825 -18.60 -28.60 14.15
N VAL C 826 -17.69 -29.21 13.40
CA VAL C 826 -18.01 -30.52 12.82
C VAL C 826 -17.01 -31.59 13.26
N PRO C 827 -17.42 -32.85 13.37
CA PRO C 827 -16.52 -33.90 13.89
C PRO C 827 -15.54 -34.49 12.88
N PRO C 828 -15.23 -33.85 11.75
CA PRO C 828 -13.86 -33.94 11.22
C PRO C 828 -12.80 -33.61 12.26
N PRO C 829 -11.56 -34.19 12.10
CA PRO C 829 -10.75 -34.57 13.27
C PRO C 829 -10.12 -33.49 14.16
N LEU C 830 -9.20 -33.96 15.00
CA LEU C 830 -8.72 -33.39 16.26
C LEU C 830 -8.03 -32.03 16.21
N SER C 831 -7.97 -31.40 15.05
CA SER C 831 -7.76 -29.96 15.00
C SER C 831 -9.10 -29.28 15.29
N SER C 832 -9.17 -27.97 15.14
CA SER C 832 -10.50 -27.38 15.18
C SER C 832 -11.14 -27.52 13.82
N SER C 833 -12.47 -27.35 13.78
CA SER C 833 -13.20 -27.29 12.51
C SER C 833 -14.51 -26.54 12.69
N PRO C 834 -14.45 -25.17 12.74
CA PRO C 834 -15.68 -24.39 12.86
C PRO C 834 -16.29 -24.03 11.52
N LEU C 835 -17.57 -24.33 11.39
CA LEU C 835 -18.27 -24.19 10.11
C LEU C 835 -19.57 -23.49 10.45
N TYR C 836 -19.73 -22.23 10.04
CA TYR C 836 -20.71 -21.42 10.76
C TYR C 836 -21.16 -20.21 9.96
N SER C 837 -21.89 -19.34 10.66
CA SER C 837 -22.33 -18.03 10.21
C SER C 837 -21.66 -16.96 11.04
N ARG C 838 -21.36 -15.81 10.40
CA ARG C 838 -20.57 -14.76 11.03
C ARG C 838 -21.31 -14.10 12.18
N GLY C 839 -22.62 -14.14 12.19
CA GLY C 839 -23.39 -13.42 13.18
C GLY C 839 -23.54 -11.96 12.80
N LEU C 840 -24.16 -11.22 13.71
CA LEU C 840 -24.52 -9.84 13.47
C LEU C 840 -23.29 -8.94 13.45
N VAL C 841 -23.44 -7.80 12.78
CA VAL C 841 -22.40 -6.80 12.64
C VAL C 841 -22.99 -5.49 13.14
N SER C 842 -22.63 -5.09 14.35
CA SER C 842 -23.27 -3.94 15.00
C SER C 842 -22.42 -2.69 14.76
N ARG C 843 -22.49 -2.18 13.54
CA ARG C 843 -21.65 -1.05 13.14
C ARG C 843 -22.13 0.25 13.74
N ASN C 844 -21.19 1.10 14.12
CA ASN C 844 -21.46 2.48 14.46
C ASN C 844 -20.63 3.39 13.57
N ARG C 845 -21.17 4.57 13.29
CA ARG C 845 -20.47 5.59 12.53
C ARG C 845 -19.40 6.23 13.41
N PRO C 846 -18.45 6.98 12.84
CA PRO C 846 -17.51 7.73 13.67
C PRO C 846 -18.19 8.85 14.45
N GLU C 847 -17.38 9.51 15.27
CA GLU C 847 -17.88 10.45 16.26
C GLU C 847 -18.41 11.70 15.56
N GLU C 848 -19.73 11.84 15.58
CA GLU C 848 -20.40 12.80 14.72
C GLU C 848 -20.19 14.23 15.21
N GLU C 849 -19.68 15.07 14.31
CA GLU C 849 -19.48 16.51 14.44
C GLU C 849 -18.42 16.90 15.46
N ASP C 850 -17.67 15.96 16.02
CA ASP C 850 -16.53 16.29 16.88
C ASP C 850 -15.56 15.11 16.97
N GLN C 851 -14.29 15.39 16.75
CA GLN C 851 -13.22 14.51 17.20
C GLN C 851 -12.82 15.00 18.59
N TYR C 852 -11.70 14.51 19.10
CA TYR C 852 -11.17 15.01 20.35
C TYR C 852 -9.72 15.42 20.19
N TRP C 853 -9.30 16.41 20.99
CA TRP C 853 -7.89 16.52 21.27
C TRP C 853 -7.68 17.02 22.69
N LEU C 854 -6.50 16.75 23.22
CA LEU C 854 -6.25 16.87 24.63
C LEU C 854 -4.91 17.58 24.84
N SER C 855 -4.79 18.22 25.99
CA SER C 855 -3.56 18.88 26.38
C SER C 855 -3.21 18.43 27.80
N MET C 856 -2.28 17.48 27.92
CA MET C 856 -1.89 16.96 29.22
C MET C 856 -0.62 17.66 29.65
N GLY C 857 -0.72 18.52 30.66
CA GLY C 857 0.42 19.31 31.09
C GLY C 857 1.05 18.75 32.36
N ARG C 858 2.37 18.83 32.43
CA ARG C 858 3.09 18.80 33.69
C ARG C 858 3.36 20.23 34.09
N THR C 859 2.86 20.62 35.26
CA THR C 859 2.79 22.00 35.69
C THR C 859 4.16 22.64 35.92
N PHE C 860 5.23 21.85 36.00
CA PHE C 860 6.56 22.44 35.98
C PHE C 860 6.85 23.11 34.66
N HIS C 861 7.12 22.30 33.64
CA HIS C 861 7.53 22.85 32.34
C HIS C 861 7.10 22.04 31.14
N LYS C 862 6.19 21.06 31.26
CA LYS C 862 6.08 20.08 30.19
C LYS C 862 4.66 19.99 29.67
N VAL C 863 4.52 19.65 28.38
CA VAL C 863 3.22 19.55 27.72
C VAL C 863 3.28 18.34 26.80
N THR C 864 2.21 17.54 26.78
CA THR C 864 1.98 16.58 25.72
C THR C 864 0.64 16.92 25.07
N LEU C 865 0.68 17.27 23.80
CA LEU C 865 -0.51 17.62 23.04
C LEU C 865 -0.94 16.37 22.26
N LYS C 866 -2.06 15.79 22.66
CA LYS C 866 -2.62 14.65 21.97
C LYS C 866 -3.64 15.11 20.94
N ASP C 867 -3.55 14.59 19.73
CA ASP C 867 -4.61 14.71 18.74
C ASP C 867 -5.41 13.41 18.75
N LYS C 868 -6.64 13.44 18.24
CA LYS C 868 -7.38 12.17 18.19
C LYS C 868 -8.21 12.05 16.92
N MET C 869 -7.61 11.48 15.90
CA MET C 869 -8.29 10.71 14.87
C MET C 869 -7.61 9.36 14.70
N ILE C 870 -6.30 9.35 14.78
CA ILE C 870 -5.47 8.22 15.18
C ILE C 870 -4.52 8.84 16.19
N THR C 871 -4.17 8.11 17.26
CA THR C 871 -3.48 8.77 18.37
C THR C 871 -2.06 9.14 17.96
N VAL C 872 -1.97 10.39 17.52
CA VAL C 872 -0.73 11.06 17.21
C VAL C 872 -0.51 12.14 18.26
N THR C 873 0.74 12.31 18.65
CA THR C 873 1.13 13.14 19.78
C THR C 873 2.11 14.21 19.31
N ARG C 874 2.31 15.18 20.20
CA ARG C 874 3.36 16.20 20.07
C ARG C 874 3.85 16.45 21.49
N TYR C 875 5.03 15.93 21.83
CA TYR C 875 5.55 16.22 23.16
C TYR C 875 6.42 17.46 23.10
N LEU C 876 6.30 18.32 24.11
CA LEU C 876 7.00 19.59 24.15
C LEU C 876 7.49 19.87 25.57
N PRO C 877 8.81 19.91 25.78
CA PRO C 877 9.33 20.44 27.04
C PRO C 877 9.53 21.95 26.92
N LYS C 878 9.77 22.58 28.07
CA LYS C 878 10.11 24.00 28.09
C LYS C 878 11.45 24.24 28.77
N PRO C 973 12.31 7.62 44.86
CA PRO C 973 11.78 8.80 44.18
C PRO C 973 12.07 8.77 42.69
N ARG C 974 11.44 9.65 41.92
CA ARG C 974 11.73 9.78 40.50
C ARG C 974 11.73 11.24 40.08
N ALA C 975 12.43 11.51 38.99
CA ALA C 975 12.53 12.85 38.44
C ALA C 975 11.29 13.20 37.63
N ASP C 976 11.26 14.44 37.14
CA ASP C 976 10.14 14.90 36.33
C ASP C 976 10.17 14.25 34.96
N GLU C 977 11.34 14.24 34.31
CA GLU C 977 11.47 13.71 32.97
C GLU C 977 11.22 12.21 32.93
N ASP C 978 11.44 11.51 34.05
CA ASP C 978 11.14 10.09 34.11
C ASP C 978 9.65 9.83 33.95
N GLU C 979 8.82 10.52 34.75
CA GLU C 979 7.36 10.37 34.66
C GLU C 979 6.85 10.86 33.32
N TRP C 980 7.46 11.92 32.81
CA TRP C 980 7.07 12.44 31.50
C TRP C 980 7.36 11.43 30.38
N GLN C 981 8.53 10.81 30.42
CA GLN C 981 8.89 9.81 29.43
C GLN C 981 8.01 8.57 29.55
N LEU C 982 7.70 8.15 30.78
CA LEU C 982 6.84 6.99 30.98
C LEU C 982 5.43 7.25 30.44
N LEU C 983 4.89 8.44 30.66
CA LEU C 983 3.55 8.74 30.17
C LEU C 983 3.53 8.82 28.66
N ASP C 984 4.59 9.36 28.06
CA ASP C 984 4.66 9.36 26.61
C ASP C 984 4.79 7.93 26.07
N GLY C 985 5.46 7.05 26.80
CA GLY C 985 5.51 5.66 26.42
C GLY C 985 4.17 4.94 26.53
N PHE C 986 3.37 5.30 27.53
CA PHE C 986 2.08 4.61 27.64
C PHE C 986 1.06 5.13 26.65
N VAL C 987 1.16 6.40 26.25
CA VAL C 987 0.38 6.85 25.12
C VAL C 987 0.93 6.24 23.83
N ARG C 988 2.22 5.91 23.83
CA ARG C 988 2.89 5.32 22.67
C ARG C 988 2.46 3.87 22.44
N PHE C 989 2.23 3.10 23.52
CA PHE C 989 1.98 1.66 23.42
C PHE C 989 0.78 1.29 22.57
N VAL C 990 -0.26 2.11 22.59
CA VAL C 990 -1.52 1.67 21.98
C VAL C 990 -1.61 2.14 20.53
N GLU C 991 -1.64 3.45 20.31
CA GLU C 991 -1.53 4.04 18.99
C GLU C 991 -0.55 5.19 19.16
N GLY C 992 0.58 5.12 18.45
CA GLY C 992 1.66 5.96 18.89
C GLY C 992 2.35 6.82 17.87
N LEU C 993 1.61 7.45 16.96
CA LEU C 993 2.34 8.24 15.99
C LEU C 993 2.78 9.56 16.62
N ASN C 994 3.90 10.09 16.15
CA ASN C 994 4.39 11.41 16.54
C ASN C 994 4.37 12.35 15.35
N ARG C 995 3.89 13.58 15.56
CA ARG C 995 4.18 14.58 14.55
C ARG C 995 5.62 15.03 14.67
N ILE C 996 6.16 15.55 13.57
CA ILE C 996 7.53 16.03 13.55
C ILE C 996 7.66 17.16 12.53
N ARG C 997 8.34 18.23 12.93
CA ARG C 997 8.38 19.52 12.23
C ARG C 997 7.01 20.07 11.85
N MET C 1083 20.87 -21.34 55.64
CA MET C 1083 21.26 -19.97 55.34
C MET C 1083 20.24 -19.35 54.40
N ASP C 1084 19.38 -18.50 54.94
CA ASP C 1084 18.31 -17.89 54.16
C ASP C 1084 18.86 -16.77 53.29
N SER C 1085 18.64 -16.86 51.98
CA SER C 1085 18.75 -15.70 51.11
C SER C 1085 17.36 -15.10 51.05
N PRO C 1086 17.09 -14.06 51.83
CA PRO C 1086 15.72 -13.80 52.28
C PRO C 1086 14.81 -13.08 51.29
N ARG C 1087 15.15 -13.10 49.99
CA ARG C 1087 14.37 -12.44 48.96
C ARG C 1087 12.92 -12.93 48.97
N LYS C 1088 11.99 -11.96 48.89
CA LYS C 1088 10.61 -12.10 49.31
C LYS C 1088 9.80 -13.11 48.50
N ASP C 1089 10.34 -13.63 47.39
CA ASP C 1089 9.75 -14.78 46.72
C ASP C 1089 10.62 -16.01 46.81
N GLY C 1090 11.94 -15.82 46.73
CA GLY C 1090 12.84 -16.96 46.73
C GLY C 1090 12.87 -17.71 48.04
N ALA C 1091 12.84 -16.99 49.17
CA ALA C 1091 12.89 -17.64 50.47
C ALA C 1091 11.61 -18.44 50.74
N PHE C 1092 10.45 -17.86 50.44
CA PHE C 1092 9.21 -18.57 50.67
C PHE C 1092 8.98 -19.69 49.66
N PHE C 1093 9.48 -19.50 48.44
CA PHE C 1093 9.41 -20.57 47.45
C PHE C 1093 10.30 -21.73 47.86
N MET C 1094 11.47 -21.42 48.43
CA MET C 1094 12.39 -22.46 48.87
C MET C 1094 11.87 -23.17 50.11
N GLU C 1095 11.19 -22.46 51.01
CA GLU C 1095 10.65 -23.19 52.15
C GLU C 1095 9.38 -23.97 51.77
N PHE C 1096 8.68 -23.55 50.72
CA PHE C 1096 7.63 -24.40 50.19
C PHE C 1096 8.19 -25.56 49.37
N VAL C 1097 9.46 -25.50 49.00
CA VAL C 1097 10.14 -26.70 48.52
C VAL C 1097 10.58 -27.58 49.70
N ARG C 1098 11.02 -26.96 50.80
CA ARG C 1098 11.40 -27.72 51.99
C ARG C 1098 10.20 -28.41 52.65
N SER C 1099 9.00 -27.85 52.48
CA SER C 1099 7.83 -28.39 53.17
C SER C 1099 7.40 -29.80 52.74
N PRO C 1100 7.53 -30.25 51.47
CA PRO C 1100 7.35 -31.69 51.21
C PRO C 1100 8.34 -32.61 51.90
N ARG C 1101 9.65 -32.34 51.80
CA ARG C 1101 10.62 -33.33 52.26
C ARG C 1101 10.73 -33.43 53.78
N THR C 1102 10.08 -32.55 54.52
CA THR C 1102 9.95 -32.71 55.97
C THR C 1102 8.55 -33.11 56.38
N ALA C 1103 7.63 -33.26 55.43
CA ALA C 1103 6.31 -33.83 55.68
C ALA C 1103 6.10 -35.13 54.91
N SER C 1104 6.33 -35.11 53.60
CA SER C 1104 6.14 -36.31 52.78
C SER C 1104 7.40 -37.16 52.78
N LEU C 1171 13.95 -31.58 74.16
CA LEU C 1171 13.34 -30.62 75.07
C LEU C 1171 12.62 -31.29 76.22
N THR C 1172 12.20 -30.45 77.17
CA THR C 1172 11.56 -30.92 78.39
C THR C 1172 10.08 -31.22 78.14
N SER C 1173 9.32 -31.41 79.21
CA SER C 1173 7.94 -31.84 79.10
C SER C 1173 7.04 -30.67 78.70
N SER C 1174 5.84 -31.02 78.27
CA SER C 1174 4.80 -30.06 77.91
C SER C 1174 3.97 -29.74 79.15
N SER C 1175 2.80 -29.12 78.94
CA SER C 1175 1.78 -28.85 79.96
C SER C 1175 2.29 -27.95 81.08
N THR C 1176 3.17 -27.00 80.73
CA THR C 1176 3.62 -25.98 81.66
C THR C 1176 3.06 -24.64 81.17
N LEU C 1177 2.28 -23.98 82.02
CA LEU C 1177 1.64 -22.72 81.66
C LEU C 1177 2.56 -21.52 81.83
N THR C 1178 3.81 -21.73 82.26
CA THR C 1178 4.78 -20.64 82.26
C THR C 1178 5.17 -20.25 80.84
N GLU C 1179 5.48 -21.25 80.00
CA GLU C 1179 5.83 -21.17 78.58
C GLU C 1179 7.13 -20.44 78.31
N ILE C 1180 7.86 -20.04 79.35
CA ILE C 1180 9.04 -19.20 79.16
C ILE C 1180 10.21 -20.03 78.67
N LEU C 1181 10.32 -21.29 79.12
CA LEU C 1181 11.48 -22.13 78.84
C LEU C 1181 11.61 -22.41 77.35
N GLU C 1182 10.59 -23.00 76.76
CA GLU C 1182 10.65 -23.40 75.35
C GLU C 1182 10.60 -22.17 74.44
N ALA C 1183 9.63 -21.28 74.66
CA ALA C 1183 9.41 -20.13 73.80
C ALA C 1183 10.44 -19.02 74.01
N MET C 1184 11.32 -19.14 74.99
CA MET C 1184 12.44 -18.23 75.10
C MET C 1184 13.78 -18.89 74.83
N LYS C 1185 13.87 -20.22 74.85
CA LYS C 1185 15.12 -20.89 74.54
C LYS C 1185 15.06 -21.62 73.21
N HIS C 1186 14.11 -21.27 72.34
CA HIS C 1186 14.33 -21.51 70.91
C HIS C 1186 15.65 -20.94 70.37
N PRO C 1187 16.07 -19.69 70.67
CA PRO C 1187 17.36 -19.24 70.10
C PRO C 1187 18.59 -19.85 70.73
N SER C 1188 18.46 -20.62 71.82
CA SER C 1188 19.63 -21.25 72.42
C SER C 1188 20.18 -22.37 71.55
N THR C 1189 19.31 -23.07 70.82
CA THR C 1189 19.70 -24.08 69.85
C THR C 1189 19.98 -23.41 68.51
N GLY C 1190 20.09 -24.22 67.45
CA GLY C 1190 20.34 -23.67 66.13
C GLY C 1190 19.10 -23.39 65.30
N VAL C 1191 18.10 -22.72 65.89
CA VAL C 1191 16.88 -22.38 65.16
C VAL C 1191 17.16 -21.23 64.23
N GLN C 1192 16.97 -21.46 62.93
CA GLN C 1192 17.25 -20.45 61.92
C GLN C 1192 16.16 -19.38 61.96
N LEU C 1193 16.57 -18.12 62.14
CA LEU C 1193 15.65 -17.00 62.20
C LEU C 1193 16.07 -15.92 61.22
N LEU C 1194 15.09 -15.16 60.72
CA LEU C 1194 15.37 -14.01 59.89
C LEU C 1194 15.57 -12.82 60.83
N SER C 1195 16.82 -12.68 61.28
CA SER C 1195 17.18 -11.64 62.23
C SER C 1195 18.53 -11.00 61.97
N GLU C 1196 19.25 -11.37 60.90
CA GLU C 1196 20.55 -10.76 60.67
C GLU C 1196 20.41 -9.38 60.02
N GLN C 1197 19.63 -9.26 58.95
CA GLN C 1197 19.13 -8.00 58.40
C GLN C 1197 18.05 -8.35 57.38
N LYS C 1198 17.05 -7.46 57.30
CA LYS C 1198 16.12 -7.22 56.20
C LYS C 1198 15.25 -6.05 56.63
N GLY C 1199 14.73 -5.31 55.65
CA GLY C 1199 13.90 -4.17 55.97
C GLY C 1199 12.59 -4.59 56.62
N LEU C 1200 12.14 -3.76 57.57
CA LEU C 1200 10.85 -3.89 58.27
C LEU C 1200 10.71 -5.21 59.01
N SER C 1201 11.83 -5.77 59.49
CA SER C 1201 11.82 -7.09 60.09
C SER C 1201 13.01 -7.32 61.01
N PRO C 1202 12.96 -6.83 62.27
CA PRO C 1202 14.09 -7.04 63.19
C PRO C 1202 14.32 -8.49 63.59
N TYR C 1203 13.31 -9.11 64.21
CA TYR C 1203 13.39 -10.46 64.78
C TYR C 1203 12.23 -11.26 64.23
N CYS C 1204 12.40 -11.90 63.08
CA CYS C 1204 11.28 -12.56 62.44
C CYS C 1204 11.58 -14.03 62.18
N PHE C 1205 10.53 -14.75 61.81
CA PHE C 1205 10.52 -16.20 61.75
C PHE C 1205 9.29 -16.65 60.97
N ILE C 1206 9.37 -17.86 60.43
CA ILE C 1206 8.33 -18.43 59.58
C ILE C 1206 7.57 -19.46 60.42
N SER C 1207 6.25 -19.52 60.22
CA SER C 1207 5.39 -20.37 61.05
C SER C 1207 5.69 -21.84 60.86
N ALA C 1208 5.95 -22.26 59.62
CA ALA C 1208 6.10 -23.68 59.33
C ALA C 1208 7.37 -24.27 59.95
N GLU C 1209 8.44 -23.48 60.00
CA GLU C 1209 9.66 -23.92 60.68
C GLU C 1209 9.42 -24.10 62.18
N VAL C 1210 8.67 -23.18 62.78
CA VAL C 1210 8.43 -23.24 64.22
C VAL C 1210 7.51 -24.41 64.56
N VAL C 1211 6.51 -24.67 63.71
CA VAL C 1211 5.61 -25.78 64.00
C VAL C 1211 6.29 -27.11 63.72
N HIS C 1212 7.18 -27.17 62.73
CA HIS C 1212 8.01 -28.37 62.59
C HIS C 1212 8.98 -28.54 63.74
N TRP C 1213 9.44 -27.44 64.34
CA TRP C 1213 10.27 -27.54 65.54
C TRP C 1213 9.48 -28.13 66.70
N LEU C 1214 8.26 -27.63 66.91
CA LEU C 1214 7.42 -28.11 68.00
C LEU C 1214 6.87 -29.51 67.75
N VAL C 1215 6.89 -30.00 66.51
CA VAL C 1215 6.57 -31.42 66.33
C VAL C 1215 7.85 -32.26 66.41
N ASN C 1216 9.01 -31.68 66.16
CA ASN C 1216 10.26 -32.41 66.37
C ASN C 1216 10.59 -32.54 67.85
N HIS C 1217 9.97 -31.75 68.72
CA HIS C 1217 10.29 -31.85 70.13
C HIS C 1217 9.09 -32.14 71.04
N VAL C 1218 7.90 -31.64 70.71
CA VAL C 1218 6.71 -31.79 71.55
C VAL C 1218 5.71 -32.54 70.67
N GLU C 1219 4.46 -32.72 71.12
CA GLU C 1219 3.47 -33.56 70.46
C GLU C 1219 3.07 -33.09 69.05
N GLY C 1220 2.22 -33.87 68.39
CA GLY C 1220 2.04 -33.80 66.95
C GLY C 1220 1.37 -32.58 66.36
N ILE C 1221 0.06 -32.43 66.57
CA ILE C 1221 -0.71 -31.41 65.86
C ILE C 1221 -1.56 -30.59 66.81
N GLN C 1222 -1.16 -30.53 68.07
CA GLN C 1222 -1.76 -29.61 69.03
C GLN C 1222 -0.88 -28.40 69.28
N THR C 1223 0.08 -28.14 68.38
CA THR C 1223 1.03 -27.05 68.55
C THR C 1223 0.44 -25.70 68.16
N GLN C 1224 -0.62 -25.67 67.37
CA GLN C 1224 -1.21 -24.39 67.02
C GLN C 1224 -1.96 -23.77 68.19
N ALA C 1225 -2.47 -24.58 69.12
CA ALA C 1225 -3.14 -24.05 70.29
C ALA C 1225 -2.16 -23.33 71.20
N MET C 1226 -1.05 -23.98 71.56
CA MET C 1226 -0.01 -23.32 72.31
C MET C 1226 0.68 -22.22 71.50
N ALA C 1227 0.65 -22.31 70.17
CA ALA C 1227 1.21 -21.23 69.35
C ALA C 1227 0.35 -19.97 69.42
N ILE C 1228 -0.99 -20.13 69.45
CA ILE C 1228 -1.88 -19.01 69.72
C ILE C 1228 -1.67 -18.49 71.14
N ASP C 1229 -1.43 -19.41 72.09
CA ASP C 1229 -1.22 -19.02 73.48
C ASP C 1229 0.03 -18.17 73.66
N ILE C 1230 1.10 -18.47 72.91
CA ILE C 1230 2.30 -17.63 72.95
C ILE C 1230 2.17 -16.43 72.01
N MET C 1231 1.30 -16.51 70.99
CA MET C 1231 0.98 -15.36 70.15
C MET C 1231 0.27 -14.28 70.95
N GLN C 1232 -0.42 -14.68 72.02
CA GLN C 1232 -0.96 -13.73 73.00
C GLN C 1232 0.13 -12.97 73.76
N LYS C 1233 1.41 -13.32 73.60
CA LYS C 1233 2.52 -12.57 74.16
C LYS C 1233 3.47 -12.08 73.08
N MET C 1234 3.87 -12.94 72.14
CA MET C 1234 4.85 -12.60 71.11
C MET C 1234 4.22 -12.78 69.73
N LEU C 1235 4.20 -11.72 68.94
CA LEU C 1235 3.45 -11.68 67.69
C LEU C 1235 4.36 -11.90 66.49
N GLU C 1236 3.76 -11.91 65.30
CA GLU C 1236 4.49 -11.77 64.05
C GLU C 1236 4.11 -10.51 63.29
N GLU C 1237 2.84 -10.32 62.97
CA GLU C 1237 2.46 -9.31 62.00
C GLU C 1237 1.92 -8.06 62.69
N GLN C 1238 1.54 -7.07 61.88
CA GLN C 1238 1.36 -5.69 62.33
C GLN C 1238 0.17 -5.55 63.27
N LEU C 1239 -1.03 -5.80 62.78
CA LEU C 1239 -2.26 -5.75 63.55
C LEU C 1239 -2.90 -7.13 63.43
N ILE C 1240 -2.81 -7.93 64.49
CA ILE C 1240 -2.93 -9.38 64.30
C ILE C 1240 -4.40 -9.77 64.23
N THR C 1241 -5.08 -9.73 65.38
CA THR C 1241 -6.47 -10.17 65.56
C THR C 1241 -6.76 -11.53 64.92
N HIS C 1242 -5.81 -12.47 65.06
CA HIS C 1242 -5.86 -13.71 64.30
C HIS C 1242 -5.60 -14.95 65.14
N ALA C 1243 -5.37 -16.07 64.46
CA ALA C 1243 -4.81 -17.29 65.03
C ALA C 1243 -3.28 -17.20 64.93
N SER C 1244 -2.59 -18.33 65.06
CA SER C 1244 -1.12 -18.35 65.02
C SER C 1244 -0.57 -18.06 63.64
N GLY C 1245 -0.73 -16.81 63.19
CA GLY C 1245 -0.65 -16.54 61.77
C GLY C 1245 -1.65 -17.39 61.04
N GLU C 1246 -1.22 -17.97 59.94
CA GLU C 1246 -1.88 -19.13 59.37
C GLU C 1246 -1.06 -20.33 59.77
N ALA C 1247 -1.71 -21.32 60.40
CA ALA C 1247 -0.98 -22.41 61.04
C ALA C 1247 -0.24 -23.26 60.01
N TRP C 1248 -0.83 -23.47 58.84
CA TRP C 1248 -0.24 -24.33 57.84
C TRP C 1248 -0.71 -23.91 56.47
N ARG C 1249 0.16 -24.18 55.48
CA ARG C 1249 -0.10 -24.17 54.03
C ARG C 1249 -0.86 -22.91 53.58
N THR C 1250 -0.17 -21.79 53.71
CA THR C 1250 -0.72 -20.51 53.22
C THR C 1250 0.41 -19.62 52.78
N PHE C 1251 0.39 -19.21 51.51
CA PHE C 1251 1.41 -18.32 51.00
C PHE C 1251 1.20 -16.89 51.46
N ILE C 1252 2.30 -16.24 51.81
CA ILE C 1252 2.38 -14.80 51.97
C ILE C 1252 3.67 -14.35 51.29
N TYR C 1253 3.58 -13.38 50.39
CA TYR C 1253 4.79 -12.76 49.85
C TYR C 1253 5.40 -11.81 50.85
N GLY C 1254 6.34 -11.02 50.39
CA GLY C 1254 6.83 -9.95 51.23
C GLY C 1254 5.88 -8.78 51.35
N PHE C 1255 6.44 -7.62 51.62
CA PHE C 1255 5.70 -6.43 52.04
C PHE C 1255 4.82 -6.77 53.25
N TYR C 1256 5.53 -7.04 54.36
CA TYR C 1256 4.98 -7.16 55.71
C TYR C 1256 3.87 -6.15 56.00
N PHE C 1257 4.08 -4.90 55.60
CA PHE C 1257 3.02 -3.90 55.56
C PHE C 1257 2.05 -4.17 54.41
N TYR C 1258 0.79 -4.36 54.74
CA TYR C 1258 -0.28 -4.05 53.79
C TYR C 1258 -1.47 -3.34 54.41
N LYS C 1259 -1.58 -3.26 55.73
CA LYS C 1259 -2.76 -2.68 56.35
C LYS C 1259 -2.39 -1.46 57.17
N ILE C 1260 -3.23 -0.41 57.05
CA ILE C 1260 -3.13 0.87 57.77
C ILE C 1260 -1.78 1.56 57.61
N VAL C 1283 -3.73 4.79 46.33
CA VAL C 1283 -3.35 3.84 45.29
C VAL C 1283 -4.55 3.60 44.41
N ASP C 1284 -4.37 3.72 43.10
CA ASP C 1284 -5.44 3.45 42.15
C ASP C 1284 -5.34 2.02 41.64
N ASP C 1285 -6.48 1.36 41.49
CA ASP C 1285 -6.52 -0.03 41.10
C ASP C 1285 -6.56 -0.12 39.58
N PHE C 1286 -6.87 -1.30 39.04
CA PHE C 1286 -6.86 -1.55 37.60
C PHE C 1286 -8.29 -1.87 37.15
N ALA C 1287 -8.96 -0.87 36.60
CA ALA C 1287 -10.20 -1.14 35.90
C ALA C 1287 -9.89 -1.91 34.63
N SER C 1288 -10.67 -2.95 34.35
CA SER C 1288 -10.36 -3.87 33.26
C SER C 1288 -10.72 -3.31 31.88
N PHE C 1289 -11.12 -2.04 31.79
CA PHE C 1289 -11.29 -1.36 30.52
C PHE C 1289 -9.96 -0.91 29.95
N GLN C 1290 -8.91 -0.88 30.77
CA GLN C 1290 -7.67 -0.22 30.41
C GLN C 1290 -6.73 -1.07 29.60
N ARG C 1291 -7.15 -2.27 29.17
CA ARG C 1291 -6.36 -3.20 28.37
C ARG C 1291 -5.05 -3.54 29.09
N LYS C 1292 -5.18 -4.16 30.26
CA LYS C 1292 -4.04 -4.66 30.99
C LYS C 1292 -3.33 -5.75 30.20
N TRP C 1293 -2.00 -5.70 30.14
CA TRP C 1293 -1.29 -6.85 29.63
C TRP C 1293 -1.19 -7.85 30.78
N PHE C 1294 -1.89 -8.98 30.66
CA PHE C 1294 -1.83 -9.98 31.71
C PHE C 1294 -1.43 -11.35 31.18
N GLU C 1295 -0.97 -12.18 32.11
CA GLU C 1295 -0.34 -13.46 31.80
C GLU C 1295 -0.32 -14.35 33.02
N VAL C 1296 -0.73 -15.61 32.90
CA VAL C 1296 -0.91 -16.46 34.08
C VAL C 1296 0.16 -17.54 34.04
N ALA C 1297 1.17 -17.38 34.88
CA ALA C 1297 2.08 -18.47 35.13
C ALA C 1297 1.45 -19.39 36.18
N PHE C 1298 2.04 -20.56 36.35
CA PHE C 1298 1.32 -21.66 36.98
C PHE C 1298 2.33 -22.58 37.64
N VAL C 1299 1.96 -23.15 38.78
CA VAL C 1299 2.83 -24.03 39.55
C VAL C 1299 2.12 -25.37 39.74
N ALA C 1300 2.74 -26.43 39.23
CA ALA C 1300 2.10 -27.74 39.15
C ALA C 1300 2.94 -28.77 39.88
N GLU C 1301 2.39 -29.33 40.95
CA GLU C 1301 3.07 -30.37 41.72
C GLU C 1301 3.19 -31.63 40.90
N GLU C 1302 4.40 -32.18 40.81
CA GLU C 1302 4.71 -33.21 39.84
C GLU C 1302 5.53 -34.34 40.46
N LEU C 1303 5.53 -35.48 39.77
CA LEU C 1303 6.31 -36.65 40.17
C LEU C 1303 6.75 -37.38 38.91
N VAL C 1304 8.06 -37.54 38.73
CA VAL C 1304 8.64 -37.94 37.44
C VAL C 1304 8.49 -39.43 37.17
N HIS C 1305 8.18 -40.23 38.21
CA HIS C 1305 8.25 -41.69 38.15
C HIS C 1305 7.23 -42.28 37.18
N SER C 1306 6.16 -41.56 36.86
CA SER C 1306 5.30 -41.94 35.76
C SER C 1306 5.49 -41.08 34.53
N GLU C 1307 6.10 -39.91 34.68
CA GLU C 1307 6.32 -39.01 33.56
C GLU C 1307 7.33 -39.57 32.57
N ILE C 1308 8.30 -40.34 33.05
CA ILE C 1308 9.27 -40.96 32.16
C ILE C 1308 8.74 -42.21 31.43
N PRO C 1309 8.11 -43.22 32.06
CA PRO C 1309 7.78 -44.43 31.27
C PRO C 1309 6.70 -44.25 30.22
N ALA C 1310 5.67 -43.45 30.49
CA ALA C 1310 4.66 -43.19 29.46
C ALA C 1310 5.25 -42.39 28.30
N PHE C 1311 6.26 -41.58 28.58
CA PHE C 1311 7.05 -40.98 27.52
C PHE C 1311 7.86 -42.03 26.78
N LEU C 1312 8.36 -43.02 27.49
CA LEU C 1312 9.31 -43.97 26.93
C LEU C 1312 8.52 -45.16 26.38
N LEU C 1313 9.21 -46.24 26.04
CA LEU C 1313 8.69 -47.52 25.56
C LEU C 1313 7.58 -48.17 26.40
N PRO C 1314 7.49 -47.99 27.74
CA PRO C 1314 6.25 -48.39 28.43
C PRO C 1314 5.03 -47.67 27.92
N TRP C 1315 3.91 -48.38 27.96
CA TRP C 1315 2.79 -48.07 27.08
C TRP C 1315 1.50 -48.72 27.57
N LEU C 1316 0.51 -47.92 27.96
CA LEU C 1316 -0.82 -48.49 28.17
C LEU C 1316 -1.81 -47.79 27.25
N VAL C 1348 -9.28 -16.36 55.30
CA VAL C 1348 -8.29 -16.63 54.27
C VAL C 1348 -8.95 -16.55 52.89
N PRO C 1349 -8.66 -15.48 52.14
CA PRO C 1349 -9.34 -15.28 50.85
C PRO C 1349 -8.81 -16.20 49.76
N GLU C 1350 -9.36 -16.10 48.55
CA GLU C 1350 -8.90 -16.92 47.44
C GLU C 1350 -8.25 -16.10 46.33
N GLN C 1351 -7.78 -14.90 46.66
CA GLN C 1351 -6.87 -14.15 45.81
C GLN C 1351 -6.02 -13.29 46.72
N ARG C 1352 -4.85 -12.90 46.22
CA ARG C 1352 -4.04 -11.95 46.99
C ARG C 1352 -3.18 -11.09 46.08
N THR C 1353 -3.21 -9.78 46.31
CA THR C 1353 -2.51 -8.81 45.48
C THR C 1353 -1.17 -8.45 46.09
N VAL C 1354 -0.14 -8.35 45.23
CA VAL C 1354 1.19 -7.86 45.57
C VAL C 1354 1.61 -6.94 44.43
N THR C 1355 2.27 -5.82 44.76
CA THR C 1355 2.78 -4.90 43.75
C THR C 1355 4.29 -4.87 43.85
N LEU C 1356 4.97 -5.73 43.10
CA LEU C 1356 6.40 -5.92 43.30
C LEU C 1356 7.24 -5.13 42.30
N ASP C 1357 8.51 -4.93 42.69
CA ASP C 1357 9.52 -4.23 41.89
C ASP C 1357 10.33 -5.25 41.11
N VAL C 1358 10.29 -5.17 39.79
CA VAL C 1358 10.96 -6.13 38.91
C VAL C 1358 12.33 -5.59 38.53
N ASP C 1359 13.32 -5.80 39.40
CA ASP C 1359 14.69 -5.45 39.08
C ASP C 1359 15.68 -6.20 39.94
N VAL C 1360 16.64 -6.88 39.32
CA VAL C 1360 17.88 -7.31 39.98
C VAL C 1360 19.01 -6.76 39.11
N ASN C 1361 19.43 -5.52 39.39
CA ASN C 1361 20.46 -4.80 38.65
C ASN C 1361 20.95 -3.65 39.53
N ASN C 1362 21.73 -2.75 38.93
CA ASN C 1362 21.96 -1.41 39.46
C ASN C 1362 21.64 -0.41 38.33
N ARG C 1363 20.34 -0.12 38.17
CA ARG C 1363 19.90 0.70 37.05
C ARG C 1363 19.99 2.19 37.36
N THR C 1364 19.19 2.62 38.35
CA THR C 1364 18.97 4.04 38.71
C THR C 1364 18.59 4.87 37.48
N ASP C 1365 17.70 4.32 36.66
CA ASP C 1365 17.10 5.08 35.58
C ASP C 1365 15.58 4.96 35.52
N ARG C 1366 15.05 3.77 35.83
CA ARG C 1366 13.62 3.50 35.71
C ARG C 1366 13.14 2.75 36.93
N LEU C 1367 12.06 3.23 37.54
CA LEU C 1367 11.38 2.46 38.56
C LEU C 1367 10.38 1.53 37.89
N GLU C 1368 10.34 0.28 38.35
CA GLU C 1368 9.77 -0.81 37.56
C GLU C 1368 8.89 -1.69 38.45
N TRP C 1369 7.57 -1.61 38.29
CA TRP C 1369 6.68 -2.36 39.16
C TRP C 1369 5.60 -3.07 38.35
N CYS C 1370 5.03 -4.11 38.94
CA CYS C 1370 4.05 -4.96 38.29
C CYS C 1370 3.28 -5.72 39.36
N SER C 1371 2.02 -6.06 39.08
CA SER C 1371 1.15 -6.58 40.13
C SER C 1371 0.91 -8.08 39.96
N CYS C 1372 1.31 -8.84 40.97
CA CYS C 1372 1.02 -10.27 41.07
C CYS C 1372 -0.30 -10.48 41.80
N TYR C 1373 -1.12 -11.41 41.29
CA TYR C 1373 -2.26 -11.92 42.04
C TYR C 1373 -2.05 -13.41 42.25
N TYR C 1374 -2.00 -13.82 43.51
CA TYR C 1374 -2.21 -15.23 43.82
C TYR C 1374 -3.64 -15.58 43.52
N HIS C 1375 -3.86 -16.79 43.00
CA HIS C 1375 -5.17 -17.38 43.26
C HIS C 1375 -5.13 -18.22 44.52
N GLY C 1376 -3.94 -18.67 44.91
CA GLY C 1376 -3.83 -19.65 45.95
C GLY C 1376 -3.44 -18.99 47.24
N ASN C 1377 -4.14 -19.36 48.31
CA ASN C 1377 -3.65 -19.15 49.65
C ASN C 1377 -3.68 -20.46 50.43
N PHE C 1378 -3.78 -21.57 49.72
CA PHE C 1378 -3.75 -22.86 50.40
C PHE C 1378 -2.64 -23.77 49.88
N SER C 1379 -2.67 -24.06 48.58
CA SER C 1379 -1.73 -24.96 47.89
C SER C 1379 -1.56 -26.30 48.61
N LEU C 1380 -2.66 -27.03 48.73
CA LEU C 1380 -2.72 -28.24 49.53
C LEU C 1380 -1.80 -29.33 48.98
N ASN C 1381 -2.21 -29.95 47.88
CA ASN C 1381 -1.34 -30.59 46.90
C ASN C 1381 -1.91 -30.42 45.51
N ALA C 1382 -2.77 -29.42 45.32
CA ALA C 1382 -3.48 -29.17 44.09
C ALA C 1382 -2.69 -28.20 43.22
N ALA C 1383 -3.33 -27.63 42.21
CA ALA C 1383 -2.72 -26.63 41.35
C ALA C 1383 -2.41 -25.36 42.14
N PHE C 1384 -1.55 -24.53 41.55
CA PHE C 1384 -1.31 -23.20 42.07
C PHE C 1384 -1.13 -22.27 40.88
N GLU C 1385 -1.66 -21.04 40.96
CA GLU C 1385 -1.46 -20.15 39.82
C GLU C 1385 -1.25 -18.72 40.26
N ILE C 1386 -0.43 -18.03 39.46
CA ILE C 1386 0.01 -16.67 39.68
C ILE C 1386 -0.33 -15.87 38.44
N LYS C 1387 -1.16 -14.85 38.59
CA LYS C 1387 -1.46 -13.94 37.50
C LYS C 1387 -0.52 -12.75 37.59
N LEU C 1388 -0.09 -12.27 36.43
CA LEU C 1388 0.70 -11.06 36.33
C LEU C 1388 -0.10 -10.04 35.54
N HIS C 1389 -0.46 -8.92 36.19
CA HIS C 1389 -1.09 -7.79 35.52
C HIS C 1389 -0.06 -6.68 35.44
N TRP C 1390 0.19 -6.17 34.24
CA TRP C 1390 1.08 -5.05 34.08
C TRP C 1390 0.55 -4.10 33.02
N MET C 1391 0.64 -2.82 33.35
CA MET C 1391 0.42 -1.65 32.50
C MET C 1391 1.62 -0.76 32.60
N ALA C 1392 2.80 -1.36 32.40
CA ALA C 1392 4.02 -0.84 33.00
C ALA C 1392 5.25 -1.14 32.15
N VAL C 1393 6.38 -1.23 32.83
CA VAL C 1393 7.73 -1.25 32.28
C VAL C 1393 8.03 -2.45 31.40
N THR C 1394 9.21 -2.39 30.76
CA THR C 1394 9.68 -3.28 29.71
C THR C 1394 9.50 -4.76 30.03
N ALA C 1395 8.93 -5.49 29.08
CA ALA C 1395 8.49 -6.86 29.33
C ALA C 1395 9.65 -7.82 29.46
N ALA C 1396 10.80 -7.50 28.83
CA ALA C 1396 11.91 -8.44 28.82
C ALA C 1396 12.55 -8.62 30.19
N VAL C 1397 12.56 -7.57 31.01
CA VAL C 1397 13.07 -7.68 32.36
C VAL C 1397 12.17 -8.56 33.21
N LEU C 1398 10.85 -8.42 33.02
CA LEU C 1398 9.91 -9.29 33.69
C LEU C 1398 10.03 -10.72 33.19
N PHE C 1399 10.38 -10.91 31.91
CA PHE C 1399 10.63 -12.25 31.39
C PHE C 1399 11.84 -12.90 32.06
N GLU C 1400 12.91 -12.13 32.29
CA GLU C 1400 14.02 -12.78 32.97
C GLU C 1400 13.76 -12.96 34.47
N MET C 1401 12.86 -12.17 35.07
CA MET C 1401 12.44 -12.47 36.44
C MET C 1401 11.65 -13.77 36.52
N VAL C 1402 10.72 -13.95 35.58
CA VAL C 1402 9.95 -15.19 35.53
C VAL C 1402 10.85 -16.37 35.27
N GLN C 1403 11.84 -16.21 34.39
CA GLN C 1403 12.74 -17.32 34.12
C GLN C 1403 13.73 -17.53 35.27
N GLY C 1404 14.01 -16.49 36.06
CA GLY C 1404 14.83 -16.66 37.24
C GLY C 1404 14.15 -17.51 38.31
N TRP C 1405 12.90 -17.19 38.62
CA TRP C 1405 12.30 -18.14 39.56
C TRP C 1405 11.79 -19.40 38.88
N HIS C 1406 11.84 -19.49 37.56
CA HIS C 1406 11.71 -20.81 36.92
C HIS C 1406 12.92 -21.69 37.22
N ARG C 1407 14.13 -21.10 37.13
CA ARG C 1407 15.32 -21.86 37.50
C ARG C 1407 15.34 -22.19 38.98
N LYS C 1408 14.76 -21.33 39.82
CA LYS C 1408 14.60 -21.73 41.20
C LYS C 1408 13.47 -22.74 41.38
N ALA C 1409 12.53 -22.81 40.43
CA ALA C 1409 11.46 -23.79 40.55
C ALA C 1409 11.92 -25.19 40.21
N THR C 1410 12.59 -25.36 39.06
CA THR C 1410 12.96 -26.69 38.59
C THR C 1410 14.06 -27.28 39.46
N SER C 1411 15.20 -26.59 39.56
CA SER C 1411 16.24 -27.00 40.49
C SER C 1411 15.76 -26.74 41.91
N CYS C 1412 15.81 -27.78 42.75
CA CYS C 1412 15.27 -27.77 44.11
C CYS C 1412 13.79 -27.40 44.09
N GLY C 1413 12.98 -28.32 43.55
CA GLY C 1413 11.55 -28.12 43.56
C GLY C 1413 10.78 -28.84 42.46
N PHE C 1414 9.96 -28.09 41.73
CA PHE C 1414 8.98 -28.66 40.81
C PHE C 1414 8.53 -27.59 39.80
N LEU C 1415 7.59 -27.96 38.94
CA LEU C 1415 7.34 -27.22 37.70
C LEU C 1415 6.61 -25.91 37.90
N LEU C 1416 7.14 -24.87 37.24
CA LEU C 1416 6.42 -23.64 36.95
C LEU C 1416 6.33 -23.50 35.44
N VAL C 1417 5.10 -23.40 34.94
CA VAL C 1417 4.78 -23.40 33.51
C VAL C 1417 3.83 -22.25 33.24
N PRO C 1418 4.06 -21.43 32.22
CA PRO C 1418 3.03 -20.47 31.83
C PRO C 1418 1.88 -21.19 31.15
N VAL C 1419 0.66 -20.87 31.57
CA VAL C 1419 -0.51 -21.62 31.15
C VAL C 1419 -1.52 -20.64 30.58
N LEU C 1420 -2.00 -20.95 29.37
CA LEU C 1420 -3.11 -20.26 28.71
C LEU C 1420 -4.29 -20.19 29.63
N GLU C 1421 -4.66 -18.99 30.07
CA GLU C 1421 -5.82 -18.86 30.94
C GLU C 1421 -7.06 -18.54 30.14
N GLY C 1422 -7.11 -19.07 28.92
CA GLY C 1422 -8.35 -19.24 28.21
C GLY C 1422 -8.88 -20.63 28.46
N PRO C 1423 -9.90 -20.73 29.28
CA PRO C 1423 -10.62 -21.99 29.42
C PRO C 1423 -11.49 -22.26 28.21
N PHE C 1424 -12.39 -23.22 28.32
CA PHE C 1424 -13.10 -23.74 27.15
C PHE C 1424 -14.14 -22.73 26.69
N ALA C 1425 -13.68 -21.59 26.17
CA ALA C 1425 -14.52 -20.42 26.00
C ALA C 1425 -14.96 -20.31 24.54
N LEU C 1426 -16.20 -19.94 24.34
CA LEU C 1426 -16.73 -19.70 23.02
C LEU C 1426 -16.16 -18.39 22.50
N PRO C 1427 -16.26 -18.14 21.19
CA PRO C 1427 -15.95 -16.78 20.70
C PRO C 1427 -17.00 -15.79 21.18
N SER C 1428 -16.66 -14.51 21.01
CA SER C 1428 -17.36 -13.35 21.58
C SER C 1428 -17.40 -13.39 23.11
N TYR C 1429 -16.46 -14.07 23.72
CA TYR C 1429 -16.14 -13.92 25.13
C TYR C 1429 -14.88 -13.06 25.25
N LEU C 1430 -14.69 -12.50 26.45
CA LEU C 1430 -13.55 -11.63 26.69
C LEU C 1430 -12.23 -12.39 26.67
N TYR C 1431 -12.28 -13.69 26.94
CA TYR C 1431 -11.20 -14.61 26.62
C TYR C 1431 -11.58 -15.41 25.39
N GLY C 1432 -10.58 -16.04 24.79
CA GLY C 1432 -10.84 -17.03 23.75
C GLY C 1432 -10.47 -16.52 22.37
N ASP C 1433 -10.63 -17.42 21.41
CA ASP C 1433 -10.32 -17.21 20.01
C ASP C 1433 -11.58 -17.45 19.19
N PRO C 1434 -11.59 -17.09 17.92
CA PRO C 1434 -12.63 -17.58 17.03
C PRO C 1434 -12.30 -18.92 16.40
N LEU C 1435 -11.30 -19.64 16.91
CA LEU C 1435 -10.81 -20.83 16.23
C LEU C 1435 -10.53 -21.95 17.23
N ARG C 1436 -11.37 -22.11 18.25
CA ARG C 1436 -11.17 -23.14 19.26
C ARG C 1436 -12.28 -24.17 19.20
N ALA C 1437 -11.89 -25.45 19.29
CA ALA C 1437 -12.81 -26.53 19.01
C ALA C 1437 -13.63 -26.93 20.23
N GLN C 1438 -12.98 -27.00 21.40
CA GLN C 1438 -13.53 -27.62 22.62
C GLN C 1438 -13.89 -29.09 22.34
N LEU C 1439 -12.84 -29.89 22.17
CA LEU C 1439 -13.01 -31.25 21.68
C LEU C 1439 -13.72 -32.12 22.71
N PHE C 1440 -14.46 -33.11 22.25
CA PHE C 1440 -15.34 -33.89 23.10
C PHE C 1440 -14.87 -35.33 23.15
N ILE C 1441 -14.94 -35.93 24.33
CA ILE C 1441 -14.56 -37.33 24.54
C ILE C 1441 -15.65 -38.00 25.38
N PRO C 1442 -16.38 -38.98 24.84
CA PRO C 1442 -17.50 -39.55 25.58
C PRO C 1442 -17.12 -40.77 26.39
N LEU C 1443 -17.80 -40.95 27.52
CA LEU C 1443 -17.57 -42.07 28.43
C LEU C 1443 -18.69 -43.08 28.22
N ASN C 1444 -18.47 -44.05 27.34
CA ASN C 1444 -19.40 -45.14 27.13
C ASN C 1444 -19.39 -46.04 28.35
N ILE C 1445 -20.45 -46.00 29.15
CA ILE C 1445 -20.45 -46.72 30.42
C ILE C 1445 -20.65 -48.21 30.17
N SER C 1446 -21.83 -48.57 29.65
CA SER C 1446 -22.20 -49.95 29.27
C SER C 1446 -22.00 -50.94 30.42
N CYS C 1447 -22.76 -50.73 31.49
CA CYS C 1447 -22.65 -51.58 32.66
C CYS C 1447 -24.00 -52.10 33.12
N GLU C 1463 -30.97 -41.74 43.55
CA GLU C 1463 -30.52 -40.70 44.47
C GLU C 1463 -29.22 -40.07 44.03
N THR C 1464 -29.30 -38.83 43.55
CA THR C 1464 -28.16 -37.92 43.32
C THR C 1464 -27.12 -38.54 42.39
N TYR C 1465 -27.55 -38.71 41.13
CA TYR C 1465 -26.67 -39.27 40.10
C TYR C 1465 -25.44 -38.40 39.88
N TRP C 1466 -25.61 -37.08 39.80
CA TRP C 1466 -24.56 -36.22 39.30
C TRP C 1466 -23.43 -36.02 40.29
N ASP C 1467 -23.72 -35.98 41.59
CA ASP C 1467 -22.67 -35.73 42.58
C ASP C 1467 -21.77 -36.96 42.74
N ARG C 1468 -22.38 -38.14 42.87
CA ARG C 1468 -21.62 -39.38 42.94
C ARG C 1468 -20.89 -39.66 41.64
N MET C 1469 -21.52 -39.30 40.51
CA MET C 1469 -20.87 -39.47 39.21
C MET C 1469 -19.68 -38.52 39.06
N HIS C 1470 -19.79 -37.32 39.60
CA HIS C 1470 -18.68 -36.37 39.61
C HIS C 1470 -17.52 -36.89 40.45
N LEU C 1471 -17.83 -37.52 41.58
CA LEU C 1471 -16.76 -38.08 42.42
C LEU C 1471 -16.10 -39.28 41.74
N PHE C 1472 -16.89 -40.13 41.09
CA PHE C 1472 -16.34 -41.21 40.27
C PHE C 1472 -15.52 -40.69 39.10
N GLN C 1473 -15.89 -39.52 38.58
CA GLN C 1473 -15.11 -38.92 37.50
C GLN C 1473 -13.76 -38.43 38.00
N GLU C 1474 -13.75 -37.83 39.20
CA GLU C 1474 -12.48 -37.50 39.86
C GLU C 1474 -11.63 -38.73 40.09
N ALA C 1475 -12.29 -39.86 40.38
CA ALA C 1475 -11.55 -41.10 40.63
C ALA C 1475 -10.87 -41.60 39.35
N ILE C 1476 -11.56 -41.54 38.21
CA ILE C 1476 -10.92 -41.95 36.95
C ILE C 1476 -9.79 -41.00 36.58
N ALA C 1477 -9.99 -39.70 36.79
CA ALA C 1477 -8.95 -38.71 36.51
C ALA C 1477 -7.71 -38.95 37.35
N HIS C 1478 -7.86 -39.07 38.66
CA HIS C 1478 -6.69 -39.37 39.49
C HIS C 1478 -6.20 -40.81 39.34
N ARG C 1479 -6.96 -41.70 38.68
CA ARG C 1479 -6.39 -42.99 38.32
C ARG C 1479 -5.39 -42.85 37.18
N PHE C 1480 -5.74 -42.03 36.18
CA PHE C 1480 -4.70 -41.54 35.25
C PHE C 1480 -3.61 -40.78 35.97
N GLY C 1481 -3.95 -40.15 37.08
CA GLY C 1481 -3.00 -39.69 38.06
C GLY C 1481 -1.95 -40.71 38.48
N PHE C 1482 -2.43 -41.79 39.06
CA PHE C 1482 -1.54 -42.76 39.70
C PHE C 1482 -0.75 -43.53 38.67
N VAL C 1483 -1.31 -43.81 37.49
CA VAL C 1483 -0.54 -44.63 36.56
C VAL C 1483 0.33 -43.77 35.64
N GLN C 1484 -0.17 -42.68 35.05
CA GLN C 1484 0.67 -41.87 34.17
C GLN C 1484 0.76 -40.39 34.55
N ASP C 1485 -0.38 -39.75 34.80
CA ASP C 1485 -0.53 -38.32 34.53
C ASP C 1485 -1.46 -37.71 35.56
N LYS C 1486 -0.87 -37.04 36.55
CA LYS C 1486 -1.57 -36.49 37.72
C LYS C 1486 -2.50 -35.35 37.28
N TYR C 1487 -3.43 -35.00 38.17
CA TYR C 1487 -4.46 -34.01 37.90
C TYR C 1487 -4.46 -32.97 38.99
N SER C 1488 -5.08 -31.83 38.69
CA SER C 1488 -5.29 -30.83 39.70
C SER C 1488 -6.53 -30.03 39.37
N ALA C 1489 -7.37 -29.82 40.38
CA ALA C 1489 -8.54 -28.98 40.22
C ALA C 1489 -8.10 -27.52 40.16
N SER C 1490 -7.93 -26.98 38.95
CA SER C 1490 -7.41 -25.61 38.84
C SER C 1490 -8.54 -24.67 39.15
N ALA C 1491 -8.72 -24.38 40.44
CA ALA C 1491 -9.83 -23.56 40.91
C ALA C 1491 -9.60 -22.12 40.49
N PHE C 1492 -10.18 -21.71 39.38
CA PHE C 1492 -9.93 -20.40 38.80
C PHE C 1492 -10.74 -19.34 39.53
N ASN C 1493 -10.80 -18.13 38.97
CA ASN C 1493 -11.21 -16.96 39.74
C ASN C 1493 -12.39 -16.25 39.09
N PHE C 1494 -13.41 -17.02 38.74
CA PHE C 1494 -14.68 -16.41 38.41
C PHE C 1494 -15.68 -16.72 39.52
N PRO C 1495 -16.50 -15.75 39.95
CA PRO C 1495 -17.43 -16.02 41.06
C PRO C 1495 -18.54 -16.99 40.67
N ALA C 1496 -18.90 -17.83 41.66
CA ALA C 1496 -19.84 -18.96 41.68
C ALA C 1496 -19.33 -20.19 40.94
N GLU C 1497 -18.21 -20.07 40.21
CA GLU C 1497 -17.34 -21.17 39.75
C GLU C 1497 -18.11 -22.23 38.95
N ASN C 1498 -18.52 -21.81 37.74
CA ASN C 1498 -19.53 -22.52 36.96
C ASN C 1498 -19.11 -23.95 36.62
N LYS C 1499 -18.01 -24.13 35.92
CA LYS C 1499 -17.71 -25.50 35.54
C LYS C 1499 -16.44 -26.02 36.23
N PRO C 1500 -16.41 -27.31 36.57
CA PRO C 1500 -15.19 -27.88 37.15
C PRO C 1500 -14.14 -28.17 36.08
N GLN C 1501 -12.92 -27.74 36.35
CA GLN C 1501 -11.85 -27.61 35.36
C GLN C 1501 -10.56 -28.18 35.92
N TYR C 1502 -10.07 -29.24 35.27
CA TYR C 1502 -8.86 -29.92 35.68
C TYR C 1502 -7.73 -29.62 34.71
N ILE C 1503 -6.56 -29.35 35.26
CA ILE C 1503 -5.32 -29.28 34.51
C ILE C 1503 -4.60 -30.60 34.72
N HIS C 1504 -3.97 -31.13 33.67
CA HIS C 1504 -3.11 -32.26 33.95
C HIS C 1504 -1.74 -31.78 34.38
N VAL C 1505 -1.14 -32.53 35.27
CA VAL C 1505 0.23 -32.32 35.69
C VAL C 1505 1.16 -32.76 34.58
N THR C 1506 2.14 -31.91 34.27
CA THR C 1506 3.27 -32.20 33.39
C THR C 1506 2.75 -32.59 32.00
N GLY C 1507 2.19 -31.58 31.35
CA GLY C 1507 1.64 -31.82 30.03
C GLY C 1507 0.98 -30.57 29.48
N THR C 1508 0.15 -30.82 28.46
CA THR C 1508 -0.38 -29.79 27.59
C THR C 1508 -1.90 -29.86 27.52
N VAL C 1509 -2.58 -30.20 28.62
CA VAL C 1509 -3.93 -30.72 28.51
C VAL C 1509 -4.84 -30.17 29.60
N PHE C 1510 -5.99 -29.62 29.17
CA PHE C 1510 -7.11 -29.17 29.98
C PHE C 1510 -8.30 -30.10 29.83
N LEU C 1511 -9.05 -30.28 30.92
CA LEU C 1511 -10.33 -30.97 30.89
C LEU C 1511 -11.38 -30.18 31.65
N GLN C 1512 -12.64 -30.32 31.24
CA GLN C 1512 -13.77 -29.88 32.05
C GLN C 1512 -14.84 -30.94 32.09
N LEU C 1513 -15.69 -30.82 33.11
CA LEU C 1513 -16.77 -31.77 33.34
C LEU C 1513 -18.12 -31.09 33.14
N PRO C 1514 -18.81 -31.32 32.01
CA PRO C 1514 -20.11 -30.68 31.80
C PRO C 1514 -21.22 -31.39 32.55
N ARG C 1543 -24.15 -35.00 26.62
CA ARG C 1543 -24.05 -36.44 26.74
C ARG C 1543 -23.59 -36.85 28.13
N VAL C 1544 -22.75 -37.87 28.18
CA VAL C 1544 -22.29 -38.47 29.42
C VAL C 1544 -20.84 -38.14 29.71
N GLY C 1545 -20.01 -38.09 28.67
CA GLY C 1545 -18.59 -37.86 28.80
C GLY C 1545 -18.19 -36.44 29.17
N TYR C 1546 -16.97 -36.04 28.79
CA TYR C 1546 -16.42 -34.80 29.31
C TYR C 1546 -15.26 -34.34 28.44
N ASN C 1547 -15.06 -33.02 28.38
CA ASN C 1547 -14.44 -32.45 27.21
C ASN C 1547 -13.04 -31.91 27.49
N TRP C 1548 -12.31 -31.70 26.41
CA TRP C 1548 -10.86 -31.70 26.34
C TRP C 1548 -10.39 -30.49 25.54
N ALA C 1549 -9.24 -29.95 25.91
CA ALA C 1549 -8.59 -28.96 25.06
C ALA C 1549 -7.08 -28.99 25.29
N TYR C 1550 -6.38 -28.34 24.38
CA TYR C 1550 -4.95 -28.52 24.18
C TYR C 1550 -4.24 -27.20 24.45
N ASN C 1551 -3.34 -27.21 25.44
CA ASN C 1551 -2.60 -26.02 25.83
C ASN C 1551 -1.58 -25.67 24.75
N THR C 1552 -1.49 -24.37 24.42
CA THR C 1552 -0.63 -23.88 23.35
C THR C 1552 0.38 -22.86 23.84
N MET C 1553 0.82 -22.95 25.09
CA MET C 1553 1.70 -21.93 25.65
C MET C 1553 3.06 -22.45 26.07
N LEU C 1554 3.33 -23.75 25.95
CA LEU C 1554 4.66 -24.26 26.30
C LEU C 1554 5.71 -23.81 25.30
N THR C 1555 5.49 -24.13 24.03
CA THR C 1555 6.24 -23.65 22.84
C THR C 1555 7.77 -23.82 22.99
N LYS C 1556 8.15 -25.01 23.49
CA LYS C 1556 9.49 -25.61 23.46
C LYS C 1556 10.53 -24.96 24.36
N THR C 1557 10.20 -23.86 24.99
CA THR C 1557 10.95 -23.41 26.15
C THR C 1557 10.02 -23.54 27.34
N TRP C 1558 10.49 -23.12 28.52
CA TRP C 1558 9.98 -23.58 29.82
C TRP C 1558 9.87 -25.10 29.83
N ARG C 1559 10.93 -25.75 29.38
CA ARG C 1559 10.89 -27.13 28.95
C ARG C 1559 11.95 -27.92 29.70
N SER C 1560 11.55 -29.07 30.23
CA SER C 1560 12.50 -29.95 30.90
C SER C 1560 12.23 -31.37 30.43
N SER C 1561 12.95 -32.32 31.01
CA SER C 1561 12.76 -33.73 30.72
C SER C 1561 11.48 -34.28 31.33
N ALA C 1562 10.83 -33.52 32.21
CA ALA C 1562 9.52 -33.94 32.71
C ALA C 1562 8.46 -33.85 31.62
N THR C 1563 8.25 -32.65 31.08
CA THR C 1563 7.22 -32.42 30.07
C THR C 1563 7.73 -32.76 28.69
N GLY C 1564 7.01 -32.32 27.67
CA GLY C 1564 7.58 -32.10 26.35
C GLY C 1564 7.21 -33.18 25.36
N ASP C 1565 7.66 -32.94 24.12
CA ASP C 1565 7.60 -33.87 23.00
C ASP C 1565 6.16 -34.26 22.64
N GLU C 1566 5.46 -33.35 21.95
CA GLU C 1566 4.02 -33.34 21.63
C GLU C 1566 3.39 -34.68 21.26
N LYS C 1567 4.22 -35.59 20.73
CA LYS C 1567 3.89 -37.00 20.66
C LYS C 1567 3.39 -37.55 21.99
N PHE C 1568 3.92 -37.06 23.12
CA PHE C 1568 3.39 -37.40 24.45
C PHE C 1568 1.92 -37.04 24.57
N ALA C 1569 1.54 -35.85 24.13
CA ALA C 1569 0.16 -35.42 24.19
C ALA C 1569 -0.72 -36.26 23.29
N ASP C 1570 -0.22 -36.61 22.10
CA ASP C 1570 -1.03 -37.43 21.21
C ASP C 1570 -1.15 -38.86 21.71
N ARG C 1571 -0.11 -39.37 22.37
CA ARG C 1571 -0.19 -40.67 23.03
C ARG C 1571 -1.20 -40.65 24.17
N LEU C 1572 -1.27 -39.55 24.91
CA LEU C 1572 -2.25 -39.48 25.99
C LEU C 1572 -3.66 -39.38 25.44
N LEU C 1573 -3.84 -38.72 24.27
CA LEU C 1573 -5.11 -38.80 23.57
C LEU C 1573 -5.50 -40.22 23.22
N LYS C 1574 -4.57 -40.98 22.64
CA LYS C 1574 -4.88 -42.32 22.18
C LYS C 1574 -5.19 -43.25 23.36
N ASP C 1575 -4.35 -43.18 24.39
CA ASP C 1575 -4.54 -43.98 25.60
C ASP C 1575 -5.82 -43.60 26.31
N PHE C 1576 -6.17 -42.32 26.31
CA PHE C 1576 -7.34 -41.86 27.05
C PHE C 1576 -8.64 -42.16 26.32
N THR C 1577 -8.65 -42.11 25.00
CA THR C 1577 -9.85 -42.54 24.29
C THR C 1577 -9.98 -44.05 24.25
N ASP C 1578 -8.87 -44.80 24.34
CA ASP C 1578 -8.99 -46.23 24.51
C ASP C 1578 -9.58 -46.58 25.87
N PHE C 1579 -9.03 -45.99 26.95
CA PHE C 1579 -9.54 -46.23 28.29
C PHE C 1579 -10.95 -45.67 28.48
N CYS C 1580 -11.36 -44.72 27.65
CA CYS C 1580 -12.63 -44.06 27.89
C CYS C 1580 -13.80 -44.70 27.17
N ILE C 1581 -13.58 -45.38 26.04
CA ILE C 1581 -14.68 -45.96 25.27
C ILE C 1581 -14.65 -47.48 25.52
N ASN C 1582 -14.14 -47.85 26.70
CA ASN C 1582 -14.20 -49.21 27.24
C ASN C 1582 -13.51 -50.22 26.32
N ARG C 1583 -12.19 -50.05 26.19
CA ARG C 1583 -11.36 -51.09 25.61
C ARG C 1583 -11.10 -52.16 26.67
N ASP C 1584 -10.11 -53.01 26.39
CA ASP C 1584 -10.23 -54.47 26.39
C ASP C 1584 -11.27 -54.99 27.39
N ASN C 1585 -11.02 -54.77 28.68
CA ASN C 1585 -12.06 -54.78 29.71
C ASN C 1585 -11.76 -53.76 30.79
N ARG C 1586 -11.10 -52.65 30.42
CA ARG C 1586 -10.43 -51.78 31.38
C ARG C 1586 -11.40 -51.10 32.33
N LEU C 1587 -12.50 -50.55 31.81
CA LEU C 1587 -13.50 -49.96 32.68
C LEU C 1587 -14.20 -51.01 33.52
N VAL C 1588 -14.40 -52.21 32.97
CA VAL C 1588 -15.11 -53.25 33.70
C VAL C 1588 -14.23 -53.80 34.83
N THR C 1589 -12.94 -53.97 34.56
CA THR C 1589 -12.00 -54.32 35.62
C THR C 1589 -11.88 -53.20 36.65
N PHE C 1590 -12.00 -51.95 36.22
CA PHE C 1590 -11.99 -50.84 37.17
C PHE C 1590 -13.23 -50.87 38.05
N TRP C 1591 -14.37 -51.27 37.47
CA TRP C 1591 -15.60 -51.46 38.25
C TRP C 1591 -15.42 -52.55 39.30
N THR C 1592 -14.79 -53.66 38.92
CA THR C 1592 -14.59 -54.74 39.89
C THR C 1592 -13.61 -54.31 40.99
N SER C 1593 -12.55 -53.59 40.62
CA SER C 1593 -11.59 -53.12 41.62
C SER C 1593 -12.19 -52.08 42.54
N CYS C 1594 -13.20 -51.33 42.07
CA CYS C 1594 -13.91 -50.44 42.97
C CYS C 1594 -14.91 -51.19 43.85
N LEU C 1595 -15.65 -52.14 43.27
CA LEU C 1595 -16.70 -52.83 44.01
C LEU C 1595 -16.14 -53.80 45.04
N GLU C 1596 -14.87 -54.20 44.95
CA GLU C 1596 -14.30 -55.14 45.90
C GLU C 1596 -13.78 -54.47 47.16
N LYS C 1597 -14.29 -53.29 47.51
CA LYS C 1597 -14.03 -52.69 48.81
C LYS C 1597 -15.35 -52.26 49.43
N MET D 1 10.72 31.03 52.12
CA MET D 1 9.34 30.70 52.46
C MET D 1 9.25 29.28 53.02
N PRO D 2 8.71 29.14 54.23
CA PRO D 2 8.54 27.80 54.82
C PRO D 2 7.53 26.98 54.02
N ASN D 3 8.01 25.87 53.46
CA ASN D 3 7.28 25.08 52.48
C ASN D 3 6.62 23.89 53.19
N THR D 4 5.56 24.18 53.93
CA THR D 4 4.74 23.13 54.53
C THR D 4 3.79 22.61 53.44
N ALA D 5 4.25 21.62 52.69
CA ALA D 5 3.53 21.13 51.52
C ALA D 5 2.40 20.21 51.97
N MET D 6 1.26 20.81 52.28
CA MET D 6 0.03 20.07 52.55
C MET D 6 -0.61 19.64 51.25
N LYS D 7 -1.85 19.16 51.31
CA LYS D 7 -2.55 18.72 50.10
C LYS D 7 -4.05 18.84 50.36
N LYS D 8 -4.66 19.89 49.83
CA LYS D 8 -6.07 20.12 50.10
C LYS D 8 -6.93 19.45 49.04
N LYS D 9 -8.21 19.26 49.36
CA LYS D 9 -9.13 18.55 48.50
C LYS D 9 -10.39 19.37 48.27
N VAL D 10 -10.77 19.50 47.00
CA VAL D 10 -11.90 20.33 46.63
C VAL D 10 -12.64 19.70 45.46
N LEU D 11 -13.94 19.54 45.61
CA LEU D 11 -14.80 18.99 44.58
C LEU D 11 -15.61 20.08 43.91
N LEU D 12 -15.92 19.86 42.64
CA LEU D 12 -16.74 20.78 41.86
C LEU D 12 -17.82 19.95 41.17
N MET D 13 -19.08 20.16 41.60
CA MET D 13 -20.20 19.34 41.15
C MET D 13 -21.39 20.21 40.79
N GLY D 14 -22.39 19.57 40.22
CA GLY D 14 -23.63 20.21 39.84
C GLY D 14 -24.19 19.52 38.60
N LYS D 15 -25.21 20.16 38.03
CA LYS D 15 -25.88 19.63 36.85
C LYS D 15 -25.12 20.03 35.58
N SER D 16 -25.16 19.15 34.57
CA SER D 16 -24.60 19.43 33.26
C SER D 16 -25.27 20.57 32.54
N GLY D 17 -24.80 20.87 31.34
CA GLY D 17 -25.29 22.03 30.64
C GLY D 17 -24.40 23.23 30.85
N SER D 18 -24.75 24.08 31.81
CA SER D 18 -24.12 25.39 31.95
C SER D 18 -22.94 25.33 32.90
N GLY D 19 -21.77 25.67 32.37
CA GLY D 19 -20.63 26.19 33.14
C GLY D 19 -20.05 25.30 34.21
N LYS D 20 -20.00 24.00 33.98
CA LYS D 20 -19.41 23.12 34.96
C LYS D 20 -17.89 23.22 34.95
N THR D 21 -17.27 22.80 33.84
CA THR D 21 -15.80 22.80 33.76
C THR D 21 -15.26 24.04 33.08
N SER D 22 -16.14 24.90 32.56
CA SER D 22 -15.69 26.08 31.82
C SER D 22 -14.99 27.07 32.72
N MET D 23 -15.50 27.25 33.93
CA MET D 23 -14.96 28.25 34.83
C MET D 23 -13.60 27.81 35.38
N ARG D 24 -13.47 26.52 35.70
CA ARG D 24 -12.17 25.97 36.08
C ARG D 24 -11.15 26.12 34.97
N SER D 25 -11.58 25.89 33.74
CA SER D 25 -10.67 25.94 32.62
C SER D 25 -10.27 27.36 32.26
N ILE D 26 -11.09 28.37 32.59
CA ILE D 26 -10.64 29.73 32.36
C ILE D 26 -9.89 30.30 33.55
N ILE D 27 -9.96 29.68 34.72
CA ILE D 27 -9.23 30.22 35.87
C ILE D 27 -7.89 29.51 36.09
N PHE D 28 -7.64 28.36 35.46
CA PHE D 28 -6.32 27.77 35.63
C PHE D 28 -5.67 27.36 34.32
N ALA D 29 -6.05 27.93 33.18
CA ALA D 29 -5.35 27.59 31.94
C ALA D 29 -5.15 28.79 31.03
N ASN D 30 -5.47 30.01 31.48
CA ASN D 30 -5.35 31.26 30.72
C ASN D 30 -6.17 31.22 29.43
N TYR D 31 -7.47 31.11 29.60
CA TYR D 31 -8.39 31.17 28.48
C TYR D 31 -9.20 32.45 28.55
N ILE D 32 -10.14 32.60 27.64
CA ILE D 32 -11.04 33.75 27.61
C ILE D 32 -12.48 33.24 27.62
N ALA D 33 -13.40 34.18 27.80
CA ALA D 33 -14.82 33.85 27.84
C ALA D 33 -15.36 33.43 26.47
N ARG D 34 -14.64 33.74 25.40
CA ARG D 34 -15.05 33.34 24.06
C ARG D 34 -14.53 31.96 23.68
N ASP D 35 -13.29 31.65 24.06
CA ASP D 35 -12.69 30.37 23.67
C ASP D 35 -13.13 29.20 24.53
N THR D 36 -13.96 29.41 25.54
CA THR D 36 -14.46 28.32 26.36
C THR D 36 -15.70 27.67 25.77
N ARG D 37 -16.03 27.99 24.53
CA ARG D 37 -17.12 27.38 23.77
C ARG D 37 -16.71 26.03 23.18
N ARG D 38 -15.47 25.62 23.36
CA ARG D 38 -14.90 24.48 22.66
C ARG D 38 -14.54 23.34 23.61
N LEU D 39 -14.87 23.46 24.90
CA LEU D 39 -14.55 22.39 25.84
C LEU D 39 -15.45 21.19 25.65
N GLY D 40 -16.75 21.41 25.66
CA GLY D 40 -17.68 20.33 25.38
C GLY D 40 -17.86 19.39 26.54
N ALA D 41 -18.28 18.18 26.22
CA ALA D 41 -18.64 17.20 27.23
C ALA D 41 -17.40 16.68 27.95
N THR D 42 -17.51 16.55 29.26
CA THR D 42 -16.51 15.87 30.06
C THR D 42 -16.91 14.40 30.18
N ILE D 43 -16.31 13.67 31.11
CA ILE D 43 -16.69 12.30 31.39
C ILE D 43 -17.04 12.25 32.88
N ASP D 44 -17.19 11.03 33.41
CA ASP D 44 -17.54 10.74 34.79
C ASP D 44 -16.76 11.56 35.81
N VAL D 45 -15.45 11.36 35.88
CA VAL D 45 -14.59 12.06 36.82
C VAL D 45 -13.33 12.48 36.09
N GLU D 46 -12.93 13.74 36.21
CA GLU D 46 -11.55 14.07 35.89
C GLU D 46 -11.04 15.08 36.89
N HIS D 47 -9.78 14.93 37.29
CA HIS D 47 -9.25 15.74 38.36
C HIS D 47 -7.88 16.29 37.98
N SER D 48 -7.36 17.16 38.84
CA SER D 48 -6.10 17.80 38.58
C SER D 48 -5.44 18.19 39.89
N HIS D 49 -4.14 18.39 39.84
CA HIS D 49 -3.42 19.07 40.90
C HIS D 49 -3.03 20.43 40.38
N VAL D 50 -3.24 21.48 41.17
CA VAL D 50 -2.70 22.79 40.85
C VAL D 50 -1.86 23.28 42.03
N ARG D 51 -0.66 23.76 41.74
CA ARG D 51 0.14 24.36 42.78
C ARG D 51 -0.20 25.83 42.88
N PHE D 52 0.05 26.41 44.05
CA PHE D 52 -0.56 27.70 44.34
C PHE D 52 0.23 28.38 45.44
N LEU D 53 0.96 29.45 45.07
CA LEU D 53 1.97 30.18 45.83
C LEU D 53 2.94 29.29 46.60
N GLY D 54 3.31 28.15 46.02
CA GLY D 54 4.26 27.29 46.71
C GLY D 54 3.65 26.12 47.44
N ASN D 55 3.43 26.26 48.74
CA ASN D 55 3.24 25.11 49.62
C ASN D 55 1.90 24.41 49.40
N LEU D 56 0.84 25.17 49.22
CA LEU D 56 -0.49 24.57 49.11
C LEU D 56 -0.68 24.03 47.70
N VAL D 57 -1.22 22.81 47.61
CA VAL D 57 -1.54 22.19 46.33
C VAL D 57 -2.95 21.62 46.41
N LEU D 58 -3.75 21.89 45.39
CA LEU D 58 -5.16 21.54 45.36
C LEU D 58 -5.36 20.29 44.51
N ASN D 59 -5.96 19.27 45.12
CA ASN D 59 -6.62 18.19 44.38
C ASN D 59 -7.99 18.72 44.00
N LEU D 60 -8.12 19.17 42.76
CA LEU D 60 -9.35 19.74 42.26
C LEU D 60 -10.05 18.66 41.44
N TRP D 61 -11.14 18.13 41.97
CA TRP D 61 -11.95 17.13 41.30
C TRP D 61 -13.06 17.84 40.53
N ASP D 62 -13.26 17.43 39.28
CA ASP D 62 -14.36 17.92 38.46
C ASP D 62 -15.25 16.72 38.17
N CYS D 63 -16.49 16.77 38.65
CA CYS D 63 -17.42 15.66 38.47
C CYS D 63 -18.43 15.99 37.39
N GLY D 64 -18.81 14.97 36.61
CA GLY D 64 -19.76 15.17 35.54
C GLY D 64 -21.19 15.38 36.05
N GLY D 65 -22.11 15.38 35.11
CA GLY D 65 -23.49 15.64 35.46
C GLY D 65 -24.59 14.91 34.69
N GLN D 66 -24.26 13.80 34.05
CA GLN D 66 -25.32 12.96 33.49
C GLN D 66 -26.05 12.20 34.58
N ASP D 67 -27.13 11.54 34.19
CA ASP D 67 -27.96 10.80 35.13
C ASP D 67 -27.21 9.59 35.68
N THR D 68 -26.58 8.82 34.78
CA THR D 68 -25.86 7.63 35.21
C THR D 68 -24.63 7.98 36.05
N PHE D 69 -24.04 9.16 35.83
CA PHE D 69 -22.83 9.50 36.57
C PHE D 69 -23.17 9.96 37.98
N MET D 70 -24.26 10.72 38.14
CA MET D 70 -24.71 11.08 39.48
C MET D 70 -25.25 9.87 40.23
N GLU D 71 -25.92 8.96 39.52
CA GLU D 71 -26.41 7.74 40.17
C GLU D 71 -25.26 6.84 40.60
N ASN D 72 -24.22 6.76 39.77
CA ASN D 72 -22.98 6.05 40.04
C ASN D 72 -22.09 6.82 41.02
N TYR D 73 -22.46 8.05 41.37
CA TYR D 73 -21.89 8.70 42.54
C TYR D 73 -22.62 8.31 43.80
N PHE D 74 -23.96 8.41 43.80
CA PHE D 74 -24.70 8.30 45.05
C PHE D 74 -24.84 6.84 45.50
N THR D 75 -25.34 5.95 44.64
CA THR D 75 -25.67 4.59 45.07
C THR D 75 -24.56 3.60 44.74
N SER D 76 -23.32 4.04 44.87
CA SER D 76 -22.14 3.35 44.39
C SER D 76 -20.95 3.75 45.24
N GLN D 77 -19.77 3.86 44.63
CA GLN D 77 -18.46 4.10 45.24
C GLN D 77 -18.29 5.36 46.08
N ARG D 78 -19.40 6.04 46.41
CA ARG D 78 -19.58 7.25 47.20
C ARG D 78 -18.59 7.45 48.36
N ASP D 79 -18.31 6.37 49.09
CA ASP D 79 -17.39 6.44 50.23
C ASP D 79 -15.98 6.84 49.83
N ASN D 80 -15.57 6.51 48.60
CA ASN D 80 -14.25 6.92 48.15
C ASN D 80 -14.24 8.38 47.71
N ILE D 81 -15.32 8.82 47.09
CA ILE D 81 -15.36 10.16 46.51
C ILE D 81 -15.53 11.21 47.60
N PHE D 82 -16.42 10.99 48.55
CA PHE D 82 -16.76 12.00 49.54
C PHE D 82 -15.90 11.93 50.80
N ARG D 83 -14.75 11.28 50.74
CA ARG D 83 -13.88 11.12 51.89
C ARG D 83 -12.74 12.13 51.82
N ASN D 84 -12.44 12.73 52.99
CA ASN D 84 -11.38 13.73 53.18
C ASN D 84 -11.62 14.97 52.32
N VAL D 85 -12.89 15.30 52.10
CA VAL D 85 -13.26 16.49 51.34
C VAL D 85 -13.13 17.71 52.24
N GLU D 86 -12.49 18.76 51.73
CA GLU D 86 -12.43 20.03 52.45
C GLU D 86 -13.44 21.02 51.88
N VAL D 87 -13.35 21.32 50.60
CA VAL D 87 -14.15 22.39 50.02
C VAL D 87 -15.01 21.81 48.90
N LEU D 88 -16.31 22.08 48.96
CA LEU D 88 -17.24 21.72 47.91
C LEU D 88 -17.74 22.98 47.21
N ILE D 89 -17.79 22.94 45.88
CA ILE D 89 -18.44 23.98 45.08
C ILE D 89 -19.56 23.34 44.27
N TYR D 90 -20.75 23.92 44.36
CA TYR D 90 -21.92 23.37 43.71
C TYR D 90 -22.53 24.42 42.78
N VAL D 91 -22.63 24.07 41.50
CA VAL D 91 -22.90 25.04 40.44
C VAL D 91 -24.41 25.08 40.17
N PHE D 92 -24.97 26.28 40.05
CA PHE D 92 -26.37 26.49 39.73
C PHE D 92 -26.53 27.25 38.42
N ASP D 93 -27.24 26.63 37.48
CA ASP D 93 -27.73 27.32 36.30
C ASP D 93 -28.91 28.20 36.67
N VAL D 94 -29.06 29.30 35.94
CA VAL D 94 -30.24 30.14 36.05
C VAL D 94 -31.33 29.69 35.08
N GLU D 95 -30.95 29.47 33.82
CA GLU D 95 -31.89 29.26 32.74
C GLU D 95 -32.56 27.89 32.81
N SER D 96 -31.97 26.94 33.54
CA SER D 96 -32.49 25.58 33.62
C SER D 96 -33.85 25.55 34.31
N ARG D 97 -34.67 24.57 33.91
CA ARG D 97 -36.08 24.50 34.30
C ARG D 97 -36.34 23.47 35.39
N GLU D 98 -35.70 22.30 35.32
CA GLU D 98 -35.92 21.22 36.27
C GLU D 98 -35.31 21.52 37.64
N LEU D 99 -35.92 22.45 38.36
CA LEU D 99 -35.41 22.86 39.66
C LEU D 99 -35.60 21.78 40.71
N GLU D 100 -36.61 20.93 40.54
CA GLU D 100 -36.93 19.90 41.51
C GLU D 100 -35.82 18.85 41.58
N LYS D 101 -35.35 18.38 40.43
CA LYS D 101 -34.25 17.42 40.40
C LYS D 101 -32.95 18.05 40.88
N ASP D 102 -32.77 19.35 40.63
CA ASP D 102 -31.57 20.05 41.10
C ASP D 102 -31.52 20.10 42.61
N MET D 103 -32.61 20.53 43.25
CA MET D 103 -32.65 20.52 44.71
C MET D 103 -32.73 19.12 45.30
N HIS D 104 -33.20 18.13 44.53
CA HIS D 104 -33.19 16.74 44.99
C HIS D 104 -31.76 16.23 45.09
N TYR D 105 -30.97 16.45 44.01
CA TYR D 105 -29.54 16.18 44.04
C TYR D 105 -28.84 16.99 45.13
N TYR D 106 -29.30 18.21 45.38
CA TYR D 106 -28.67 19.04 46.39
C TYR D 106 -28.92 18.50 47.80
N GLN D 107 -30.14 18.03 48.07
CA GLN D 107 -30.44 17.41 49.36
C GLN D 107 -29.64 16.14 49.56
N SER D 108 -29.54 15.31 48.52
CA SER D 108 -28.78 14.07 48.64
C SER D 108 -27.30 14.35 48.83
N CYS D 109 -26.79 15.40 48.18
CA CYS D 109 -25.39 15.76 48.33
C CYS D 109 -25.09 16.32 49.71
N LEU D 110 -26.02 17.10 50.27
CA LEU D 110 -25.84 17.60 51.63
C LEU D 110 -25.85 16.48 52.65
N GLU D 111 -26.77 15.52 52.49
CA GLU D 111 -26.80 14.41 53.44
C GLU D 111 -25.56 13.52 53.29
N ALA D 112 -25.05 13.37 52.07
CA ALA D 112 -23.87 12.54 51.87
C ALA D 112 -22.62 13.22 52.41
N ILE D 113 -22.48 14.53 52.22
CA ILE D 113 -21.33 15.22 52.78
C ILE D 113 -21.46 15.34 54.29
N LEU D 114 -22.68 15.29 54.85
CA LEU D 114 -22.80 15.27 56.29
C LEU D 114 -22.36 13.92 56.84
N GLN D 115 -22.75 12.83 56.19
CA GLN D 115 -22.35 11.52 56.67
C GLN D 115 -20.96 11.10 56.19
N ASN D 116 -20.23 11.98 55.50
CA ASN D 116 -18.85 11.64 55.18
C ASN D 116 -17.88 12.81 55.39
N SER D 117 -18.34 13.93 55.95
CA SER D 117 -17.44 15.05 56.30
C SER D 117 -18.03 15.89 57.42
N PRO D 118 -17.43 15.89 58.59
CA PRO D 118 -17.96 16.72 59.68
C PRO D 118 -17.62 18.21 59.56
N ASP D 119 -16.42 18.54 59.08
CA ASP D 119 -15.95 19.93 59.09
C ASP D 119 -15.47 20.39 57.73
N ALA D 120 -16.12 19.95 56.67
CA ALA D 120 -15.92 20.51 55.34
C ALA D 120 -16.78 21.75 55.20
N LYS D 121 -16.81 22.38 54.02
CA LYS D 121 -17.79 23.43 53.81
C LYS D 121 -18.21 23.50 52.36
N ILE D 122 -19.44 23.99 52.16
CA ILE D 122 -20.09 24.03 50.85
C ILE D 122 -20.30 25.47 50.42
N PHE D 123 -19.82 25.78 49.23
CA PHE D 123 -20.10 27.04 48.56
C PHE D 123 -20.94 26.71 47.35
N CYS D 124 -22.16 27.23 47.32
CA CYS D 124 -22.99 27.11 46.13
C CYS D 124 -22.98 28.42 45.37
N LEU D 125 -22.97 28.29 44.06
CA LEU D 125 -22.55 29.37 43.18
C LEU D 125 -23.51 29.39 42.00
N VAL D 126 -24.39 30.38 41.99
CA VAL D 126 -25.32 30.54 40.89
C VAL D 126 -24.64 31.37 39.80
N HIS D 127 -24.31 30.72 38.68
CA HIS D 127 -23.56 31.38 37.64
C HIS D 127 -24.50 31.63 36.45
N LYS D 128 -23.95 32.31 35.45
CA LYS D 128 -24.62 32.58 34.16
C LYS D 128 -25.87 33.43 34.39
N MET D 129 -25.65 34.57 35.04
CA MET D 129 -26.67 35.61 35.21
C MET D 129 -26.50 36.71 34.19
N ASP D 130 -25.82 36.43 33.08
CA ASP D 130 -25.60 37.37 32.01
C ASP D 130 -26.76 37.44 31.03
N LEU D 131 -27.82 36.68 31.24
CA LEU D 131 -28.95 36.64 30.32
C LEU D 131 -30.21 37.31 30.87
N VAL D 132 -30.20 37.78 32.11
CA VAL D 132 -31.38 38.28 32.79
C VAL D 132 -31.17 39.75 33.11
N GLN D 133 -32.25 40.54 33.05
CA GLN D 133 -32.20 41.96 33.37
C GLN D 133 -31.87 42.16 34.86
N GLU D 134 -31.25 43.30 35.17
CA GLU D 134 -30.53 43.48 36.44
C GLU D 134 -31.47 43.51 37.64
N ASP D 135 -32.66 44.09 37.49
CA ASP D 135 -33.63 44.06 38.59
C ASP D 135 -34.11 42.64 38.86
N GLN D 136 -34.36 41.88 37.79
CA GLN D 136 -34.65 40.46 37.96
C GLN D 136 -33.42 39.68 38.40
N ARG D 137 -32.21 40.16 38.10
CA ARG D 137 -31.01 39.53 38.67
C ARG D 137 -30.98 39.67 40.19
N ASP D 138 -31.33 40.85 40.69
CA ASP D 138 -31.43 41.06 42.14
C ASP D 138 -32.49 40.16 42.75
N LEU D 139 -33.66 40.08 42.10
CA LEU D 139 -34.75 39.26 42.63
C LEU D 139 -34.39 37.77 42.64
N ILE D 140 -33.78 37.28 41.56
CA ILE D 140 -33.44 35.86 41.46
C ILE D 140 -32.33 35.50 42.44
N PHE D 141 -31.33 36.38 42.59
CA PHE D 141 -30.26 36.09 43.56
C PHE D 141 -30.77 36.13 44.99
N LYS D 142 -31.69 37.03 45.31
CA LYS D 142 -32.24 37.04 46.67
C LYS D 142 -33.12 35.82 46.92
N GLU D 143 -33.85 35.36 45.89
CA GLU D 143 -34.65 34.15 46.06
C GLU D 143 -33.78 32.92 46.22
N ARG D 144 -32.68 32.84 45.47
CA ARG D 144 -31.74 31.73 45.66
C ARG D 144 -31.10 31.79 47.05
N GLU D 145 -30.77 33.00 47.52
CA GLU D 145 -30.25 33.23 48.86
C GLU D 145 -31.18 32.64 49.93
N GLU D 146 -32.45 33.03 49.89
CA GLU D 146 -33.38 32.62 50.94
C GLU D 146 -33.73 31.14 50.82
N ASP D 147 -33.95 30.65 49.59
CA ASP D 147 -34.35 29.25 49.41
C ASP D 147 -33.22 28.30 49.77
N LEU D 148 -31.99 28.64 49.38
CA LEU D 148 -30.84 27.81 49.72
C LEU D 148 -30.45 27.95 51.18
N ARG D 149 -30.76 29.09 51.82
CA ARG D 149 -30.54 29.19 53.25
C ARG D 149 -31.54 28.33 54.02
N ARG D 150 -32.76 28.18 53.49
CA ARG D 150 -33.70 27.25 54.10
C ARG D 150 -33.25 25.80 53.92
N LEU D 151 -33.01 25.38 52.66
CA LEU D 151 -32.72 23.98 52.39
C LEU D 151 -31.33 23.55 52.82
N SER D 152 -30.44 24.49 53.10
CA SER D 152 -29.15 24.17 53.70
C SER D 152 -29.22 24.40 55.22
N ARG D 153 -30.15 23.71 55.86
CA ARG D 153 -30.41 23.97 57.28
C ARG D 153 -29.42 23.35 58.26
N PRO D 154 -29.12 22.03 58.27
CA PRO D 154 -28.28 21.51 59.37
C PRO D 154 -26.83 21.89 59.27
N LEU D 155 -26.34 22.21 58.07
CA LEU D 155 -25.00 22.73 57.88
C LEU D 155 -25.08 23.92 56.95
N GLU D 156 -24.30 24.96 57.25
CA GLU D 156 -24.39 26.21 56.52
C GLU D 156 -23.78 26.08 55.14
N CYS D 157 -24.09 27.06 54.28
CA CYS D 157 -23.52 27.15 52.95
C CYS D 157 -23.27 28.62 52.65
N ALA D 158 -22.39 28.89 51.71
CA ALA D 158 -22.22 30.26 51.22
C ALA D 158 -22.59 30.32 49.75
N CYS D 159 -23.57 31.16 49.42
CA CYS D 159 -24.13 31.26 48.08
C CYS D 159 -23.71 32.57 47.43
N PHE D 160 -22.97 32.47 46.35
CA PHE D 160 -22.54 33.65 45.59
C PHE D 160 -23.14 33.61 44.19
N ARG D 161 -23.10 34.77 43.54
CA ARG D 161 -23.55 34.94 42.17
C ARG D 161 -22.37 35.25 41.27
N THR D 162 -22.41 34.72 40.04
CA THR D 162 -21.35 35.03 39.08
C THR D 162 -21.79 34.79 37.64
N SER D 163 -20.96 35.28 36.74
CA SER D 163 -21.05 34.99 35.31
C SER D 163 -19.63 34.83 34.79
N ILE D 164 -19.52 34.38 33.54
CA ILE D 164 -18.22 34.19 32.93
C ILE D 164 -17.73 35.47 32.26
N TRP D 165 -18.63 36.28 31.73
CA TRP D 165 -18.26 37.51 31.03
C TRP D 165 -18.05 38.71 31.97
N ASP D 166 -17.76 38.48 33.25
CA ASP D 166 -17.49 39.59 34.16
C ASP D 166 -16.49 39.12 35.22
N GLU D 167 -16.42 39.87 36.32
CA GLU D 167 -15.33 39.78 37.29
C GLU D 167 -15.77 39.29 38.66
N THR D 168 -17.08 39.06 38.84
CA THR D 168 -17.59 38.46 40.08
C THR D 168 -17.10 37.03 40.24
N LEU D 169 -16.75 36.38 39.14
CA LEU D 169 -16.05 35.09 39.18
C LEU D 169 -14.75 35.21 39.95
N TYR D 170 -13.97 36.25 39.65
CA TYR D 170 -12.69 36.45 40.31
C TYR D 170 -12.90 36.80 41.77
N LYS D 171 -14.00 37.51 42.09
CA LYS D 171 -14.29 37.77 43.50
C LYS D 171 -14.66 36.48 44.24
N ALA D 172 -15.47 35.63 43.61
CA ALA D 172 -15.94 34.41 44.28
C ALA D 172 -14.80 33.43 44.51
N TRP D 173 -13.91 33.28 43.53
CA TRP D 173 -12.80 32.38 43.82
C TRP D 173 -11.70 33.02 44.66
N SER D 174 -11.62 34.35 44.69
CA SER D 174 -10.82 35.01 45.71
C SER D 174 -11.32 34.69 47.11
N SER D 175 -12.65 34.64 47.27
CA SER D 175 -13.23 34.26 48.56
C SER D 175 -12.94 32.80 48.90
N ILE D 176 -12.99 31.91 47.89
CA ILE D 176 -12.69 30.50 48.11
C ILE D 176 -11.24 30.32 48.57
N VAL D 177 -10.32 31.01 47.91
CA VAL D 177 -8.91 30.94 48.27
C VAL D 177 -8.68 31.51 49.67
N TYR D 178 -9.24 32.69 49.96
CA TYR D 178 -8.99 33.33 51.25
C TYR D 178 -9.59 32.53 52.39
N GLN D 179 -10.66 31.77 52.14
CA GLN D 179 -11.08 30.82 53.17
C GLN D 179 -10.13 29.63 53.23
N LEU D 180 -9.63 29.18 52.09
CA LEU D 180 -8.85 27.95 52.04
C LEU D 180 -7.39 28.13 52.46
N ILE D 181 -6.94 29.37 52.64
CA ILE D 181 -5.54 29.69 52.94
C ILE D 181 -5.22 29.19 54.35
N PRO D 182 -3.98 28.74 54.63
CA PRO D 182 -3.66 28.34 56.00
C PRO D 182 -3.57 29.50 56.99
N ASN D 183 -2.76 30.50 56.66
CA ASN D 183 -2.36 31.53 57.62
C ASN D 183 -3.00 32.87 57.30
N VAL D 184 -3.28 33.64 58.36
CA VAL D 184 -3.90 34.95 58.19
C VAL D 184 -3.15 36.06 58.93
N GLN D 185 -2.86 35.87 60.23
CA GLN D 185 -2.60 37.02 61.09
C GLN D 185 -1.21 37.61 60.90
N GLN D 186 -0.20 36.79 60.56
CA GLN D 186 1.13 37.32 60.36
C GLN D 186 1.21 38.12 59.05
N LEU D 187 0.49 37.68 58.03
CA LEU D 187 0.51 38.39 56.75
C LEU D 187 -0.30 39.67 56.86
N GLU D 188 -1.40 39.62 57.61
CA GLU D 188 -2.15 40.82 57.94
C GLU D 188 -1.30 41.82 58.70
N MET D 189 -0.47 41.35 59.63
CA MET D 189 0.32 42.27 60.44
C MET D 189 1.43 42.91 59.61
N ASN D 190 2.07 42.13 58.73
CA ASN D 190 3.08 42.71 57.84
C ASN D 190 2.45 43.67 56.84
N LEU D 191 1.27 43.31 56.32
CA LEU D 191 0.46 44.17 55.47
C LEU D 191 0.15 45.51 56.13
N ARG D 192 -0.31 45.44 57.38
CA ARG D 192 -0.72 46.63 58.11
C ARG D 192 0.47 47.51 58.46
N ASN D 193 1.59 46.90 58.86
CA ASN D 193 2.79 47.65 59.17
C ASN D 193 3.32 48.38 57.94
N PHE D 194 3.42 47.66 56.81
CA PHE D 194 3.86 48.24 55.55
C PHE D 194 2.97 49.40 55.13
N ALA D 195 1.65 49.21 55.23
CA ALA D 195 0.74 50.24 54.75
C ALA D 195 0.68 51.44 55.70
N GLN D 196 0.93 51.25 57.00
CA GLN D 196 0.82 52.39 57.90
C GLN D 196 2.13 53.11 58.13
N ILE D 197 3.27 52.56 57.72
CA ILE D 197 4.51 53.33 57.76
C ILE D 197 4.99 53.75 56.38
N ILE D 198 4.40 53.26 55.28
CA ILE D 198 4.66 53.88 53.99
C ILE D 198 3.32 54.37 53.40
N GLU D 199 2.43 54.83 54.29
CA GLU D 199 1.33 55.79 54.09
C GLU D 199 0.54 55.70 52.77
N ALA D 200 0.34 54.49 52.25
CA ALA D 200 -0.26 54.33 50.93
C ALA D 200 -1.76 54.53 51.00
N ASP D 201 -2.36 54.83 49.83
CA ASP D 201 -3.80 54.74 49.68
C ASP D 201 -4.23 53.31 49.92
N GLU D 202 -3.82 52.40 49.05
CA GLU D 202 -4.09 51.00 49.34
C GLU D 202 -3.03 50.10 48.73
N VAL D 203 -2.77 49.01 49.45
CA VAL D 203 -1.80 48.00 49.08
C VAL D 203 -2.55 46.70 48.81
N LEU D 204 -2.03 45.94 47.86
CA LEU D 204 -2.71 44.75 47.36
C LEU D 204 -1.68 43.70 47.00
N LEU D 205 -1.86 42.47 47.48
CA LEU D 205 -0.92 41.39 47.23
C LEU D 205 -1.66 40.15 46.73
N PHE D 206 -1.01 39.46 45.79
CA PHE D 206 -1.66 38.49 44.92
C PHE D 206 -0.74 37.32 44.64
N GLU D 207 -1.34 36.22 44.22
CA GLU D 207 -0.59 35.13 43.60
C GLU D 207 -0.22 35.53 42.17
N ARG D 208 0.88 34.97 41.67
CA ARG D 208 1.40 35.41 40.37
C ARG D 208 0.70 34.75 39.20
N ALA D 209 0.59 33.42 39.21
CA ALA D 209 0.23 32.69 37.99
C ALA D 209 -1.26 32.75 37.66
N THR D 210 -2.12 33.05 38.64
CA THR D 210 -3.55 33.19 38.36
C THR D 210 -4.17 34.49 38.85
N PHE D 211 -3.52 35.21 39.77
CA PHE D 211 -3.85 36.57 40.20
C PHE D 211 -5.27 36.62 40.82
N LEU D 212 -5.39 35.94 41.95
CA LEU D 212 -6.58 36.04 42.78
C LEU D 212 -6.26 36.91 43.99
N VAL D 213 -7.25 37.67 44.44
CA VAL D 213 -7.01 38.73 45.42
C VAL D 213 -6.74 38.10 46.78
N ILE D 214 -5.47 38.02 47.14
CA ILE D 214 -5.11 37.38 48.41
C ILE D 214 -5.34 38.33 49.57
N SER D 215 -4.66 39.48 49.57
CA SER D 215 -4.84 40.37 50.71
C SER D 215 -4.73 41.83 50.28
N HIS D 216 -5.26 42.69 51.15
CA HIS D 216 -5.48 44.08 50.80
C HIS D 216 -5.56 44.92 52.07
N TYR D 217 -5.09 46.16 51.97
CA TYR D 217 -5.37 47.11 53.04
C TYR D 217 -5.55 48.50 52.44
N GLN D 218 -6.52 49.23 52.97
CA GLN D 218 -6.87 50.54 52.47
C GLN D 218 -7.00 51.54 53.62
N CYS D 219 -6.98 52.82 53.26
CA CYS D 219 -7.37 53.89 54.17
C CYS D 219 -8.28 54.90 53.48
N LYS D 220 -8.70 54.65 52.24
CA LYS D 220 -9.68 55.48 51.52
C LYS D 220 -10.79 54.52 51.10
N GLU D 221 -11.80 54.39 51.96
CA GLU D 221 -12.87 53.42 51.82
C GLU D 221 -14.02 53.93 50.93
N GLN D 222 -13.67 54.41 49.74
CA GLN D 222 -14.65 54.97 48.82
C GLN D 222 -14.86 54.11 47.58
N ARG D 223 -14.17 53.00 47.47
CA ARG D 223 -14.46 51.99 46.45
C ARG D 223 -15.16 50.82 47.14
N ASP D 224 -16.30 50.41 46.60
CA ASP D 224 -17.23 49.63 47.42
C ASP D 224 -16.83 48.15 47.55
N VAL D 225 -16.94 47.37 46.48
CA VAL D 225 -16.48 45.99 46.53
C VAL D 225 -15.79 45.65 45.21
N HIS D 226 -16.01 46.47 44.19
CA HIS D 226 -15.70 46.08 42.82
C HIS D 226 -14.34 46.58 42.35
N ARG D 227 -13.49 47.09 43.25
CA ARG D 227 -12.16 47.49 42.82
C ARG D 227 -11.27 46.29 42.55
N PHE D 228 -11.33 45.28 43.44
CA PHE D 228 -10.44 44.13 43.39
C PHE D 228 -10.72 43.30 42.15
N GLU D 229 -12.02 43.04 41.92
CA GLU D 229 -12.51 42.28 40.79
C GLU D 229 -12.07 42.91 39.48
N LYS D 230 -12.29 44.22 39.34
CA LYS D 230 -11.98 44.93 38.10
C LYS D 230 -10.49 44.94 37.82
N ILE D 231 -9.66 45.25 38.83
CA ILE D 231 -8.23 45.36 38.55
C ILE D 231 -7.64 43.98 38.25
N SER D 232 -8.19 42.94 38.89
CA SER D 232 -7.71 41.59 38.63
C SER D 232 -8.06 41.16 37.21
N ASN D 233 -9.29 41.46 36.78
CA ASN D 233 -9.72 41.10 35.43
C ASN D 233 -8.89 41.84 34.38
N ILE D 234 -8.63 43.13 34.60
CA ILE D 234 -7.99 43.86 33.51
C ILE D 234 -6.49 43.57 33.44
N ILE D 235 -5.81 43.36 34.58
CA ILE D 235 -4.39 43.06 34.41
C ILE D 235 -4.19 41.60 34.02
N LYS D 236 -5.14 40.70 34.32
CA LYS D 236 -4.96 39.36 33.79
C LYS D 236 -5.32 39.30 32.31
N GLN D 237 -6.20 40.20 31.85
CA GLN D 237 -6.38 40.38 30.41
C GLN D 237 -5.11 40.88 29.76
N PHE D 238 -4.40 41.79 30.44
CA PHE D 238 -3.13 42.28 29.89
C PHE D 238 -2.05 41.19 29.90
N LYS D 239 -2.05 40.33 30.92
CA LYS D 239 -1.12 39.22 30.94
C LYS D 239 -1.43 38.20 29.85
N LEU D 240 -2.72 37.98 29.57
CA LEU D 240 -3.09 37.11 28.46
C LEU D 240 -2.67 37.72 27.13
N SER D 241 -2.71 39.04 27.03
CA SER D 241 -2.24 39.69 25.81
C SER D 241 -0.73 39.59 25.65
N CYS D 242 0.01 39.75 26.74
CA CYS D 242 1.45 39.61 26.69
C CYS D 242 1.91 38.15 26.62
N SER D 243 1.00 37.19 26.83
CA SER D 243 1.33 35.78 26.74
C SER D 243 1.77 35.38 25.34
N LYS D 244 1.22 36.02 24.32
CA LYS D 244 1.55 35.73 22.94
C LYS D 244 2.79 36.48 22.46
N LEU D 245 3.59 37.02 23.38
CA LEU D 245 4.79 37.78 23.05
C LEU D 245 6.04 37.17 23.67
N ALA D 246 5.91 35.97 24.26
CA ALA D 246 7.00 35.19 24.84
C ALA D 246 7.76 35.94 25.93
N ALA D 247 7.05 36.77 26.70
CA ALA D 247 7.69 37.65 27.67
C ALA D 247 6.85 37.74 28.93
N SER D 248 7.53 37.91 30.06
CA SER D 248 6.89 38.04 31.35
C SER D 248 6.75 39.51 31.73
N PHE D 249 5.92 39.77 32.73
CA PHE D 249 5.50 41.13 33.06
C PHE D 249 6.37 41.77 34.15
N GLN D 250 6.26 41.24 35.38
CA GLN D 250 7.11 41.41 36.56
C GLN D 250 7.25 42.82 37.12
N SER D 251 6.85 43.86 36.38
CA SER D 251 7.13 45.26 36.74
C SER D 251 6.36 46.29 35.91
N MET D 252 5.67 47.22 36.57
CA MET D 252 5.08 48.35 35.88
C MET D 252 4.87 49.49 36.87
N GLU D 253 4.65 50.68 36.30
CA GLU D 253 4.49 51.93 37.03
C GLU D 253 3.45 52.78 36.30
N VAL D 254 2.55 53.41 37.05
CA VAL D 254 1.65 54.41 36.50
C VAL D 254 1.43 55.50 37.56
N ARG D 255 1.35 56.74 37.12
CA ARG D 255 0.89 57.82 37.99
C ARG D 255 0.05 58.77 37.18
N ASN D 256 -0.79 59.53 37.89
CA ASN D 256 -1.88 60.31 37.33
C ASN D 256 -2.04 61.54 38.22
N SER D 257 -3.20 62.19 38.14
CA SER D 257 -3.43 63.47 38.81
C SER D 257 -3.37 63.32 40.34
N ASN D 258 -4.15 62.41 40.89
CA ASN D 258 -4.16 62.14 42.33
C ASN D 258 -4.01 60.64 42.56
N PHE D 259 -3.01 60.05 41.92
CA PHE D 259 -2.99 58.60 41.74
C PHE D 259 -1.57 58.15 41.47
N ALA D 260 -1.14 57.08 42.16
CA ALA D 260 0.22 56.57 41.97
C ALA D 260 0.23 55.08 42.28
N ALA D 261 0.18 54.25 41.23
CA ALA D 261 0.07 52.80 41.37
C ALA D 261 1.25 52.10 40.72
N PHE D 262 1.68 51.02 41.34
CA PHE D 262 2.91 50.32 40.97
C PHE D 262 2.66 48.83 41.13
N ILE D 263 3.24 48.03 40.23
CA ILE D 263 3.11 46.57 40.27
C ILE D 263 4.50 45.96 40.15
N ASP D 264 4.81 44.96 40.97
CA ASP D 264 6.07 44.26 40.81
C ASP D 264 5.97 42.85 41.40
N ILE D 265 6.99 42.04 41.06
CA ILE D 265 7.27 40.82 41.80
C ILE D 265 7.61 41.14 43.26
N PHE D 266 7.03 40.37 44.19
CA PHE D 266 7.54 40.29 45.56
C PHE D 266 8.40 39.06 45.83
N THR D 267 7.88 37.87 45.56
CA THR D 267 8.53 36.62 45.95
C THR D 267 8.43 35.68 44.76
N SER D 268 8.60 34.39 45.03
CA SER D 268 8.60 33.38 43.98
C SER D 268 7.29 33.31 43.21
N ASN D 269 6.15 33.57 43.87
CA ASN D 269 4.88 33.49 43.16
C ASN D 269 3.90 34.59 43.56
N THR D 270 4.38 35.77 43.92
CA THR D 270 3.49 36.83 44.39
C THR D 270 3.70 38.13 43.65
N TYR D 271 2.59 38.74 43.24
CA TYR D 271 2.55 40.11 42.74
C TYR D 271 2.15 41.08 43.84
N VAL D 272 2.62 42.32 43.70
CA VAL D 272 2.18 43.44 44.53
C VAL D 272 1.72 44.55 43.60
N MET D 273 0.62 45.22 43.96
CA MET D 273 0.36 46.56 43.49
C MET D 273 0.10 47.46 44.68
N VAL D 274 0.24 48.76 44.44
CA VAL D 274 0.13 49.76 45.49
C VAL D 274 -0.23 51.09 44.84
N VAL D 275 -1.12 51.84 45.48
CA VAL D 275 -1.29 53.26 45.18
C VAL D 275 -1.01 54.04 46.47
N MET D 276 -0.18 55.09 46.33
CA MET D 276 0.71 55.55 47.39
C MET D 276 0.35 56.89 48.02
N SER D 277 -0.83 57.45 47.72
CA SER D 277 -1.39 58.64 48.37
C SER D 277 -0.54 59.90 48.19
N ASP D 278 0.36 59.91 47.23
CA ASP D 278 1.21 61.06 46.96
C ASP D 278 1.68 60.95 45.51
N PRO D 279 0.93 61.48 44.55
CA PRO D 279 1.16 61.15 43.15
C PRO D 279 2.41 61.77 42.54
N SER D 280 3.04 62.72 43.20
CA SER D 280 4.11 63.52 42.62
C SER D 280 5.49 63.01 43.01
N ILE D 281 5.67 61.70 43.12
CA ILE D 281 6.94 61.09 43.51
C ILE D 281 7.41 60.20 42.37
N PRO D 282 8.67 60.31 41.93
CA PRO D 282 9.22 59.36 40.96
C PRO D 282 9.58 58.01 41.60
N SER D 283 10.24 57.15 40.83
CA SER D 283 10.44 55.75 41.23
C SER D 283 11.44 55.51 42.35
N ALA D 284 11.97 56.59 42.98
CA ALA D 284 12.88 56.41 44.10
C ALA D 284 12.17 55.81 45.30
N ALA D 285 10.91 56.20 45.52
CA ALA D 285 10.13 55.63 46.61
C ALA D 285 9.80 54.17 46.33
N THR D 286 9.49 53.83 45.07
CA THR D 286 9.22 52.44 44.73
C THR D 286 10.49 51.59 44.88
N LEU D 287 11.64 52.16 44.58
CA LEU D 287 12.92 51.48 44.77
C LEU D 287 13.17 51.21 46.25
N ILE D 288 13.13 52.27 47.08
CA ILE D 288 13.45 52.09 48.50
C ILE D 288 12.39 51.27 49.22
N ASN D 289 11.16 51.22 48.71
CA ASN D 289 10.16 50.43 49.40
C ASN D 289 10.00 49.02 48.85
N ILE D 290 10.46 48.73 47.62
CA ILE D 290 10.61 47.32 47.27
C ILE D 290 11.82 46.75 48.01
N ARG D 291 12.82 47.59 48.30
CA ARG D 291 13.88 47.20 49.23
C ARG D 291 13.32 46.94 50.62
N ASN D 292 12.52 47.88 51.12
CA ASN D 292 11.90 47.81 52.45
C ASN D 292 10.96 46.62 52.58
N ALA D 293 10.35 46.19 51.49
CA ALA D 293 9.43 45.05 51.53
C ALA D 293 10.14 43.72 51.32
N ARG D 294 11.12 43.66 50.43
CA ARG D 294 11.84 42.40 50.24
C ARG D 294 12.86 42.13 51.33
N LYS D 295 13.16 43.10 52.21
CA LYS D 295 13.90 42.70 53.41
C LYS D 295 13.02 41.90 54.36
N HIS D 296 11.71 42.12 54.34
CA HIS D 296 10.83 41.46 55.30
C HIS D 296 10.19 40.20 54.74
N PHE D 297 9.64 40.26 53.52
CA PHE D 297 8.95 39.10 52.96
C PHE D 297 9.92 38.01 52.51
N GLU D 298 11.19 38.35 52.28
CA GLU D 298 12.23 37.35 52.09
C GLU D 298 12.99 37.07 53.37
N LYS D 299 12.44 37.52 54.53
CA LYS D 299 12.46 36.72 55.79
C LYS D 299 11.19 35.92 56.01
N LEU D 300 10.28 35.89 55.04
CA LEU D 300 9.09 35.01 55.10
C LEU D 300 9.00 34.11 53.87
N LYS E 61 -11.60 60.40 4.40
CA LYS E 61 -12.58 61.45 4.71
C LYS E 61 -13.87 60.87 5.29
N PRO E 62 -13.88 60.53 6.59
CA PRO E 62 -15.07 59.90 7.18
C PRO E 62 -16.16 60.89 7.54
N ARG E 63 -17.21 60.94 6.74
CA ARG E 63 -18.56 61.13 7.26
C ARG E 63 -19.26 59.78 7.36
N ILE E 64 -18.62 58.90 8.15
CA ILE E 64 -18.99 57.50 8.23
C ILE E 64 -20.38 57.33 8.82
N LEU E 65 -21.18 56.50 8.16
CA LEU E 65 -22.52 56.21 8.62
C LEU E 65 -22.74 54.71 8.48
N LEU E 66 -23.60 54.19 9.35
CA LEU E 66 -23.77 52.76 9.54
C LEU E 66 -24.89 52.26 8.64
N MET E 67 -24.52 51.51 7.60
CA MET E 67 -25.48 50.88 6.69
C MET E 67 -25.05 49.44 6.44
N GLY E 68 -25.68 48.50 7.15
CA GLY E 68 -25.37 47.09 7.01
C GLY E 68 -26.19 46.41 5.93
N LEU E 69 -26.97 45.38 6.30
CA LEU E 69 -27.80 44.68 5.33
C LEU E 69 -29.24 44.45 5.77
N ARG E 70 -29.54 44.49 7.06
CA ARG E 70 -30.92 44.48 7.52
C ARG E 70 -30.99 45.20 8.86
N ARG E 71 -32.11 45.88 9.10
CA ARG E 71 -32.19 46.82 10.20
C ARG E 71 -32.25 46.12 11.55
N SER E 72 -33.01 45.04 11.65
CA SER E 72 -33.23 44.38 12.91
C SER E 72 -32.26 43.22 13.18
N GLY E 73 -31.43 42.85 12.20
CA GLY E 73 -30.56 41.72 12.40
C GLY E 73 -29.06 41.99 12.34
N LYS E 74 -28.65 42.93 11.50
CA LYS E 74 -27.23 43.30 11.48
C LYS E 74 -26.91 44.30 12.57
N ASN E 75 -27.91 45.04 13.07
CA ASN E 75 -27.68 46.03 14.12
C ASN E 75 -27.30 45.39 15.45
N SER E 76 -27.43 44.08 15.61
CA SER E 76 -26.85 43.39 16.76
C SER E 76 -25.33 43.55 16.79
N ILE E 77 -24.64 43.04 15.76
CA ILE E 77 -23.19 43.16 15.71
C ILE E 77 -22.75 44.60 15.41
N GLN E 78 -23.57 45.36 14.67
CA GLN E 78 -23.28 46.78 14.49
C GLN E 78 -23.38 47.56 15.79
N LYS E 79 -24.28 47.18 16.69
CA LYS E 79 -24.40 47.83 17.98
C LYS E 79 -23.33 47.32 18.94
N VAL E 80 -22.82 46.11 18.73
CA VAL E 80 -21.63 45.67 19.46
C VAL E 80 -20.43 46.52 19.05
N VAL E 81 -20.30 46.84 17.76
CA VAL E 81 -19.26 47.76 17.29
C VAL E 81 -19.47 49.16 17.88
N PHE E 82 -20.73 49.60 17.94
CA PHE E 82 -21.08 50.90 18.49
C PHE E 82 -20.71 50.98 19.97
N HIS E 83 -21.11 50.00 20.76
CA HIS E 83 -20.74 50.01 22.17
C HIS E 83 -19.32 49.50 22.43
N LYS E 84 -18.61 49.08 21.38
CA LYS E 84 -17.19 48.77 21.44
C LYS E 84 -16.35 50.03 21.36
N MET E 85 -16.68 50.91 20.42
CA MET E 85 -15.95 52.18 20.31
C MET E 85 -16.69 53.35 20.94
N SER E 86 -17.89 53.68 20.45
CA SER E 86 -18.60 54.93 20.68
C SER E 86 -18.83 55.42 22.12
N PRO E 87 -18.80 54.60 23.19
CA PRO E 87 -18.72 55.20 24.54
C PRO E 87 -17.49 56.06 24.83
N ASN E 88 -16.47 56.08 23.96
CA ASN E 88 -15.46 57.12 24.03
C ASN E 88 -15.41 57.98 22.77
N GLU E 89 -16.31 57.74 21.80
CA GLU E 89 -16.51 58.69 20.71
C GLU E 89 -17.53 59.75 21.06
N THR E 90 -18.45 59.43 21.98
CA THR E 90 -19.58 60.30 22.31
C THR E 90 -19.20 61.50 23.17
N LEU E 91 -17.90 61.77 23.36
CA LEU E 91 -17.47 63.01 24.02
C LEU E 91 -17.72 64.23 23.16
N PHE E 92 -18.02 64.06 21.87
CA PHE E 92 -18.02 65.15 20.92
C PHE E 92 -19.43 65.72 20.73
N LEU E 93 -20.32 65.55 21.71
CA LEU E 93 -21.65 66.14 21.61
C LEU E 93 -21.58 67.66 21.76
N GLU E 94 -20.82 68.16 22.73
CA GLU E 94 -20.64 69.60 22.90
C GLU E 94 -19.17 69.98 23.04
N SER E 95 -18.26 69.24 22.39
CA SER E 95 -16.84 69.52 22.56
C SER E 95 -16.40 70.71 21.73
N THR E 96 -16.44 70.59 20.40
CA THR E 96 -16.04 71.64 19.47
C THR E 96 -16.54 71.27 18.08
N ASN E 97 -16.22 72.11 17.10
CA ASN E 97 -16.51 71.91 15.68
C ASN E 97 -15.73 72.96 14.90
N LYS E 98 -15.76 72.86 13.57
CA LYS E 98 -15.54 73.90 12.57
C LYS E 98 -14.06 74.27 12.40
N ILE E 99 -13.16 73.81 13.26
CA ILE E 99 -11.78 74.28 13.21
C ILE E 99 -10.79 73.24 12.67
N TYR E 100 -11.06 71.94 12.80
CA TYR E 100 -10.07 70.91 12.53
C TYR E 100 -10.48 70.11 11.29
N LYS E 101 -9.67 69.09 10.96
CA LYS E 101 -9.95 68.18 9.86
C LYS E 101 -10.68 66.92 10.31
N ASP E 102 -10.73 66.67 11.62
CA ASP E 102 -11.34 65.48 12.20
C ASP E 102 -12.56 65.86 13.05
N ASP E 103 -12.88 67.14 13.19
CA ASP E 103 -14.02 67.52 14.00
C ASP E 103 -15.34 67.20 13.29
N ILE E 104 -15.40 67.39 11.98
CA ILE E 104 -16.57 66.96 11.21
C ILE E 104 -16.67 65.44 11.24
N SER E 105 -15.53 64.76 11.20
CA SER E 105 -15.51 63.31 11.29
C SER E 105 -15.96 62.82 12.66
N ASN E 106 -15.66 63.56 13.72
CA ASN E 106 -16.09 63.18 15.06
C ASN E 106 -17.57 63.50 15.26
N SER E 107 -18.09 64.53 14.60
CA SER E 107 -19.53 64.76 14.62
C SER E 107 -20.26 63.68 13.83
N SER E 108 -19.61 63.10 12.81
CA SER E 108 -20.17 61.93 12.15
C SER E 108 -20.03 60.68 13.01
N PHE E 109 -18.97 60.61 13.83
CA PHE E 109 -18.85 59.55 14.84
C PHE E 109 -19.99 59.64 15.84
N VAL E 110 -20.45 60.86 16.13
CA VAL E 110 -21.61 61.04 17.00
C VAL E 110 -22.87 60.49 16.32
N ASN E 111 -23.12 60.89 15.07
CA ASN E 111 -24.34 60.53 14.37
C ASN E 111 -24.20 59.14 13.74
N PHE E 112 -24.16 58.14 14.60
CA PHE E 112 -24.24 56.74 14.17
C PHE E 112 -25.66 56.20 14.35
N GLN E 113 -26.58 56.79 13.60
CA GLN E 113 -27.95 56.32 13.57
C GLN E 113 -28.08 55.20 12.53
N ILE E 114 -29.30 54.77 12.27
CA ILE E 114 -29.56 53.67 11.34
C ILE E 114 -30.54 54.12 10.27
N TRP E 115 -30.64 53.32 9.22
CA TRP E 115 -31.54 53.57 8.11
C TRP E 115 -32.12 52.23 7.68
N ASP E 116 -32.78 52.22 6.52
CA ASP E 116 -33.16 50.98 5.85
C ASP E 116 -31.98 50.52 5.00
N PHE E 117 -31.46 49.34 5.31
CA PHE E 117 -30.14 48.98 4.79
C PHE E 117 -30.18 48.50 3.34
N PRO E 118 -31.18 47.70 2.89
CA PRO E 118 -31.42 47.68 1.43
C PRO E 118 -32.22 48.91 1.00
N GLY E 119 -31.54 49.86 0.38
CA GLY E 119 -32.17 51.13 0.08
C GLY E 119 -32.67 51.29 -1.33
N GLN E 120 -32.58 50.26 -2.16
CA GLN E 120 -32.98 50.38 -3.55
C GLN E 120 -34.48 50.23 -3.77
N MET E 121 -35.27 50.03 -2.71
CA MET E 121 -36.71 50.16 -2.84
C MET E 121 -37.14 51.63 -2.76
N ASP E 122 -36.40 52.43 -2.01
CA ASP E 122 -36.63 53.88 -1.91
C ASP E 122 -35.30 54.60 -2.15
N PHE E 123 -35.02 54.85 -3.41
CA PHE E 123 -33.80 55.53 -3.82
C PHE E 123 -33.95 57.05 -3.74
N PHE E 124 -35.14 57.53 -3.40
CA PHE E 124 -35.42 58.96 -3.42
C PHE E 124 -35.93 59.48 -2.08
N ASP E 125 -36.73 58.67 -1.38
CA ASP E 125 -37.52 59.23 -0.27
C ASP E 125 -36.70 59.50 0.99
N PRO E 126 -35.86 58.55 1.53
CA PRO E 126 -35.09 58.92 2.74
C PRO E 126 -33.96 59.87 2.42
N THR E 127 -33.41 59.65 1.20
CA THR E 127 -32.09 60.13 0.79
C THR E 127 -31.93 61.62 0.98
N PHE E 128 -33.03 62.36 0.75
CA PHE E 128 -33.20 63.79 0.96
C PHE E 128 -32.49 64.32 2.19
N ASP E 129 -32.82 63.77 3.36
CA ASP E 129 -32.20 64.23 4.60
C ASP E 129 -30.72 63.95 4.58
N TYR E 130 -30.35 62.70 4.30
CA TYR E 130 -28.93 62.44 4.32
C TYR E 130 -28.24 62.86 3.03
N GLU E 131 -28.96 63.47 2.07
CA GLU E 131 -28.29 64.22 1.01
C GLU E 131 -27.33 65.24 1.61
N MET E 132 -27.81 65.99 2.62
CA MET E 132 -26.95 66.94 3.31
C MET E 132 -25.79 66.22 3.99
N ILE E 133 -26.08 65.07 4.61
CA ILE E 133 -25.08 64.29 5.33
C ILE E 133 -24.03 63.75 4.37
N PHE E 134 -24.39 63.57 3.09
CA PHE E 134 -23.41 63.13 2.12
C PHE E 134 -22.94 64.27 1.23
N ARG E 135 -22.72 65.46 1.80
CA ARG E 135 -22.05 66.53 1.07
C ARG E 135 -20.84 67.04 1.83
N GLY E 136 -19.66 66.82 1.26
CA GLY E 136 -18.45 67.55 1.64
C GLY E 136 -17.15 66.82 1.90
N THR E 137 -17.14 65.68 2.61
CA THR E 137 -15.91 64.89 2.72
C THR E 137 -16.11 63.47 2.19
N GLY E 138 -17.06 62.72 2.73
CA GLY E 138 -17.59 61.55 2.05
C GLY E 138 -17.11 60.16 2.37
N ALA E 139 -17.89 59.44 3.18
CA ALA E 139 -17.64 58.03 3.48
C ALA E 139 -18.93 57.39 3.96
N LEU E 140 -18.95 56.05 3.95
CA LEU E 140 -20.11 55.24 4.29
C LEU E 140 -19.64 53.79 4.46
N ILE E 141 -20.16 53.11 5.50
CA ILE E 141 -19.66 51.77 5.80
C ILE E 141 -20.44 50.74 4.97
N TYR E 142 -19.81 49.59 4.73
CA TYR E 142 -20.45 48.53 3.99
C TYR E 142 -19.86 47.20 4.44
N VAL E 143 -20.70 46.15 4.43
CA VAL E 143 -20.37 44.87 5.04
C VAL E 143 -20.26 43.80 3.94
N ILE E 144 -19.29 42.91 4.09
CA ILE E 144 -19.19 41.67 3.30
C ILE E 144 -19.27 40.52 4.30
N ASP E 145 -20.42 39.84 4.33
CA ASP E 145 -20.75 38.90 5.37
C ASP E 145 -20.34 37.49 4.91
N ALA E 146 -20.71 36.47 5.70
CA ALA E 146 -20.31 35.08 5.47
C ALA E 146 -21.27 34.32 4.56
N GLN E 147 -22.57 34.48 4.81
CA GLN E 147 -23.59 33.65 4.14
C GLN E 147 -23.80 34.12 2.70
N ASP E 148 -24.71 33.46 1.99
CA ASP E 148 -24.87 33.57 0.55
C ASP E 148 -25.54 34.87 0.12
N ASP E 149 -25.82 35.78 1.04
CA ASP E 149 -26.35 37.10 0.71
C ASP E 149 -25.21 38.10 0.53
N TYR E 150 -24.25 37.76 -0.31
CA TYR E 150 -23.12 38.62 -0.62
C TYR E 150 -23.09 39.08 -2.07
N MET E 151 -23.54 38.24 -3.02
CA MET E 151 -23.42 38.59 -4.42
C MET E 151 -24.50 39.57 -4.88
N GLU E 152 -25.73 39.48 -4.34
CA GLU E 152 -26.76 40.43 -4.79
C GLU E 152 -26.55 41.79 -4.16
N ALA E 153 -26.13 41.82 -2.89
CA ALA E 153 -25.74 43.07 -2.26
C ALA E 153 -24.47 43.64 -2.89
N LEU E 154 -23.57 42.76 -3.32
CA LEU E 154 -22.36 43.17 -4.00
C LEU E 154 -22.65 43.67 -5.40
N THR E 155 -23.76 43.26 -5.99
CA THR E 155 -24.21 43.85 -7.24
C THR E 155 -24.83 45.22 -7.02
N ARG E 156 -25.69 45.35 -6.00
CA ARG E 156 -26.38 46.61 -5.74
C ARG E 156 -25.55 47.58 -4.87
N LEU E 157 -24.28 47.27 -4.60
CA LEU E 157 -23.43 48.30 -4.01
C LEU E 157 -23.22 49.45 -4.99
N HIS E 158 -23.29 49.19 -6.30
CA HIS E 158 -23.26 50.27 -7.26
C HIS E 158 -24.51 51.15 -7.15
N ILE E 159 -25.66 50.54 -6.85
CA ILE E 159 -26.88 51.30 -6.56
C ILE E 159 -26.70 52.13 -5.31
N THR E 160 -26.03 51.59 -4.29
CA THR E 160 -25.78 52.37 -3.08
C THR E 160 -24.76 53.49 -3.32
N VAL E 161 -23.87 53.33 -4.29
CA VAL E 161 -22.74 54.25 -4.42
C VAL E 161 -22.94 55.31 -5.51
N SER E 162 -23.89 55.12 -6.42
CA SER E 162 -24.04 56.01 -7.58
C SER E 162 -24.49 57.40 -7.18
N LYS E 163 -25.58 57.48 -6.39
CA LYS E 163 -26.05 58.75 -5.83
C LYS E 163 -24.96 59.40 -4.99
N ALA E 164 -24.19 58.58 -4.26
CA ALA E 164 -23.14 59.08 -3.40
C ALA E 164 -22.07 59.82 -4.20
N TYR E 165 -21.50 59.17 -5.22
CA TYR E 165 -20.45 59.87 -5.95
C TYR E 165 -21.00 60.93 -6.90
N LYS E 166 -22.31 60.92 -7.20
CA LYS E 166 -22.81 62.04 -7.99
C LYS E 166 -23.21 63.23 -7.13
N VAL E 167 -23.36 63.07 -5.82
CA VAL E 167 -23.84 64.17 -4.99
C VAL E 167 -22.71 64.89 -4.26
N ASN E 168 -21.48 64.37 -4.30
CA ASN E 168 -20.41 64.81 -3.42
C ASN E 168 -19.09 64.74 -4.18
N PRO E 169 -18.19 65.74 -4.01
CA PRO E 169 -16.79 65.54 -4.40
C PRO E 169 -16.08 64.47 -3.58
N ASP E 170 -14.81 64.24 -3.92
CA ASP E 170 -14.10 62.96 -3.84
C ASP E 170 -14.28 62.17 -2.55
N MET E 171 -14.93 61.02 -2.65
CA MET E 171 -15.31 60.21 -1.49
C MET E 171 -14.47 58.94 -1.43
N ASN E 172 -14.48 58.32 -0.27
CA ASN E 172 -13.90 57.00 -0.10
C ASN E 172 -14.86 56.10 0.65
N PHE E 173 -15.17 54.95 0.07
CA PHE E 173 -16.29 54.12 0.47
C PHE E 173 -15.75 52.89 1.18
N GLU E 174 -16.17 52.68 2.42
CA GLU E 174 -15.48 51.73 3.29
C GLU E 174 -16.19 50.39 3.20
N VAL E 175 -15.79 49.56 2.24
CA VAL E 175 -16.32 48.20 2.14
C VAL E 175 -15.42 47.30 2.99
N PHE E 176 -15.93 46.94 4.17
CA PHE E 176 -15.24 46.07 5.11
C PHE E 176 -15.69 44.64 4.87
N ILE E 177 -14.74 43.71 4.85
CA ILE E 177 -15.04 42.30 4.79
C ILE E 177 -14.98 41.76 6.22
N HIS E 178 -16.07 41.15 6.67
CA HIS E 178 -16.41 41.15 8.09
C HIS E 178 -17.15 39.87 8.46
N LYS E 179 -16.62 39.16 9.46
CA LYS E 179 -17.30 38.06 10.16
C LYS E 179 -17.65 36.92 9.20
N VAL E 180 -16.59 36.32 8.66
CA VAL E 180 -16.69 35.18 7.77
C VAL E 180 -15.91 34.06 8.46
N ASP E 181 -16.03 34.00 9.79
CA ASP E 181 -15.17 33.15 10.62
C ASP E 181 -15.30 31.68 10.27
N GLY E 182 -14.16 31.06 9.97
CA GLY E 182 -14.13 29.75 9.35
C GLY E 182 -13.51 29.81 7.96
N LEU E 183 -12.56 30.73 7.77
CA LEU E 183 -11.84 30.83 6.50
C LEU E 183 -10.57 29.99 6.54
N SER E 184 -10.34 29.23 5.48
CA SER E 184 -9.07 28.54 5.34
C SER E 184 -8.04 29.49 4.72
N ASP E 185 -6.80 29.01 4.63
CA ASP E 185 -5.72 29.87 4.15
C ASP E 185 -5.81 30.10 2.65
N ASP E 186 -6.41 29.17 1.90
CA ASP E 186 -6.66 29.37 0.48
C ASP E 186 -8.07 29.85 0.21
N HIS E 187 -9.02 29.53 1.10
CA HIS E 187 -10.40 29.92 0.88
C HIS E 187 -10.59 31.42 1.09
N LYS E 188 -9.82 32.02 2.01
CA LYS E 188 -9.85 33.48 2.12
C LYS E 188 -9.25 34.14 0.89
N ILE E 189 -8.28 33.49 0.24
CA ILE E 189 -7.71 34.04 -0.98
C ILE E 189 -8.70 33.97 -2.13
N GLU E 190 -9.44 32.85 -2.23
CA GLU E 190 -10.40 32.76 -3.33
C GLU E 190 -11.64 33.64 -3.06
N THR E 191 -12.00 33.87 -1.80
CA THR E 191 -13.06 34.83 -1.55
C THR E 191 -12.59 36.27 -1.68
N GLN E 192 -11.29 36.52 -1.59
CA GLN E 192 -10.76 37.80 -2.04
C GLN E 192 -10.83 37.91 -3.55
N ARG E 193 -10.56 36.80 -4.25
CA ARG E 193 -10.66 36.77 -5.70
C ARG E 193 -12.10 36.97 -6.17
N ASP E 194 -13.06 36.63 -5.33
CA ASP E 194 -14.47 36.92 -5.60
C ASP E 194 -14.71 38.41 -5.79
N ILE E 195 -14.28 39.24 -4.83
CA ILE E 195 -14.49 40.69 -4.96
C ILE E 195 -13.55 41.26 -6.02
N HIS E 196 -12.36 40.66 -6.22
CA HIS E 196 -11.51 41.07 -7.33
C HIS E 196 -12.14 40.79 -8.68
N GLN E 197 -12.99 39.76 -8.76
CA GLN E 197 -13.64 39.43 -10.03
C GLN E 197 -14.88 40.29 -10.26
N ARG E 198 -15.68 40.50 -9.22
CA ARG E 198 -16.95 41.22 -9.37
C ARG E 198 -16.90 42.63 -8.81
N ALA E 199 -15.73 43.24 -8.76
CA ALA E 199 -15.61 44.67 -8.50
C ALA E 199 -14.64 45.31 -9.48
N ASN E 200 -14.82 45.03 -10.78
CA ASN E 200 -13.96 45.57 -11.81
C ASN E 200 -14.65 46.63 -12.65
N ASP E 201 -15.87 46.34 -13.14
CA ASP E 201 -16.56 47.22 -14.08
C ASP E 201 -17.30 48.35 -13.38
N ASP E 202 -17.21 48.43 -12.06
CA ASP E 202 -17.68 49.60 -11.33
C ASP E 202 -16.54 50.52 -10.91
N LEU E 203 -15.30 50.00 -10.87
CA LEU E 203 -14.13 50.78 -10.49
C LEU E 203 -13.37 51.31 -11.70
N ALA E 204 -13.26 50.52 -12.77
CA ALA E 204 -12.43 50.91 -13.91
C ALA E 204 -13.10 51.91 -14.85
N ASP E 205 -14.26 52.47 -14.49
CA ASP E 205 -14.99 53.36 -15.37
C ASP E 205 -15.50 54.64 -14.71
N ALA E 206 -15.39 54.75 -13.39
CA ALA E 206 -16.07 55.83 -12.68
C ALA E 206 -15.33 57.16 -12.83
N GLY E 207 -14.09 57.23 -12.35
CA GLY E 207 -13.44 58.52 -12.22
C GLY E 207 -13.02 58.82 -10.80
N LEU E 208 -13.76 59.73 -10.17
CA LEU E 208 -13.46 60.26 -8.84
C LEU E 208 -14.18 59.51 -7.73
N GLU E 209 -14.36 58.20 -7.88
CA GLU E 209 -14.93 57.34 -6.85
C GLU E 209 -13.80 56.59 -6.15
N LYS E 210 -13.48 57.00 -4.92
CA LYS E 210 -12.41 56.37 -4.15
C LYS E 210 -13.00 55.27 -3.26
N LEU E 211 -12.49 54.05 -3.43
CA LEU E 211 -13.01 52.90 -2.70
C LEU E 211 -11.93 52.34 -1.78
N HIS E 212 -12.34 51.91 -0.59
CA HIS E 212 -11.46 51.31 0.40
C HIS E 212 -11.97 49.90 0.67
N LEU E 213 -11.27 48.92 0.10
CA LEU E 213 -11.63 47.50 0.20
C LEU E 213 -10.79 46.92 1.34
N SER E 214 -11.34 46.92 2.55
CA SER E 214 -10.59 46.46 3.71
C SER E 214 -11.06 45.07 4.11
N PHE E 215 -10.17 44.33 4.76
CA PHE E 215 -10.39 42.93 5.10
C PHE E 215 -10.15 42.73 6.60
N TYR E 216 -11.22 42.81 7.40
CA TYR E 216 -11.16 42.34 8.77
C TYR E 216 -10.92 40.83 8.78
N LEU E 217 -10.16 40.36 9.77
CA LEU E 217 -9.64 38.99 9.79
C LEU E 217 -10.67 37.94 10.20
N THR E 218 -11.95 38.28 10.28
CA THR E 218 -13.08 37.34 10.38
C THR E 218 -12.99 36.44 11.61
N SER E 219 -13.10 37.07 12.78
CA SER E 219 -13.44 36.40 14.02
C SER E 219 -14.55 37.20 14.69
N ILE E 220 -14.88 36.85 15.94
CA ILE E 220 -15.89 37.61 16.66
C ILE E 220 -15.30 38.93 17.13
N TYR E 221 -14.29 38.87 18.01
CA TYR E 221 -13.72 40.05 18.64
C TYR E 221 -12.22 40.06 18.37
N ASP E 222 -11.82 40.60 17.21
CA ASP E 222 -10.42 40.85 16.90
C ASP E 222 -10.21 42.35 16.81
N HIS E 223 -8.95 42.76 16.93
CA HIS E 223 -8.54 44.14 16.87
C HIS E 223 -8.33 44.64 15.44
N SER E 224 -8.72 43.85 14.44
CA SER E 224 -8.26 44.10 13.07
C SER E 224 -9.28 44.86 12.23
N ILE E 225 -10.05 45.76 12.84
CA ILE E 225 -10.75 46.77 12.04
C ILE E 225 -10.07 48.14 12.15
N PHE E 226 -9.45 48.45 13.26
CA PHE E 226 -9.11 49.84 13.50
C PHE E 226 -7.65 50.18 13.21
N GLU E 227 -6.83 49.22 12.78
CA GLU E 227 -5.64 49.65 12.04
C GLU E 227 -6.01 50.11 10.64
N ALA E 228 -7.03 49.51 10.04
CA ALA E 228 -7.51 50.00 8.74
C ALA E 228 -8.29 51.28 8.92
N PHE E 229 -8.97 51.44 10.06
CA PHE E 229 -9.61 52.71 10.36
C PHE E 229 -8.55 53.78 10.67
N SER E 230 -7.40 53.37 11.22
CA SER E 230 -6.26 54.27 11.30
C SER E 230 -5.73 54.62 9.92
N LYS E 231 -5.77 53.68 8.99
CA LYS E 231 -5.35 53.98 7.62
C LYS E 231 -6.31 54.95 6.94
N VAL E 232 -7.61 54.86 7.22
CA VAL E 232 -8.53 55.80 6.58
C VAL E 232 -8.42 57.19 7.20
N VAL E 233 -8.04 57.28 8.49
CA VAL E 233 -7.81 58.63 8.99
C VAL E 233 -6.41 59.14 8.61
N GLN E 234 -5.47 58.25 8.25
CA GLN E 234 -4.28 58.70 7.54
C GLN E 234 -4.64 59.23 6.16
N LYS E 235 -5.63 58.63 5.52
CA LYS E 235 -6.11 59.05 4.22
C LYS E 235 -7.13 60.17 4.30
N LEU E 236 -7.41 60.70 5.50
CA LEU E 236 -8.30 61.85 5.65
C LEU E 236 -7.76 63.08 4.92
N ILE E 237 -6.73 63.72 5.47
CA ILE E 237 -5.94 64.79 4.86
C ILE E 237 -4.68 64.98 5.69
N PRO E 238 -3.58 64.26 5.39
CA PRO E 238 -2.36 64.45 6.17
C PRO E 238 -1.68 65.78 5.88
N GLN E 239 -1.86 66.75 6.77
CA GLN E 239 -1.12 68.00 6.70
C GLN E 239 0.20 67.92 7.44
N LEU E 240 0.58 66.73 7.85
CA LEU E 240 1.78 66.57 8.64
C LEU E 240 2.87 65.60 8.16
N PRO E 241 3.28 65.57 6.87
CA PRO E 241 4.47 64.75 6.56
C PRO E 241 5.75 65.40 7.04
N THR E 242 5.75 66.73 7.16
CA THR E 242 6.81 67.43 7.88
C THR E 242 6.85 66.99 9.33
N LEU E 243 5.69 66.84 9.97
CA LEU E 243 5.68 66.32 11.33
C LEU E 243 6.06 64.83 11.36
N GLU E 244 5.76 64.09 10.29
CA GLU E 244 6.16 62.69 10.22
C GLU E 244 7.69 62.54 10.16
N ASN E 245 8.34 63.22 9.22
CA ASN E 245 9.78 63.01 9.14
C ASN E 245 10.55 63.78 10.22
N LEU E 246 9.99 64.88 10.75
CA LEU E 246 10.58 65.48 11.95
C LEU E 246 10.41 64.59 13.17
N LEU E 247 9.32 63.83 13.26
CA LEU E 247 9.17 62.86 14.34
C LEU E 247 10.15 61.71 14.17
N ASN E 248 10.43 61.33 12.91
CA ASN E 248 11.51 60.39 12.66
C ASN E 248 12.86 60.96 13.08
N ILE E 249 13.04 62.28 12.94
CA ILE E 249 14.23 62.92 13.50
C ILE E 249 14.19 62.89 15.03
N PHE E 250 13.00 62.97 15.64
CA PHE E 250 12.96 62.95 17.10
C PHE E 250 13.25 61.56 17.66
N ILE E 251 12.98 60.50 16.90
CA ILE E 251 13.53 59.17 17.23
C ILE E 251 14.86 59.06 16.50
N SER E 252 15.88 59.68 17.09
CA SER E 252 17.27 59.50 16.69
C SER E 252 18.07 59.30 17.96
N ASN E 253 17.60 59.90 19.06
CA ASN E 253 18.06 59.63 20.41
C ASN E 253 16.86 59.08 21.15
N SER E 254 16.61 57.79 20.99
CA SER E 254 15.40 57.15 21.48
C SER E 254 15.57 55.64 21.43
N GLY E 255 14.57 54.94 21.95
CA GLY E 255 14.39 53.52 21.70
C GLY E 255 13.66 53.33 20.40
N ILE E 256 14.38 53.42 19.28
CA ILE E 256 13.74 53.62 17.99
C ILE E 256 13.20 52.29 17.50
N GLU E 257 12.00 51.94 17.95
CA GLU E 257 11.21 50.93 17.25
C GLU E 257 9.83 51.49 16.91
N LYS E 258 9.14 52.03 17.92
CA LYS E 258 7.76 52.47 17.77
C LYS E 258 7.56 53.76 18.54
N ALA E 259 6.99 54.76 17.88
CA ALA E 259 6.58 56.02 18.50
C ALA E 259 5.21 56.37 17.94
N PHE E 260 4.17 55.94 18.66
CA PHE E 260 2.78 56.13 18.23
C PHE E 260 2.23 57.40 18.87
N LEU E 261 1.76 58.32 18.02
CA LEU E 261 1.05 59.50 18.50
C LEU E 261 -0.39 59.10 18.77
N PHE E 262 -0.86 59.38 19.99
CA PHE E 262 -2.22 59.10 20.37
C PHE E 262 -2.93 60.41 20.70
N ASP E 263 -4.25 60.36 20.67
CA ASP E 263 -5.11 61.40 21.16
C ASP E 263 -5.90 60.83 22.33
N VAL E 264 -6.96 61.51 22.74
CA VAL E 264 -7.78 61.05 23.86
C VAL E 264 -8.50 59.74 23.55
N VAL E 265 -9.11 59.18 24.60
CA VAL E 265 -9.56 57.80 24.75
C VAL E 265 -10.33 57.19 23.58
N SER E 266 -10.92 58.04 22.74
CA SER E 266 -11.51 57.67 21.47
C SER E 266 -10.57 56.79 20.65
N LYS E 267 -11.09 55.65 20.18
CA LYS E 267 -10.25 54.53 19.80
C LYS E 267 -9.73 54.61 18.36
N ILE E 268 -9.60 55.81 17.82
CA ILE E 268 -8.86 56.05 16.60
C ILE E 268 -7.51 56.64 16.95
N TYR E 269 -6.44 56.07 16.37
CA TYR E 269 -5.09 56.48 16.73
C TYR E 269 -4.17 56.40 15.52
N ILE E 270 -3.37 57.44 15.34
CA ILE E 270 -2.49 57.56 14.18
C ILE E 270 -1.15 56.92 14.50
N ALA E 271 -0.39 56.63 13.44
CA ALA E 271 0.87 55.90 13.60
C ALA E 271 1.78 56.18 12.41
N THR E 272 3.11 56.09 12.66
CA THR E 272 4.14 56.29 11.64
C THR E 272 5.16 55.15 11.70
N ASP E 273 5.56 54.68 10.52
CA ASP E 273 6.84 54.00 10.25
C ASP E 273 6.93 52.58 10.82
N SER E 274 5.96 52.16 11.64
CA SER E 274 6.17 50.93 12.40
C SER E 274 4.93 50.07 12.59
N SER E 275 3.85 50.29 11.82
CA SER E 275 2.62 49.55 12.09
C SER E 275 2.69 48.08 11.70
N PRO E 276 2.91 47.70 10.42
CA PRO E 276 2.71 46.27 10.09
C PRO E 276 3.90 45.39 10.39
N VAL E 277 5.05 45.95 10.76
CA VAL E 277 6.32 45.22 10.72
C VAL E 277 6.40 44.23 11.87
N ASP E 278 6.58 42.95 11.52
CA ASP E 278 7.13 41.80 12.25
C ASP E 278 6.34 41.35 13.48
N MET E 279 5.32 42.13 13.87
CA MET E 279 4.45 41.88 15.00
C MET E 279 3.33 42.91 14.93
N GLN E 280 2.11 42.49 15.27
CA GLN E 280 1.07 43.48 15.46
C GLN E 280 1.30 44.21 16.77
N SER E 281 2.16 45.22 16.73
CA SER E 281 2.40 46.06 17.89
C SER E 281 1.24 47.01 18.15
N TYR E 282 0.37 47.20 17.16
CA TYR E 282 -0.82 47.99 17.37
C TYR E 282 -1.78 47.29 18.32
N GLU E 283 -1.74 45.95 18.33
CA GLU E 283 -2.50 45.17 19.31
C GLU E 283 -2.00 45.41 20.73
N LEU E 284 -0.68 45.39 20.93
CA LEU E 284 -0.15 45.57 22.28
C LEU E 284 -0.29 47.01 22.75
N CYS E 285 -0.19 47.99 21.84
CA CYS E 285 -0.39 49.37 22.29
C CYS E 285 -1.87 49.65 22.55
N CYS E 286 -2.78 48.97 21.83
CA CYS E 286 -4.20 49.09 22.15
C CYS E 286 -4.50 48.48 23.52
N ASP E 287 -3.89 47.32 23.81
CA ASP E 287 -4.01 46.73 25.13
C ASP E 287 -3.42 47.65 26.20
N MET E 288 -2.31 48.33 25.88
CA MET E 288 -1.68 49.27 26.78
C MET E 288 -2.58 50.43 27.13
N ILE E 289 -3.16 51.07 26.12
CA ILE E 289 -4.02 52.23 26.38
C ILE E 289 -5.33 51.81 27.04
N ASP E 290 -5.84 50.61 26.71
CA ASP E 290 -7.07 50.15 27.34
C ASP E 290 -6.84 49.83 28.82
N VAL E 291 -5.69 49.23 29.15
CA VAL E 291 -5.35 48.93 30.54
C VAL E 291 -5.18 50.21 31.34
N VAL E 292 -4.41 51.17 30.82
CA VAL E 292 -4.14 52.36 31.62
C VAL E 292 -5.38 53.24 31.74
N ILE E 293 -6.24 53.28 30.70
CA ILE E 293 -7.46 54.06 30.80
C ILE E 293 -8.47 53.39 31.71
N ASP E 294 -8.53 52.06 31.71
CA ASP E 294 -9.50 51.40 32.59
C ASP E 294 -9.04 51.40 34.04
N VAL E 295 -7.73 51.48 34.29
CA VAL E 295 -7.25 51.75 35.63
C VAL E 295 -7.64 53.15 36.06
N SER E 296 -7.40 54.13 35.19
CA SER E 296 -7.64 55.52 35.57
C SER E 296 -9.12 55.90 35.60
N CYS E 297 -10.00 55.11 34.98
CA CYS E 297 -11.37 55.53 34.72
C CYS E 297 -12.24 55.64 35.96
N ILE E 298 -12.51 54.53 36.63
CA ILE E 298 -13.33 54.55 37.83
C ILE E 298 -12.53 54.16 39.07
N TYR E 299 -11.39 53.50 38.91
CA TYR E 299 -10.52 53.24 40.04
C TYR E 299 -9.65 54.45 40.38
N GLY E 300 -9.52 55.41 39.45
CA GLY E 300 -8.66 56.55 39.68
C GLY E 300 -9.34 57.90 39.74
N LEU E 301 -10.48 58.04 39.05
CA LEU E 301 -11.17 59.33 38.97
C LEU E 301 -12.63 59.27 39.43
N LYS E 302 -12.93 58.48 40.46
CA LYS E 302 -14.24 58.54 41.07
C LYS E 302 -14.26 59.43 42.30
N GLU E 303 -13.16 59.46 43.05
CA GLU E 303 -13.15 60.16 44.34
C GLU E 303 -13.16 61.67 44.17
N ASP E 304 -12.24 62.23 43.39
CA ASP E 304 -12.09 63.66 43.22
C ASP E 304 -11.95 63.95 41.73
N GLY E 305 -12.79 64.85 41.23
CA GLY E 305 -12.81 65.12 39.80
C GLY E 305 -13.73 64.16 39.07
N SER E 306 -14.51 64.69 38.12
CA SER E 306 -15.43 63.86 37.38
C SER E 306 -14.70 63.03 36.34
N GLY E 307 -15.35 61.95 35.90
CA GLY E 307 -14.77 61.09 34.88
C GLY E 307 -14.69 61.75 33.52
N SER E 308 -15.57 62.71 33.26
CA SER E 308 -15.49 63.49 32.03
C SER E 308 -14.30 64.44 32.04
N ALA E 309 -13.95 64.96 33.21
CA ALA E 309 -12.78 65.82 33.36
C ALA E 309 -11.55 64.95 33.24
N TYR E 310 -10.89 65.01 32.08
CA TYR E 310 -9.77 64.11 31.82
C TYR E 310 -8.51 64.61 32.53
N ASP E 311 -7.98 65.75 32.05
CA ASP E 311 -6.87 66.54 32.61
C ASP E 311 -5.74 65.69 33.20
N LYS E 312 -5.28 64.74 32.39
CA LYS E 312 -4.47 63.64 32.91
C LYS E 312 -3.00 64.01 32.96
N GLU E 313 -2.42 64.00 34.15
CA GLU E 313 -0.97 63.98 34.34
C GLU E 313 -0.49 62.55 34.53
N SER E 314 -0.84 61.67 33.61
CA SER E 314 -0.64 60.23 33.78
C SER E 314 0.49 59.76 32.88
N MET E 315 1.58 59.35 33.49
CA MET E 315 2.59 58.59 32.77
C MET E 315 2.51 57.13 33.19
N ALA E 316 3.00 56.26 32.32
CA ALA E 316 2.92 54.83 32.56
C ALA E 316 4.05 54.12 31.83
N ILE E 317 4.84 53.36 32.57
CA ILE E 317 5.86 52.51 31.97
C ILE E 317 5.61 51.07 32.37
N ILE E 318 5.94 50.16 31.46
CA ILE E 318 5.72 48.72 31.62
C ILE E 318 7.04 48.06 31.27
N LYS E 319 7.69 47.44 32.24
CA LYS E 319 8.93 46.76 31.88
C LYS E 319 8.66 45.29 31.58
N LEU E 320 9.58 44.68 30.83
CA LEU E 320 9.51 43.26 30.55
C LEU E 320 10.90 42.75 30.24
N ASN E 321 11.00 41.41 30.12
CA ASN E 321 12.13 40.64 30.63
C ASN E 321 13.47 41.02 29.99
N ASN E 322 13.47 41.32 28.69
CA ASN E 322 14.70 41.60 27.96
C ASN E 322 15.05 43.08 27.97
N THR E 323 14.74 43.77 29.06
CA THR E 323 14.85 45.22 29.24
C THR E 323 14.08 45.93 28.12
N THR E 324 12.77 45.71 28.10
CA THR E 324 11.93 46.36 27.11
C THR E 324 10.81 47.08 27.83
N VAL E 325 10.63 48.37 27.51
CA VAL E 325 9.67 49.18 28.26
C VAL E 325 8.66 49.81 27.32
N LEU E 326 7.39 49.71 27.70
CA LEU E 326 6.30 50.44 27.10
C LEU E 326 6.13 51.76 27.85
N TYR E 327 5.78 52.81 27.11
CA TYR E 327 5.88 54.18 27.64
C TYR E 327 4.76 55.05 27.09
N LEU E 328 3.80 55.39 27.96
CA LEU E 328 2.75 56.37 27.67
C LEU E 328 3.01 57.62 28.48
N LYS E 329 3.09 58.77 27.79
CA LYS E 329 3.10 60.07 28.43
C LYS E 329 2.28 61.03 27.56
N GLU E 330 1.54 61.92 28.22
CA GLU E 330 0.45 62.62 27.57
C GLU E 330 0.23 63.97 28.23
N VAL E 331 -0.06 64.99 27.40
CA VAL E 331 -0.49 66.27 27.94
C VAL E 331 -1.92 66.12 28.47
N THR E 332 -2.28 66.98 29.42
CA THR E 332 -3.54 66.85 30.13
C THR E 332 -4.75 67.04 29.22
N LYS E 333 -4.63 67.83 28.16
CA LYS E 333 -5.80 68.25 27.40
C LYS E 333 -6.24 67.21 26.37
N PHE E 334 -5.44 66.98 25.32
CA PHE E 334 -5.84 65.98 24.32
C PHE E 334 -4.73 65.11 23.74
N LEU E 335 -3.45 65.42 23.90
CA LEU E 335 -2.39 64.74 23.15
C LEU E 335 -1.70 63.68 24.01
N ALA E 336 -1.21 62.63 23.34
CA ALA E 336 -0.62 61.48 24.01
C ALA E 336 0.45 60.88 23.13
N LEU E 337 1.34 60.11 23.75
CA LEU E 337 2.44 59.50 23.00
C LEU E 337 2.88 58.22 23.69
N VAL E 338 2.93 57.14 22.93
CA VAL E 338 3.48 55.87 23.41
C VAL E 338 4.72 55.57 22.57
N CYS E 339 5.88 55.63 23.19
CA CYS E 339 7.14 55.37 22.49
C CYS E 339 7.84 54.23 23.20
N ILE E 340 7.83 53.05 22.58
CA ILE E 340 8.39 51.86 23.22
C ILE E 340 9.90 51.97 23.18
N LEU E 341 10.60 51.13 23.95
CA LEU E 341 12.04 51.30 24.05
C LEU E 341 12.72 49.97 24.34
N ARG E 342 13.87 49.79 23.68
CA ARG E 342 14.62 48.55 23.60
C ARG E 342 15.52 48.37 24.81
N GLU E 343 16.50 47.48 24.67
CA GLU E 343 17.46 47.12 25.69
C GLU E 343 18.41 48.30 25.92
N GLU E 344 17.96 49.20 26.79
CA GLU E 344 18.68 50.42 27.10
C GLU E 344 18.48 50.72 28.58
N SER E 345 19.52 51.27 29.20
CA SER E 345 19.54 51.57 30.63
C SER E 345 19.65 53.08 30.80
N PHE E 346 18.49 53.75 30.86
CA PHE E 346 18.43 55.20 31.04
C PHE E 346 18.43 55.50 32.52
N GLU E 347 19.62 55.70 33.09
CA GLU E 347 19.77 56.33 34.40
C GLU E 347 20.65 57.56 34.20
N ARG E 348 20.04 58.61 33.68
CA ARG E 348 20.66 59.89 33.31
C ARG E 348 19.54 60.91 33.14
N LYS E 349 19.89 62.08 32.61
CA LYS E 349 18.93 63.01 32.02
C LYS E 349 19.39 63.58 30.70
N GLY E 350 20.55 63.17 30.20
CA GLY E 350 21.08 63.70 28.97
C GLY E 350 20.79 62.87 27.73
N LEU E 351 19.92 61.88 27.81
CA LEU E 351 19.63 61.04 26.64
C LEU E 351 18.19 61.15 26.17
N ILE E 352 17.22 60.93 27.06
CA ILE E 352 15.83 60.69 26.68
C ILE E 352 14.92 61.83 27.13
N ASP E 353 14.82 62.05 28.45
CA ASP E 353 13.72 62.85 29.00
C ASP E 353 13.81 64.32 28.60
N TYR E 354 15.03 64.82 28.41
CA TYR E 354 15.23 66.21 28.02
C TYR E 354 14.69 66.48 26.62
N ASN E 355 15.11 65.67 25.64
CA ASN E 355 14.69 65.87 24.25
C ASN E 355 13.24 65.44 24.04
N PHE E 356 12.81 64.37 24.72
CA PHE E 356 11.41 63.98 24.67
C PHE E 356 10.50 65.03 25.31
N HIS E 357 10.98 65.68 26.36
CA HIS E 357 10.29 66.82 26.94
C HIS E 357 10.21 67.97 25.95
N CYS E 358 11.29 68.19 25.22
CA CYS E 358 11.33 69.27 24.23
C CYS E 358 10.34 69.02 23.09
N PHE E 359 10.20 67.77 22.64
CA PHE E 359 9.26 67.65 21.53
C PHE E 359 7.85 67.24 21.96
N ARG E 360 7.61 66.90 23.23
CA ARG E 360 6.21 66.98 23.64
C ARG E 360 5.78 68.43 23.80
N LYS E 361 6.70 69.30 24.23
CA LYS E 361 6.48 70.75 24.13
C LYS E 361 6.21 71.18 22.69
N ALA E 362 6.98 70.66 21.75
CA ALA E 362 6.79 71.00 20.34
C ALA E 362 5.46 70.46 19.80
N ILE E 363 5.10 69.22 20.15
CA ILE E 363 3.88 68.64 19.61
C ILE E 363 2.64 69.31 20.22
N HIS E 364 2.75 69.87 21.43
CA HIS E 364 1.68 70.71 21.93
C HIS E 364 1.71 72.09 21.32
N GLU E 365 2.87 72.52 20.83
CA GLU E 365 3.05 73.84 20.24
C GLU E 365 2.66 73.91 18.77
N VAL E 366 2.52 72.76 18.08
CA VAL E 366 2.30 72.76 16.62
C VAL E 366 0.92 73.33 16.27
N PHE E 367 -0.14 72.66 16.72
CA PHE E 367 -1.47 73.01 16.24
C PHE E 367 -2.17 74.01 17.16
#